data_9RLS
#
_entry.id   9RLS
#
_cell.length_a   48.590
_cell.length_b   71.650
_cell.length_c   131.460
_cell.angle_alpha   102.572
_cell.angle_beta   96.375
_cell.angle_gamma   90.006
#
_symmetry.space_group_name_H-M   'P 1'
#
loop_
_entity.id
_entity.type
_entity.pdbx_description
1 polymer 'Poly [ADP-ribose] polymerase 10'
2 non-polymer 6-[(3-chlorophenyl)methoxy]-2,3-dihydrophthalazine-1,4-dione
3 water water
#
_entity_poly.entity_id   1
_entity_poly.type   'polypeptide(L)'
_entity_poly.pdbx_seq_one_letter_code
;SMNLERLAENTGEFQEVVRAFYDTLDAARSSIRVVRVERVSHPLLQQQYELYRERLLQRCERRPVEQVLYHGTTAPAVPD
ICAHGFNRSFCGRNATVYGKGVYFARRASLSVQDRYSPPNADGHKAVFVARVLTGDYGQGRRGLRAPPLRGPGHVLLRYD
SAVDCICQPSIFVIFHDTQALPTHLITCEHV
;
_entity_poly.pdbx_strand_id   A,B,C,D,E,F,G,H
#
# COMPACT_ATOMS: atom_id res chain seq x y z
N SER A 1 49.71 6.23 1.37
CA SER A 1 50.27 4.87 1.52
C SER A 1 51.70 4.74 0.92
N MET A 2 52.34 5.85 0.55
CA MET A 2 53.74 5.90 0.01
C MET A 2 54.70 6.44 1.08
N ASN A 3 54.21 7.13 2.12
CA ASN A 3 54.95 7.76 3.25
C ASN A 3 54.59 7.05 4.58
N LEU A 4 54.35 5.74 4.48
CA LEU A 4 54.15 4.79 5.59
C LEU A 4 55.39 3.93 5.70
N GLU A 5 55.80 3.58 6.92
CA GLU A 5 56.97 2.74 7.18
C GLU A 5 56.59 1.75 8.29
N ARG A 6 56.65 0.45 7.97
CA ARG A 6 56.30 -0.66 8.91
C ARG A 6 57.35 -0.70 10.01
N LEU A 7 56.93 -0.81 11.27
CA LEU A 7 57.81 -0.94 12.47
C LEU A 7 57.88 -2.42 12.85
N ALA A 8 59.08 -2.94 13.14
CA ALA A 8 59.28 -4.33 13.61
C ALA A 8 58.69 -4.47 15.03
N GLU A 9 58.14 -5.63 15.39
CA GLU A 9 57.45 -5.86 16.69
C GLU A 9 58.43 -5.67 17.85
N ASN A 10 59.72 -5.94 17.65
CA ASN A 10 60.77 -6.00 18.70
C ASN A 10 61.48 -4.64 18.87
N THR A 11 60.81 -3.51 18.62
CA THR A 11 61.39 -2.14 18.73
C THR A 11 60.68 -1.33 19.83
N GLY A 12 61.39 -0.36 20.40
CA GLY A 12 60.85 0.54 21.43
C GLY A 12 59.59 1.23 20.95
N GLU A 13 59.60 1.77 19.73
CA GLU A 13 58.49 2.60 19.17
C GLU A 13 57.23 1.74 19.02
N PHE A 14 57.36 0.54 18.43
CA PHE A 14 56.24 -0.41 18.25
C PHE A 14 55.58 -0.71 19.60
N GLN A 15 56.39 -0.94 20.63
CA GLN A 15 55.95 -1.33 21.99
C GLN A 15 55.24 -0.17 22.68
N GLU A 16 55.83 1.03 22.67
CA GLU A 16 55.18 2.25 23.25
C GLU A 16 53.76 2.29 22.68
N VAL A 17 53.62 2.29 21.36
CA VAL A 17 52.33 2.57 20.67
C VAL A 17 51.31 1.50 21.06
N VAL A 18 51.73 0.25 20.96
CA VAL A 18 50.86 -0.94 21.19
C VAL A 18 50.41 -0.98 22.65
N ARG A 19 51.33 -0.73 23.60
CA ARG A 19 51.05 -0.72 25.06
C ARG A 19 49.95 0.30 25.36
N ALA A 20 50.08 1.53 24.84
CA ALA A 20 49.13 2.65 25.02
C ALA A 20 47.76 2.25 24.43
N PHE A 21 47.77 1.56 23.28
CA PHE A 21 46.57 1.03 22.57
C PHE A 21 45.82 0.05 23.48
N TYR A 22 46.51 -0.95 24.02
CA TYR A 22 45.94 -2.02 24.88
C TYR A 22 45.49 -1.39 26.21
N ASP A 23 46.29 -0.50 26.82
CA ASP A 23 45.95 0.19 28.10
C ASP A 23 44.55 0.82 28.02
N THR A 24 44.13 1.33 26.86
CA THR A 24 42.91 2.16 26.73
C THR A 24 41.82 1.38 25.98
N LEU A 25 42.05 0.07 25.78
CA LEU A 25 41.18 -0.78 24.92
C LEU A 25 39.98 -1.30 25.75
N ASP A 26 40.08 -1.29 27.09
CA ASP A 26 38.94 -1.50 28.03
C ASP A 26 38.14 -2.74 27.63
N ALA A 27 36.80 -2.58 27.47
CA ALA A 27 35.83 -3.59 27.01
C ALA A 27 36.54 -4.65 26.16
N ALA A 28 37.23 -4.23 25.09
CA ALA A 28 37.75 -5.14 24.05
C ALA A 28 39.27 -5.31 24.14
N ARG A 29 39.89 -5.31 25.34
CA ARG A 29 41.37 -5.49 25.44
C ARG A 29 41.78 -6.90 24.98
N SER A 30 40.92 -7.91 25.16
CA SER A 30 41.25 -9.34 24.91
C SER A 30 40.64 -9.85 23.59
N SER A 31 39.66 -9.15 22.99
CA SER A 31 39.09 -9.48 21.65
C SER A 31 39.96 -8.94 20.48
N ILE A 32 40.77 -7.88 20.68
CA ILE A 32 41.46 -7.13 19.58
C ILE A 32 42.94 -7.56 19.50
N ARG A 33 43.40 -7.85 18.28
CA ARG A 33 44.79 -8.18 17.93
C ARG A 33 45.36 -7.05 17.05
N VAL A 34 46.66 -6.78 17.20
CA VAL A 34 47.41 -5.84 16.31
C VAL A 34 48.07 -6.64 15.19
N VAL A 35 47.81 -6.26 13.94
CA VAL A 35 48.35 -6.91 12.70
C VAL A 35 49.70 -6.28 12.32
N ARG A 36 49.80 -4.96 12.46
CA ARG A 36 50.80 -4.09 11.80
C ARG A 36 50.75 -2.73 12.53
N VAL A 37 51.88 -2.08 12.66
CA VAL A 37 51.96 -0.64 13.05
C VAL A 37 52.92 0.05 12.09
N GLU A 38 52.46 1.15 11.49
CA GLU A 38 53.25 1.94 10.52
C GLU A 38 53.42 3.35 11.06
N ARG A 39 54.64 3.90 10.95
CA ARG A 39 54.97 5.33 11.16
C ARG A 39 54.45 6.12 9.96
N VAL A 40 53.79 7.26 10.23
CA VAL A 40 53.31 8.23 9.21
C VAL A 40 54.28 9.40 9.19
N SER A 41 54.82 9.76 8.03
CA SER A 41 55.65 10.97 7.86
C SER A 41 54.94 11.92 6.91
N HIS A 42 54.70 13.15 7.36
CA HIS A 42 54.16 14.28 6.57
C HIS A 42 54.95 15.52 6.98
N PRO A 43 56.16 15.72 6.40
CA PRO A 43 57.05 16.80 6.86
C PRO A 43 56.34 18.16 6.87
N LEU A 44 55.62 18.48 5.80
CA LEU A 44 54.89 19.77 5.66
C LEU A 44 53.84 19.92 6.76
N LEU A 45 52.92 18.97 6.92
CA LEU A 45 51.87 19.08 7.96
C LEU A 45 52.55 19.19 9.32
N GLN A 46 53.61 18.41 9.56
CA GLN A 46 54.32 18.46 10.86
C GLN A 46 54.81 19.90 11.11
N GLN A 47 55.40 20.57 10.12
CA GLN A 47 55.87 21.97 10.30
C GLN A 47 54.67 22.87 10.59
N GLN A 48 53.60 22.75 9.81
CA GLN A 48 52.38 23.59 9.99
C GLN A 48 51.83 23.36 11.40
N TYR A 49 51.82 22.10 11.87
CA TYR A 49 51.38 21.69 13.22
C TYR A 49 52.25 22.33 14.32
N GLU A 50 53.58 22.31 14.15
CA GLU A 50 54.53 22.82 15.16
C GLU A 50 54.31 24.33 15.33
N LEU A 51 54.03 25.06 14.25
CA LEU A 51 53.75 26.52 14.28
C LEU A 51 52.47 26.80 15.07
N TYR A 52 51.43 26.02 14.86
CA TYR A 52 50.16 26.16 15.66
C TYR A 52 50.50 25.88 17.13
N ARG A 53 51.27 24.82 17.37
CA ARG A 53 51.62 24.40 18.74
C ARG A 53 52.33 25.54 19.49
N GLU A 54 53.25 26.25 18.83
CA GLU A 54 54.01 27.43 19.37
C GLU A 54 52.99 28.50 19.79
N ARG A 55 52.02 28.84 18.96
CA ARG A 55 50.99 29.87 19.31
C ARG A 55 50.22 29.40 20.56
N LEU A 56 49.91 28.12 20.70
CA LEU A 56 49.07 27.63 21.82
C LEU A 56 49.91 27.58 23.09
N LEU A 57 51.16 27.13 22.99
CA LEU A 57 52.06 27.02 24.16
C LEU A 57 52.24 28.42 24.76
N GLN A 58 52.14 29.48 23.94
CA GLN A 58 52.40 30.88 24.38
C GLN A 58 51.20 31.48 25.11
N ARG A 59 50.01 30.87 25.07
CA ARG A 59 48.77 31.63 25.44
C ARG A 59 47.64 30.75 26.02
N CYS A 60 47.76 29.44 26.16
CA CYS A 60 46.67 28.59 26.70
C CYS A 60 46.68 28.57 28.23
N GLU A 61 45.49 28.63 28.84
CA GLU A 61 45.28 28.31 30.28
C GLU A 61 45.58 26.82 30.47
N ARG A 62 44.75 25.92 29.90
CA ARG A 62 44.77 24.46 30.20
C ARG A 62 46.14 23.87 29.83
N ARG A 63 46.49 22.78 30.49
CA ARG A 63 47.68 21.95 30.21
C ARG A 63 47.26 20.50 30.32
N PRO A 64 47.74 19.63 29.42
CA PRO A 64 48.65 20.04 28.35
C PRO A 64 47.85 20.66 27.20
N VAL A 65 48.56 21.28 26.28
CA VAL A 65 47.98 21.91 25.06
C VAL A 65 47.81 20.81 23.99
N GLU A 66 48.66 19.80 24.06
CA GLU A 66 48.83 18.69 23.10
C GLU A 66 48.50 17.36 23.79
N GLN A 67 47.80 16.47 23.10
CA GLN A 67 47.49 15.08 23.57
C GLN A 67 47.65 14.10 22.43
N VAL A 68 48.04 12.86 22.74
CA VAL A 68 48.00 11.69 21.82
C VAL A 68 46.56 11.13 21.82
N LEU A 69 45.90 11.03 20.67
CA LEU A 69 44.48 10.58 20.57
C LEU A 69 44.33 9.63 19.37
N TYR A 70 43.24 8.84 19.38
CA TYR A 70 42.96 7.77 18.38
C TYR A 70 41.84 8.24 17.45
N HIS A 71 41.99 7.92 16.18
CA HIS A 71 40.96 8.10 15.12
C HIS A 71 40.84 6.80 14.33
N GLY A 72 39.78 6.06 14.57
CA GLY A 72 39.37 4.96 13.67
C GLY A 72 38.87 5.54 12.34
N THR A 73 39.07 4.82 11.25
CA THR A 73 38.57 5.26 9.93
C THR A 73 38.37 4.03 9.02
N THR A 74 37.81 4.28 7.85
CA THR A 74 37.56 3.25 6.81
C THR A 74 38.85 3.02 6.04
N ALA A 75 39.01 1.82 5.47
CA ALA A 75 40.17 1.46 4.61
C ALA A 75 40.38 2.53 3.53
N PRO A 76 39.34 2.91 2.75
CA PRO A 76 39.53 3.88 1.67
C PRO A 76 40.08 5.23 2.12
N ALA A 77 39.84 5.64 3.37
CA ALA A 77 40.26 6.94 3.92
C ALA A 77 41.76 6.95 4.24
N VAL A 78 42.37 5.79 4.49
CA VAL A 78 43.80 5.72 4.93
C VAL A 78 44.73 6.52 3.98
N PRO A 79 44.74 6.29 2.65
CA PRO A 79 45.62 7.04 1.75
C PRO A 79 45.49 8.57 1.89
N ASP A 80 44.27 9.06 1.96
CA ASP A 80 43.99 10.53 2.07
C ASP A 80 44.65 11.07 3.33
N ILE A 81 44.45 10.41 4.46
CA ILE A 81 44.97 10.92 5.76
C ILE A 81 46.50 10.98 5.69
N CYS A 82 47.12 10.01 5.04
CA CYS A 82 48.60 9.89 4.93
C CYS A 82 49.16 10.98 4.01
N ALA A 83 48.33 11.44 3.08
CA ALA A 83 48.71 12.40 2.02
C ALA A 83 48.42 13.84 2.48
N HIS A 84 47.33 14.06 3.22
CA HIS A 84 46.72 15.40 3.42
C HIS A 84 46.45 15.74 4.91
N GLY A 85 46.59 14.78 5.82
CA GLY A 85 46.06 14.82 7.20
C GLY A 85 44.56 14.60 7.24
N PHE A 86 43.94 14.91 8.39
CA PHE A 86 42.51 14.68 8.66
C PHE A 86 41.70 15.78 8.02
N ASN A 87 40.66 15.38 7.29
CA ASN A 87 39.86 16.26 6.41
C ASN A 87 38.40 16.19 6.85
N ARG A 88 37.99 17.20 7.64
CA ARG A 88 36.63 17.31 8.20
C ARG A 88 35.52 17.35 7.12
N SER A 89 35.82 17.58 5.86
CA SER A 89 34.81 17.51 4.76
C SER A 89 34.26 16.10 4.54
N PHE A 90 34.83 15.03 5.11
CA PHE A 90 34.28 13.64 5.02
C PHE A 90 33.20 13.39 6.11
N CYS A 91 32.70 14.44 6.82
CA CYS A 91 31.56 14.40 7.77
C CYS A 91 30.23 14.29 7.02
N ASN A 94 28.45 8.73 9.98
CA ASN A 94 28.06 8.91 11.42
C ASN A 94 27.63 10.36 11.68
N ALA A 95 26.88 10.55 12.77
CA ALA A 95 26.23 11.83 13.14
C ALA A 95 27.26 12.75 13.78
N THR A 96 27.25 14.03 13.37
CA THR A 96 28.21 15.09 13.80
C THR A 96 27.71 15.69 15.12
N VAL A 97 27.58 14.88 16.18
CA VAL A 97 26.75 15.22 17.38
C VAL A 97 27.39 16.41 18.11
N TYR A 98 28.71 16.47 18.19
CA TYR A 98 29.47 17.50 18.97
C TYR A 98 30.21 18.48 18.03
N GLY A 99 29.82 18.57 16.76
CA GLY A 99 30.32 19.55 15.78
C GLY A 99 30.73 18.91 14.47
N LYS A 100 30.69 19.69 13.37
CA LYS A 100 31.14 19.26 12.02
C LYS A 100 32.67 19.37 11.92
N GLY A 101 33.40 18.61 12.74
CA GLY A 101 34.86 18.51 12.71
C GLY A 101 35.33 17.05 12.71
N VAL A 102 36.63 16.84 12.87
CA VAL A 102 37.22 15.49 12.96
C VAL A 102 37.25 15.05 14.42
N TYR A 103 36.75 13.85 14.68
CA TYR A 103 36.60 13.29 16.04
C TYR A 103 37.85 12.48 16.40
N PHE A 104 38.41 12.75 17.58
CA PHE A 104 39.49 11.93 18.18
C PHE A 104 38.99 11.48 19.54
N ALA A 105 39.40 10.30 20.00
CA ALA A 105 39.01 9.70 21.29
C ALA A 105 40.25 9.58 22.17
N ARG A 106 40.11 9.89 23.48
CA ARG A 106 41.14 9.73 24.53
C ARG A 106 41.45 8.24 24.65
N ARG A 107 40.41 7.39 24.57
CA ARG A 107 40.47 5.91 24.80
C ARG A 107 40.26 5.16 23.46
N ALA A 108 41.17 4.22 23.12
CA ALA A 108 41.14 3.44 21.88
C ALA A 108 39.86 2.60 21.81
N SER A 109 39.36 2.11 22.95
CA SER A 109 38.08 1.37 23.12
C SER A 109 37.00 1.98 22.22
N LEU A 110 37.01 3.28 22.09
CA LEU A 110 35.96 4.04 21.37
C LEU A 110 36.25 3.98 19.85
N SER A 111 37.52 4.13 19.45
CA SER A 111 37.95 4.31 18.04
C SER A 111 37.90 2.97 17.29
N VAL A 112 38.13 1.89 18.04
CA VAL A 112 38.30 0.49 17.57
C VAL A 112 36.90 -0.12 17.32
N GLN A 113 35.83 0.53 17.77
CA GLN A 113 34.44 0.09 17.45
C GLN A 113 34.24 0.06 15.94
N ASP A 114 33.52 -0.95 15.45
CA ASP A 114 33.25 -1.21 14.00
C ASP A 114 32.55 0.01 13.38
N ARG A 115 31.78 0.81 14.12
CA ARG A 115 31.07 1.95 13.50
C ARG A 115 32.07 3.07 13.16
N TYR A 116 33.25 3.13 13.82
CA TYR A 116 34.27 4.20 13.56
C TYR A 116 35.42 3.67 12.68
N SER A 117 35.90 2.44 12.94
CA SER A 117 36.92 1.73 12.16
C SER A 117 36.34 0.46 11.56
N PRO A 118 35.37 0.55 10.61
CA PRO A 118 34.76 -0.64 10.04
C PRO A 118 35.80 -1.50 9.36
N PRO A 119 35.74 -2.84 9.51
CA PRO A 119 36.72 -3.72 8.92
C PRO A 119 36.48 -3.84 7.41
N ASN A 120 37.55 -4.09 6.66
CA ASN A 120 37.54 -4.43 5.20
C ASN A 120 37.36 -5.95 5.01
N ALA A 121 37.38 -6.40 3.76
CA ALA A 121 37.16 -7.81 3.35
C ALA A 121 38.10 -8.76 4.11
N ASP A 122 39.34 -8.38 4.44
CA ASP A 122 40.26 -9.27 5.22
C ASP A 122 39.96 -9.16 6.73
N GLY A 123 38.96 -8.38 7.14
CA GLY A 123 38.64 -8.15 8.57
C GLY A 123 39.61 -7.21 9.28
N HIS A 124 40.34 -6.38 8.52
CA HIS A 124 41.36 -5.43 9.03
C HIS A 124 40.71 -4.08 9.32
N LYS A 125 41.08 -3.48 10.47
CA LYS A 125 40.52 -2.20 10.95
C LYS A 125 41.65 -1.16 11.10
N ALA A 126 41.37 0.07 10.61
CA ALA A 126 42.36 1.17 10.54
C ALA A 126 42.14 2.12 11.72
N VAL A 127 43.12 2.20 12.60
CA VAL A 127 43.10 3.20 13.71
C VAL A 127 44.42 4.00 13.70
N PHE A 128 44.28 5.31 13.51
CA PHE A 128 45.40 6.27 13.53
C PHE A 128 45.65 6.71 14.96
N VAL A 129 46.90 6.84 15.32
CA VAL A 129 47.40 7.59 16.52
C VAL A 129 47.87 8.95 16.01
N ALA A 130 47.41 10.00 16.66
CA ALA A 130 47.67 11.41 16.27
C ALA A 130 48.01 12.23 17.52
N ARG A 131 49.00 13.13 17.40
CA ARG A 131 49.21 14.31 18.26
C ARG A 131 48.16 15.36 17.87
N VAL A 132 47.38 15.84 18.85
CA VAL A 132 46.24 16.78 18.62
C VAL A 132 46.36 17.97 19.58
N LEU A 133 46.35 19.16 19.02
CA LEU A 133 46.34 20.44 19.73
C LEU A 133 44.90 20.69 20.17
N THR A 134 44.52 20.07 21.28
CA THR A 134 43.23 20.25 21.98
C THR A 134 43.16 21.65 22.59
N GLY A 135 44.28 22.16 23.11
CA GLY A 135 44.41 23.48 23.76
C GLY A 135 43.25 23.72 24.73
N ASP A 136 42.72 24.94 24.75
CA ASP A 136 41.55 25.32 25.56
C ASP A 136 40.25 24.84 24.87
N TYR A 137 39.64 23.79 25.39
CA TYR A 137 38.41 23.18 24.80
C TYR A 137 37.15 23.85 25.37
N GLY A 138 36.09 23.82 24.56
CA GLY A 138 34.74 24.30 24.89
C GLY A 138 33.71 23.20 24.65
N GLN A 139 32.44 23.48 24.93
CA GLN A 139 31.37 22.46 24.88
C GLN A 139 30.91 22.32 23.43
N GLY A 140 31.12 21.16 22.85
CA GLY A 140 30.59 20.82 21.52
C GLY A 140 29.08 20.73 21.52
N ARG A 141 28.52 20.86 20.33
CA ARG A 141 27.09 20.62 20.03
C ARG A 141 26.95 20.56 18.51
N ARG A 142 25.82 20.07 18.04
CA ARG A 142 25.71 19.51 16.65
C ARG A 142 25.86 20.64 15.62
N GLY A 143 25.33 21.82 15.90
CA GLY A 143 25.37 22.99 14.99
C GLY A 143 26.77 23.38 14.56
N LEU A 144 27.77 23.13 15.41
CA LEU A 144 29.11 23.79 15.33
C LEU A 144 29.80 23.50 13.99
N ARG A 145 30.06 24.56 13.23
CA ARG A 145 30.94 24.55 12.04
C ARG A 145 32.34 24.98 12.46
N ALA A 146 32.52 25.35 13.74
CA ALA A 146 33.82 25.76 14.34
C ALA A 146 33.74 25.53 15.85
N PRO A 147 34.85 25.66 16.61
CA PRO A 147 34.77 25.60 18.08
C PRO A 147 33.82 26.67 18.59
N PRO A 148 33.14 26.46 19.74
CA PRO A 148 32.19 27.46 20.21
C PRO A 148 32.90 28.75 20.60
N LEU A 149 32.19 29.85 20.44
CA LEU A 149 32.60 31.22 20.85
C LEU A 149 32.96 31.24 22.34
N ARG A 150 33.93 32.06 22.72
CA ARG A 150 34.39 32.22 24.13
C ARG A 150 33.44 33.19 24.86
N GLY A 151 32.75 34.03 24.11
CA GLY A 151 31.79 34.99 24.68
C GLY A 151 32.49 36.29 25.04
N PRO A 152 31.73 37.25 25.64
CA PRO A 152 32.24 38.61 25.86
C PRO A 152 33.36 38.63 26.91
N GLY A 153 34.31 39.55 26.75
CA GLY A 153 35.48 39.70 27.63
C GLY A 153 36.59 38.68 27.44
N HIS A 154 36.66 37.98 26.29
CA HIS A 154 37.89 37.25 25.85
C HIS A 154 38.41 37.83 24.54
N VAL A 155 39.72 38.03 24.44
CA VAL A 155 40.41 38.47 23.18
C VAL A 155 40.18 37.42 22.09
N LEU A 156 40.37 36.15 22.42
CA LEU A 156 40.27 35.03 21.45
C LEU A 156 38.79 34.80 21.16
N LEU A 157 38.44 34.70 19.90
CA LEU A 157 37.03 34.67 19.45
C LEU A 157 36.41 33.31 19.80
N ARG A 158 37.20 32.23 19.72
CA ARG A 158 36.72 30.81 19.87
C ARG A 158 37.67 29.91 20.66
N TYR A 159 37.13 28.83 21.23
CA TYR A 159 37.96 27.79 21.89
C TYR A 159 38.78 27.08 20.81
N ASP A 160 39.77 26.32 21.22
CA ASP A 160 40.70 25.61 20.32
C ASP A 160 40.02 24.38 19.77
N SER A 161 39.31 23.64 20.60
CA SER A 161 38.60 22.40 20.22
C SER A 161 37.22 22.41 20.89
N ALA A 162 36.43 21.37 20.58
CA ALA A 162 35.15 21.07 21.26
C ALA A 162 35.21 19.62 21.80
N VAL A 163 34.48 19.36 22.87
CA VAL A 163 34.47 18.04 23.59
C VAL A 163 33.02 17.62 23.87
N ASP A 164 32.79 16.34 24.14
CA ASP A 164 31.49 15.80 24.63
C ASP A 164 31.14 16.53 25.94
N CYS A 165 32.03 16.54 26.91
CA CYS A 165 31.77 17.07 28.28
C CYS A 165 33.02 17.75 28.85
N ILE A 166 32.89 19.04 29.17
CA ILE A 166 34.00 19.93 29.68
C ILE A 166 34.65 19.27 30.89
N CYS A 167 33.85 18.65 31.75
CA CYS A 167 34.16 18.03 33.07
C CYS A 167 35.26 16.96 32.95
N GLN A 168 34.91 15.75 32.55
CA GLN A 168 35.88 14.71 32.07
C GLN A 168 35.55 14.53 30.59
N PRO A 169 36.29 15.19 29.67
CA PRO A 169 36.13 14.94 28.23
C PRO A 169 36.80 13.65 27.73
N SER A 170 36.10 12.87 26.91
CA SER A 170 36.62 11.60 26.30
C SER A 170 36.77 11.72 24.77
N ILE A 171 36.13 12.71 24.16
CA ILE A 171 36.04 12.98 22.71
C ILE A 171 36.49 14.41 22.45
N PHE A 172 37.31 14.62 21.43
CA PHE A 172 37.76 15.96 20.96
C PHE A 172 37.40 16.16 19.51
N VAL A 173 36.78 17.28 19.18
CA VAL A 173 36.40 17.61 17.78
C VAL A 173 37.25 18.79 17.37
N ILE A 174 38.12 18.60 16.37
CA ILE A 174 39.06 19.66 15.91
C ILE A 174 38.67 20.09 14.48
N PHE A 175 38.85 21.37 14.19
CA PHE A 175 38.25 22.08 13.05
C PHE A 175 39.32 22.79 12.21
N HIS A 176 40.60 22.50 12.38
CA HIS A 176 41.65 23.05 11.48
C HIS A 176 42.51 21.88 10.97
N ASP A 177 42.85 21.94 9.68
CA ASP A 177 43.62 20.87 9.04
C ASP A 177 44.99 20.72 9.71
N THR A 178 45.50 21.72 10.42
CA THR A 178 46.90 21.72 10.91
C THR A 178 46.94 21.35 12.39
N GLN A 179 45.78 21.09 12.99
CA GLN A 179 45.65 20.97 14.46
C GLN A 179 45.79 19.51 14.89
N ALA A 180 46.01 18.58 13.97
CA ALA A 180 46.11 17.14 14.27
C ALA A 180 47.09 16.51 13.29
N LEU A 181 48.17 15.94 13.82
CA LEU A 181 49.23 15.27 13.05
C LEU A 181 49.13 13.77 13.25
N PRO A 182 48.80 12.97 12.23
CA PRO A 182 48.92 11.51 12.33
C PRO A 182 50.40 11.17 12.48
N THR A 183 50.71 10.26 13.40
CA THR A 183 52.06 9.76 13.71
C THR A 183 52.18 8.27 13.37
N HIS A 184 51.15 7.49 13.65
CA HIS A 184 51.13 6.02 13.45
C HIS A 184 49.78 5.53 12.93
N LEU A 185 49.82 4.50 12.08
CA LEU A 185 48.62 3.75 11.66
C LEU A 185 48.68 2.38 12.31
N ILE A 186 47.74 2.11 13.22
CA ILE A 186 47.55 0.77 13.82
C ILE A 186 46.51 0.03 12.96
N THR A 187 46.92 -1.10 12.38
CA THR A 187 46.01 -2.07 11.72
C THR A 187 45.72 -3.16 12.75
N CYS A 188 44.45 -3.35 13.09
CA CYS A 188 44.00 -4.36 14.07
C CYS A 188 42.81 -5.15 13.54
N GLU A 189 42.51 -6.28 14.17
CA GLU A 189 41.30 -7.10 13.89
C GLU A 189 40.77 -7.70 15.19
N HIS A 190 39.49 -8.09 15.23
CA HIS A 190 38.91 -8.99 16.27
C HIS A 190 39.49 -10.40 16.07
N VAL A 191 40.01 -11.04 17.10
CA VAL A 191 40.32 -12.51 17.06
C VAL A 191 38.99 -13.25 17.25
N SER B 1 -4.89 -31.17 -8.24
CA SER B 1 -4.40 -32.57 -8.16
C SER B 1 -2.96 -32.72 -8.73
N MET B 2 -2.28 -31.61 -9.04
CA MET B 2 -0.85 -31.56 -9.47
C MET B 2 0.05 -31.09 -8.31
N ASN B 3 -0.51 -30.42 -7.29
CA ASN B 3 0.18 -29.81 -6.10
C ASN B 3 -0.25 -30.53 -4.81
N LEU B 4 -0.52 -31.84 -4.94
CA LEU B 4 -0.85 -32.80 -3.86
C LEU B 4 0.35 -33.73 -3.68
N GLU B 5 0.64 -34.14 -2.46
CA GLU B 5 1.78 -35.03 -2.15
C GLU B 5 1.30 -36.02 -1.08
N ARG B 6 1.34 -37.32 -1.37
CA ARG B 6 0.90 -38.42 -0.47
C ARG B 6 1.88 -38.47 0.72
N LEU B 7 1.36 -38.57 1.94
CA LEU B 7 2.13 -38.76 3.21
C LEU B 7 2.12 -40.24 3.58
N ALA B 8 3.28 -40.82 3.93
CA ALA B 8 3.41 -42.21 4.43
C ALA B 8 2.75 -42.31 5.80
N GLU B 9 2.12 -43.46 6.11
CA GLU B 9 1.34 -43.69 7.37
C GLU B 9 2.26 -43.53 8.60
N ASN B 10 3.56 -43.83 8.46
CA ASN B 10 4.52 -43.97 9.59
C ASN B 10 5.28 -42.65 9.84
N THR B 11 4.66 -41.48 9.57
CA THR B 11 5.27 -40.14 9.75
C THR B 11 4.50 -39.34 10.80
N GLY B 12 5.20 -38.40 11.45
CA GLY B 12 4.63 -37.49 12.46
C GLY B 12 3.45 -36.75 11.89
N GLU B 13 3.58 -36.18 10.68
CA GLU B 13 2.55 -35.30 10.06
C GLU B 13 1.27 -36.12 9.81
N PHE B 14 1.39 -37.30 9.21
CA PHE B 14 0.25 -38.21 8.93
C PHE B 14 -0.52 -38.50 10.21
N GLN B 15 0.20 -38.79 11.30
CA GLN B 15 -0.38 -39.17 12.62
C GLN B 15 -1.08 -37.98 13.26
N GLU B 16 -0.45 -36.81 13.32
CA GLU B 16 -1.08 -35.56 13.84
C GLU B 16 -2.45 -35.45 13.17
N VAL B 17 -2.50 -35.44 11.84
CA VAL B 17 -3.71 -35.08 11.05
C VAL B 17 -4.81 -36.11 11.35
N VAL B 18 -4.43 -37.37 11.28
CA VAL B 18 -5.37 -38.51 11.40
C VAL B 18 -5.94 -38.55 12.82
N ARG B 19 -5.09 -38.37 13.84
CA ARG B 19 -5.46 -38.39 15.28
C ARG B 19 -6.53 -37.31 15.52
N ALA B 20 -6.29 -36.09 15.04
CA ALA B 20 -7.22 -34.92 15.17
C ALA B 20 -8.55 -35.24 14.50
N PHE B 21 -8.50 -35.91 13.34
CA PHE B 21 -9.68 -36.36 12.54
C PHE B 21 -10.54 -37.33 13.38
N TYR B 22 -9.92 -38.36 13.95
CA TYR B 22 -10.62 -39.42 14.74
C TYR B 22 -11.13 -38.80 16.06
N ASP B 23 -10.34 -37.96 16.73
CA ASP B 23 -10.73 -37.29 18.00
C ASP B 23 -12.07 -36.58 17.83
N THR B 24 -12.38 -36.03 16.65
CA THR B 24 -13.56 -35.12 16.46
C THR B 24 -14.63 -35.84 15.62
N LEU B 25 -14.47 -37.14 15.42
CA LEU B 25 -15.34 -37.94 14.51
C LEU B 25 -16.63 -38.38 15.25
N ASP B 26 -16.63 -38.37 16.59
CA ASP B 26 -17.85 -38.50 17.45
C ASP B 26 -18.71 -39.68 16.99
N ALA B 27 -20.01 -39.41 16.76
CA ALA B 27 -21.04 -40.32 16.21
C ALA B 27 -20.37 -41.40 15.35
N ALA B 28 -19.57 -41.03 14.35
CA ALA B 28 -19.05 -41.95 13.31
C ALA B 28 -17.57 -42.26 13.52
N ARG B 29 -17.05 -42.35 14.75
CA ARG B 29 -15.60 -42.66 14.97
C ARG B 29 -15.27 -44.08 14.48
N SER B 30 -16.21 -45.00 14.56
CA SER B 30 -16.02 -46.45 14.30
C SER B 30 -16.55 -46.88 12.93
N SER B 31 -17.37 -46.07 12.24
CA SER B 31 -17.80 -46.29 10.83
C SER B 31 -16.74 -45.80 9.82
N ILE B 32 -15.86 -44.84 10.15
CA ILE B 32 -15.02 -44.12 9.12
C ILE B 32 -13.57 -44.60 9.18
N ARG B 33 -13.01 -44.92 8.00
CA ARG B 33 -11.59 -45.34 7.79
C ARG B 33 -10.88 -44.28 6.93
N VAL B 34 -9.59 -44.06 7.14
CA VAL B 34 -8.73 -43.15 6.31
C VAL B 34 -7.99 -44.01 5.28
N VAL B 35 -8.12 -43.65 4.00
CA VAL B 35 -7.51 -44.34 2.84
C VAL B 35 -6.12 -43.78 2.55
N ARG B 36 -5.97 -42.47 2.67
CA ARG B 36 -4.90 -41.64 2.03
C ARG B 36 -4.94 -40.28 2.73
N VAL B 37 -3.78 -39.67 2.94
CA VAL B 37 -3.68 -38.23 3.34
C VAL B 37 -2.65 -37.58 2.43
N GLU B 38 -3.02 -36.45 1.84
CA GLU B 38 -2.15 -35.67 0.93
C GLU B 38 -1.94 -34.27 1.52
N ARG B 39 -0.69 -33.80 1.49
CA ARG B 39 -0.32 -32.37 1.74
C ARG B 39 -0.72 -31.53 0.53
N VAL B 40 -1.35 -30.38 0.77
CA VAL B 40 -1.74 -29.38 -0.26
C VAL B 40 -0.73 -28.24 -0.19
N SER B 41 -0.14 -27.87 -1.32
CA SER B 41 0.73 -26.68 -1.43
C SER B 41 0.07 -25.70 -2.39
N HIS B 42 -0.15 -24.47 -1.94
CA HIS B 42 -0.56 -23.30 -2.75
C HIS B 42 0.27 -22.11 -2.27
N PRO B 43 1.53 -21.97 -2.74
CA PRO B 43 2.42 -20.92 -2.25
C PRO B 43 1.75 -19.53 -2.27
N LEU B 44 1.11 -19.17 -3.38
CA LEU B 44 0.46 -17.84 -3.52
C LEU B 44 -0.65 -17.65 -2.47
N LEU B 45 -1.61 -18.57 -2.37
CA LEU B 45 -2.71 -18.43 -1.40
C LEU B 45 -2.11 -18.39 0.01
N GLN B 46 -1.11 -19.22 0.28
CA GLN B 46 -0.46 -19.23 1.61
C GLN B 46 0.08 -17.82 1.93
N GLN B 47 0.75 -17.15 0.99
CA GLN B 47 1.26 -15.78 1.22
C GLN B 47 0.08 -14.84 1.45
N GLN B 48 -0.95 -14.90 0.61
CA GLN B 48 -2.13 -14.02 0.74
C GLN B 48 -2.77 -14.23 2.12
N TYR B 49 -2.87 -15.49 2.55
CA TYR B 49 -3.38 -15.91 3.88
C TYR B 49 -2.55 -15.33 5.04
N GLU B 50 -1.21 -15.40 4.94
CA GLU B 50 -0.29 -14.95 6.01
C GLU B 50 -0.45 -13.44 6.19
N LEU B 51 -0.65 -12.68 5.11
CA LEU B 51 -0.86 -11.22 5.13
C LEU B 51 -2.15 -10.90 5.86
N TYR B 52 -3.22 -11.62 5.59
CA TYR B 52 -4.51 -11.45 6.31
C TYR B 52 -4.27 -11.76 7.80
N ARG B 53 -3.56 -12.85 8.07
CA ARG B 53 -3.31 -13.32 9.45
C ARG B 53 -2.61 -12.20 10.25
N GLU B 54 -1.62 -11.52 9.66
CA GLU B 54 -0.85 -10.40 10.25
C GLU B 54 -1.85 -9.29 10.63
N ARG B 55 -2.75 -8.88 9.74
CA ARG B 55 -3.76 -7.82 10.05
C ARG B 55 -4.63 -8.27 11.24
N LEU B 56 -4.99 -9.54 11.35
CA LEU B 56 -5.91 -10.01 12.41
C LEU B 56 -5.16 -10.10 13.73
N LEU B 57 -3.93 -10.61 13.70
CA LEU B 57 -3.10 -10.78 14.93
C LEU B 57 -2.90 -9.39 15.55
N GLN B 58 -2.91 -8.32 14.74
CA GLN B 58 -2.61 -6.93 15.20
C GLN B 58 -3.83 -6.28 15.87
N ARG B 59 -5.04 -6.84 15.76
CA ARG B 59 -6.27 -6.05 16.04
C ARG B 59 -7.46 -6.86 16.59
N CYS B 60 -7.40 -8.18 16.69
CA CYS B 60 -8.56 -9.00 17.15
C CYS B 60 -8.64 -9.05 18.68
N GLU B 61 -9.86 -8.96 19.22
CA GLU B 61 -10.18 -9.32 20.62
C GLU B 61 -9.90 -10.82 20.79
N ARG B 62 -10.69 -11.69 20.14
CA ARG B 62 -10.72 -13.17 20.41
C ARG B 62 -9.35 -13.78 20.12
N ARG B 63 -9.07 -14.89 20.78
CA ARG B 63 -7.85 -15.70 20.56
C ARG B 63 -8.26 -17.17 20.65
N PRO B 64 -7.72 -18.04 19.78
CA PRO B 64 -6.78 -17.61 18.74
C PRO B 64 -7.57 -17.02 17.56
N VAL B 65 -6.84 -16.37 16.66
CA VAL B 65 -7.37 -15.71 15.44
C VAL B 65 -7.53 -16.77 14.34
N GLU B 66 -6.74 -17.83 14.43
CA GLU B 66 -6.61 -18.95 13.48
C GLU B 66 -7.02 -20.26 14.14
N GLN B 67 -7.72 -21.11 13.41
CA GLN B 67 -8.16 -22.46 13.86
C GLN B 67 -8.00 -23.45 12.71
N VAL B 68 -7.68 -24.71 13.03
CA VAL B 68 -7.71 -25.85 12.08
C VAL B 68 -9.16 -26.34 11.96
N LEU B 69 -9.73 -26.38 10.76
CA LEU B 69 -11.16 -26.78 10.56
C LEU B 69 -11.27 -27.71 9.35
N TYR B 70 -12.39 -28.44 9.25
CA TYR B 70 -12.65 -29.49 8.22
C TYR B 70 -13.68 -28.95 7.22
N HIS B 71 -13.48 -29.26 5.95
CA HIS B 71 -14.45 -29.03 4.85
C HIS B 71 -14.56 -30.33 4.02
N GLY B 72 -15.68 -31.04 4.18
CA GLY B 72 -16.09 -32.10 3.24
C GLY B 72 -16.50 -31.52 1.92
N THR B 73 -16.25 -32.22 0.82
CA THR B 73 -16.63 -31.77 -0.53
C THR B 73 -16.80 -32.97 -1.47
N THR B 74 -17.30 -32.71 -2.67
CA THR B 74 -17.49 -33.72 -3.73
C THR B 74 -16.14 -34.00 -4.41
N ALA B 75 -15.96 -35.19 -4.97
CA ALA B 75 -14.76 -35.57 -5.72
C ALA B 75 -14.44 -34.52 -6.78
N PRO B 76 -15.41 -34.11 -7.64
CA PRO B 76 -15.13 -33.16 -8.71
C PRO B 76 -14.58 -31.81 -8.21
N ALA B 77 -14.90 -31.42 -6.98
CA ALA B 77 -14.47 -30.12 -6.39
C ALA B 77 -12.99 -30.15 -5.99
N VAL B 78 -12.43 -31.32 -5.70
CA VAL B 78 -11.04 -31.44 -5.16
C VAL B 78 -10.03 -30.68 -6.04
N PRO B 79 -9.94 -30.91 -7.38
CA PRO B 79 -8.97 -30.18 -8.20
C PRO B 79 -9.05 -28.66 -8.05
N ASP B 80 -10.27 -28.12 -8.06
CA ASP B 80 -10.51 -26.65 -7.97
C ASP B 80 -9.93 -26.13 -6.66
N ILE B 81 -10.23 -26.79 -5.55
CA ILE B 81 -9.79 -26.30 -4.21
C ILE B 81 -8.26 -26.29 -4.16
N CYS B 82 -7.62 -27.29 -4.77
CA CYS B 82 -6.15 -27.45 -4.76
C CYS B 82 -5.49 -26.37 -5.62
N ALA B 83 -6.22 -25.88 -6.61
CA ALA B 83 -5.72 -24.93 -7.62
C ALA B 83 -5.98 -23.49 -7.18
N HIS B 84 -7.12 -23.24 -6.53
CA HIS B 84 -7.71 -21.87 -6.35
C HIS B 84 -8.06 -21.53 -4.88
N GLY B 85 -8.02 -22.51 -3.98
CA GLY B 85 -8.60 -22.44 -2.63
C GLY B 85 -10.13 -22.59 -2.65
N PHE B 86 -10.80 -22.25 -1.54
CA PHE B 86 -12.26 -22.40 -1.36
C PHE B 86 -12.94 -21.22 -2.05
N ASN B 87 -13.94 -21.52 -2.86
CA ASN B 87 -14.66 -20.60 -3.76
C ASN B 87 -16.15 -20.68 -3.40
N ARG B 88 -16.60 -19.72 -2.62
CA ARG B 88 -18.02 -19.62 -2.14
C ARG B 88 -19.04 -19.51 -3.29
N SER B 89 -18.65 -19.21 -4.52
CA SER B 89 -19.57 -19.18 -5.68
C SER B 89 -20.11 -20.57 -6.04
N PHE B 90 -19.64 -21.68 -5.43
CA PHE B 90 -20.21 -23.05 -5.63
C PHE B 90 -21.43 -23.31 -4.70
N CYS B 91 -22.27 -22.29 -4.44
CA CYS B 91 -23.67 -22.34 -3.92
C CYS B 91 -24.62 -22.98 -4.94
N ASN B 94 -26.73 -27.82 -1.00
CA ASN B 94 -27.17 -27.68 0.42
C ASN B 94 -27.44 -26.21 0.80
N ALA B 95 -28.26 -26.01 1.83
CA ALA B 95 -28.90 -24.74 2.20
C ALA B 95 -27.89 -23.84 2.92
N THR B 96 -27.85 -22.55 2.54
CA THR B 96 -26.90 -21.53 3.03
C THR B 96 -27.45 -20.91 4.33
N VAL B 97 -27.68 -21.72 5.36
CA VAL B 97 -28.55 -21.36 6.52
C VAL B 97 -27.90 -20.20 7.30
N TYR B 98 -26.56 -20.19 7.44
CA TYR B 98 -25.81 -19.20 8.26
C TYR B 98 -25.01 -18.24 7.38
N GLY B 99 -25.33 -18.13 6.09
CA GLY B 99 -24.71 -17.17 5.15
C GLY B 99 -24.25 -17.83 3.86
N LYS B 100 -24.17 -17.04 2.78
CA LYS B 100 -23.70 -17.49 1.45
C LYS B 100 -22.17 -17.43 1.41
N GLY B 101 -21.51 -18.23 2.25
CA GLY B 101 -20.04 -18.38 2.31
C GLY B 101 -19.65 -19.85 2.31
N VAL B 102 -18.37 -20.13 2.55
CA VAL B 102 -17.85 -21.53 2.65
C VAL B 102 -17.89 -21.94 4.10
N TYR B 103 -18.47 -23.10 4.35
CA TYR B 103 -18.70 -23.68 5.70
C TYR B 103 -17.49 -24.54 6.07
N PHE B 104 -16.96 -24.31 7.27
CA PHE B 104 -15.94 -25.17 7.91
C PHE B 104 -16.49 -25.61 9.24
N ALA B 105 -16.15 -26.80 9.70
CA ALA B 105 -16.66 -27.41 10.94
C ALA B 105 -15.49 -27.61 11.88
N ARG B 106 -15.69 -27.30 13.19
CA ARG B 106 -14.73 -27.51 14.30
C ARG B 106 -14.51 -29.01 14.42
N ARG B 107 -15.61 -29.78 14.27
CA ARG B 107 -15.68 -31.26 14.43
C ARG B 107 -15.82 -31.98 13.07
N ALA B 108 -14.96 -32.95 12.79
CA ALA B 108 -14.94 -33.74 11.53
C ALA B 108 -16.25 -34.50 11.35
N SER B 109 -16.86 -34.96 12.46
CA SER B 109 -18.19 -35.61 12.52
C SER B 109 -19.16 -34.96 11.55
N LEU B 110 -19.07 -33.64 11.42
CA LEU B 110 -20.02 -32.86 10.63
C LEU B 110 -19.63 -32.92 9.14
N SER B 111 -18.33 -32.82 8.84
CA SER B 111 -17.78 -32.67 7.46
C SER B 111 -17.85 -34.01 6.70
N VAL B 112 -17.74 -35.10 7.46
CA VAL B 112 -17.61 -36.51 7.01
C VAL B 112 -19.00 -37.06 6.64
N GLN B 113 -20.08 -36.36 7.02
CA GLN B 113 -21.46 -36.73 6.62
C GLN B 113 -21.53 -36.81 5.09
N ASP B 114 -22.25 -37.81 4.55
CA ASP B 114 -22.42 -38.05 3.09
C ASP B 114 -23.04 -36.81 2.43
N ARG B 115 -23.82 -35.99 3.14
CA ARG B 115 -24.45 -34.80 2.49
C ARG B 115 -23.39 -33.73 2.20
N TYR B 116 -22.25 -33.71 2.91
CA TYR B 116 -21.18 -32.68 2.73
C TYR B 116 -20.01 -33.26 1.92
N SER B 117 -19.58 -34.50 2.23
CA SER B 117 -18.53 -35.25 1.51
C SER B 117 -19.12 -36.51 0.86
N PRO B 118 -20.01 -36.39 -0.14
CA PRO B 118 -20.63 -37.56 -0.75
C PRO B 118 -19.57 -38.45 -1.38
N PRO B 119 -19.68 -39.79 -1.24
CA PRO B 119 -18.67 -40.68 -1.80
C PRO B 119 -18.82 -40.77 -3.31
N ASN B 120 -17.71 -41.04 -4.01
CA ASN B 120 -17.65 -41.32 -5.47
C ASN B 120 -17.86 -42.82 -5.72
N ALA B 121 -17.79 -43.24 -6.99
CA ALA B 121 -17.99 -44.62 -7.46
C ALA B 121 -17.12 -45.62 -6.67
N ASP B 122 -15.89 -45.28 -6.27
CA ASP B 122 -15.04 -46.18 -5.46
C ASP B 122 -15.41 -46.13 -3.98
N GLY B 123 -16.41 -45.34 -3.59
CA GLY B 123 -16.85 -45.16 -2.17
C GLY B 123 -15.91 -44.26 -1.36
N HIS B 124 -15.10 -43.43 -2.03
CA HIS B 124 -14.11 -42.52 -1.43
C HIS B 124 -14.76 -41.16 -1.15
N LYS B 125 -14.45 -40.59 0.02
CA LYS B 125 -14.98 -39.28 0.50
C LYS B 125 -13.80 -38.30 0.70
N ALA B 126 -13.99 -37.07 0.22
CA ALA B 126 -12.99 -35.98 0.26
C ALA B 126 -13.31 -35.06 1.45
N VAL B 127 -12.37 -35.00 2.40
CA VAL B 127 -12.42 -34.00 3.50
C VAL B 127 -11.07 -33.27 3.56
N PHE B 128 -11.14 -31.94 3.39
CA PHE B 128 -9.97 -31.05 3.49
C PHE B 128 -9.81 -30.63 4.95
N VAL B 129 -8.54 -30.57 5.38
CA VAL B 129 -8.12 -29.86 6.62
C VAL B 129 -7.56 -28.52 6.19
N ALA B 130 -8.02 -27.46 6.83
CA ALA B 130 -7.68 -26.05 6.49
C ALA B 130 -7.34 -25.30 7.79
N ARG B 131 -6.32 -24.45 7.73
CA ARG B 131 -6.13 -23.28 8.62
C ARG B 131 -7.12 -22.19 8.18
N VAL B 132 -7.95 -21.70 9.11
CA VAL B 132 -9.01 -20.68 8.83
C VAL B 132 -8.88 -19.52 9.81
N LEU B 133 -8.80 -18.33 9.26
CA LEU B 133 -8.81 -17.05 9.99
C LEU B 133 -10.25 -16.72 10.35
N THR B 134 -10.69 -17.31 11.44
CA THR B 134 -12.02 -17.09 12.07
C THR B 134 -12.04 -15.68 12.67
N GLY B 135 -10.91 -15.24 13.26
CA GLY B 135 -10.79 -13.94 13.96
C GLY B 135 -12.00 -13.67 14.84
N ASP B 136 -12.50 -12.42 14.84
CA ASP B 136 -13.72 -12.00 15.59
C ASP B 136 -14.97 -12.42 14.83
N TYR B 137 -15.65 -13.47 15.28
CA TYR B 137 -16.88 -14.02 14.63
C TYR B 137 -18.14 -13.32 15.14
N GLY B 138 -19.16 -13.28 14.28
CA GLY B 138 -20.50 -12.75 14.55
C GLY B 138 -21.56 -13.78 14.23
N GLN B 139 -22.83 -13.46 14.47
CA GLN B 139 -23.96 -14.41 14.34
C GLN B 139 -24.36 -14.51 12.86
N GLY B 140 -24.16 -15.68 12.27
CA GLY B 140 -24.65 -16.00 10.92
C GLY B 140 -26.17 -15.98 10.84
N ARG B 141 -26.68 -15.83 9.63
CA ARG B 141 -28.11 -16.01 9.28
C ARG B 141 -28.20 -16.04 7.74
N ARG B 142 -29.33 -16.48 7.21
CA ARG B 142 -29.39 -17.02 5.82
C ARG B 142 -29.13 -15.89 4.80
N GLY B 143 -29.62 -14.69 5.06
CA GLY B 143 -29.46 -13.53 4.16
C GLY B 143 -28.01 -13.21 3.81
N LEU B 144 -27.06 -13.51 4.69
CA LEU B 144 -25.70 -12.90 4.69
C LEU B 144 -24.95 -13.21 3.40
N ARG B 145 -24.61 -12.15 2.66
CA ARG B 145 -23.68 -12.18 1.51
C ARG B 145 -22.26 -11.82 2.01
N ALA B 146 -22.13 -11.48 3.29
CA ALA B 146 -20.85 -11.13 3.97
C ALA B 146 -21.02 -11.36 5.47
N PRO B 147 -19.95 -11.28 6.29
CA PRO B 147 -20.12 -11.36 7.75
C PRO B 147 -21.06 -10.26 8.24
N PRO B 148 -21.78 -10.46 9.35
CA PRO B 148 -22.72 -9.44 9.78
C PRO B 148 -21.98 -8.17 10.25
N LEU B 149 -22.66 -7.05 10.10
CA LEU B 149 -22.20 -5.71 10.56
C LEU B 149 -21.89 -5.73 12.07
N ARG B 150 -20.91 -4.94 12.50
CA ARG B 150 -20.49 -4.85 13.93
C ARG B 150 -21.41 -3.88 14.68
N GLY B 151 -22.03 -2.97 13.97
CA GLY B 151 -22.93 -1.96 14.56
C GLY B 151 -22.17 -0.74 15.06
N PRO B 152 -22.87 0.20 15.72
CA PRO B 152 -22.30 1.50 16.07
C PRO B 152 -21.18 1.39 17.12
N GLY B 153 -20.19 2.27 17.02
CA GLY B 153 -19.03 2.34 17.93
C GLY B 153 -17.96 1.27 17.68
N HIS B 154 -17.91 0.63 16.50
CA HIS B 154 -16.72 -0.15 16.04
C HIS B 154 -16.15 0.49 14.77
N VAL B 155 -14.82 0.63 14.71
CA VAL B 155 -14.07 1.09 13.50
C VAL B 155 -14.35 0.12 12.34
N LEU B 156 -14.25 -1.18 12.61
CA LEU B 156 -14.38 -2.26 11.60
C LEU B 156 -15.86 -2.40 11.25
N LEU B 157 -16.15 -2.44 9.97
CA LEU B 157 -17.53 -2.43 9.45
C LEU B 157 -18.20 -3.77 9.73
N ARG B 158 -17.45 -4.88 9.65
CA ARG B 158 -18.00 -6.28 9.74
C ARG B 158 -17.12 -7.24 10.55
N TYR B 159 -17.74 -8.29 11.09
CA TYR B 159 -16.99 -9.37 11.78
C TYR B 159 -16.16 -10.11 10.73
N ASP B 160 -15.21 -10.91 11.18
CA ASP B 160 -14.24 -11.62 10.31
C ASP B 160 -14.94 -12.82 9.70
N SER B 161 -15.72 -13.54 10.49
CA SER B 161 -16.48 -14.74 10.07
C SER B 161 -17.89 -14.69 10.66
N ALA B 162 -18.70 -15.67 10.33
CA ALA B 162 -20.03 -15.92 10.91
C ALA B 162 -20.07 -17.36 11.43
N VAL B 163 -20.87 -17.61 12.46
CA VAL B 163 -20.98 -18.93 13.17
C VAL B 163 -22.45 -19.28 13.36
N ASP B 164 -22.74 -20.55 13.60
CA ASP B 164 -24.10 -21.04 14.00
C ASP B 164 -24.49 -20.33 15.30
N CYS B 165 -23.63 -20.36 16.32
CA CYS B 165 -23.93 -19.85 17.69
C CYS B 165 -22.66 -19.22 18.30
N ILE B 166 -22.76 -17.94 18.66
CA ILE B 166 -21.65 -17.11 19.23
C ILE B 166 -21.06 -17.83 20.46
N CYS B 167 -21.91 -18.44 21.29
CA CYS B 167 -21.57 -19.02 22.63
C CYS B 167 -20.54 -20.15 22.50
N GLN B 168 -20.95 -21.35 22.08
CA GLN B 168 -20.03 -22.44 21.63
C GLN B 168 -20.33 -22.57 20.13
N PRO B 169 -19.53 -21.96 19.24
CA PRO B 169 -19.65 -22.18 17.80
C PRO B 169 -19.02 -23.51 17.32
N SER B 170 -19.73 -24.23 16.45
CA SER B 170 -19.26 -25.51 15.86
C SER B 170 -19.05 -25.39 14.35
N ILE B 171 -19.60 -24.35 13.72
CA ILE B 171 -19.60 -24.05 12.27
C ILE B 171 -19.07 -22.64 12.07
N PHE B 172 -18.18 -22.43 11.09
CA PHE B 172 -17.65 -21.11 10.68
C PHE B 172 -17.93 -20.90 9.19
N VAL B 173 -18.50 -19.76 8.84
CA VAL B 173 -18.78 -19.40 7.44
C VAL B 173 -17.85 -18.25 7.08
N ILE B 174 -16.96 -18.47 6.12
CA ILE B 174 -15.96 -17.44 5.73
C ILE B 174 -16.25 -17.01 4.28
N PHE B 175 -16.01 -15.73 4.02
CA PHE B 175 -16.52 -14.98 2.85
C PHE B 175 -15.36 -14.31 2.10
N HIS B 176 -14.09 -14.66 2.35
CA HIS B 176 -12.97 -14.16 1.52
C HIS B 176 -12.13 -15.35 1.06
N ASP B 177 -11.73 -15.31 -0.20
CA ASP B 177 -10.98 -16.42 -0.81
C ASP B 177 -9.64 -16.62 -0.08
N THR B 178 -9.13 -15.65 0.67
CA THR B 178 -7.77 -15.72 1.25
C THR B 178 -7.83 -16.11 2.73
N GLN B 179 -9.03 -16.30 3.26
CA GLN B 179 -9.24 -16.45 4.71
C GLN B 179 -9.16 -17.91 5.13
N ALA B 180 -8.93 -18.84 4.21
CA ALA B 180 -8.89 -20.29 4.48
C ALA B 180 -7.86 -20.92 3.54
N LEU B 181 -6.84 -21.53 4.13
CA LEU B 181 -5.75 -22.24 3.42
C LEU B 181 -5.94 -23.74 3.59
N PRO B 182 -6.25 -24.51 2.53
CA PRO B 182 -6.19 -25.96 2.62
C PRO B 182 -4.73 -26.37 2.86
N THR B 183 -4.52 -27.28 3.79
CA THR B 183 -3.18 -27.82 4.17
C THR B 183 -3.09 -29.31 3.83
N HIS B 184 -4.18 -30.07 4.02
CA HIS B 184 -4.24 -31.55 3.81
C HIS B 184 -5.58 -31.96 3.19
N LEU B 185 -5.53 -32.98 2.35
CA LEU B 185 -6.74 -33.66 1.82
C LEU B 185 -6.77 -35.04 2.46
N ILE B 186 -7.79 -35.28 3.31
CA ILE B 186 -8.07 -36.63 3.85
C ILE B 186 -9.07 -37.32 2.90
N THR B 187 -8.67 -38.45 2.33
CA THR B 187 -9.56 -39.37 1.60
C THR B 187 -9.96 -40.48 2.58
N CYS B 188 -11.27 -40.62 2.83
CA CYS B 188 -11.81 -41.58 3.83
C CYS B 188 -13.02 -42.30 3.21
N GLU B 189 -13.45 -43.39 3.83
CA GLU B 189 -14.61 -44.19 3.40
C GLU B 189 -15.33 -44.71 4.66
N HIS B 190 -16.61 -45.03 4.54
CA HIS B 190 -17.38 -45.84 5.52
C HIS B 190 -16.87 -47.30 5.40
N VAL B 191 -16.51 -47.95 6.52
CA VAL B 191 -16.31 -49.42 6.69
C VAL B 191 -17.56 -49.94 7.45
N SER C 1 24.22 -32.80 -6.72
CA SER C 1 24.26 -32.78 -8.22
C SER C 1 23.35 -33.85 -8.86
N MET C 2 22.59 -34.62 -8.06
CA MET C 2 21.55 -35.57 -8.55
C MET C 2 20.13 -34.98 -8.31
N ASN C 3 19.98 -33.96 -7.43
CA ASN C 3 18.72 -33.22 -7.13
C ASN C 3 18.79 -31.76 -7.66
N LEU C 4 19.49 -31.60 -8.79
CA LEU C 4 19.53 -30.39 -9.65
C LEU C 4 18.72 -30.68 -10.90
N GLU C 5 18.02 -29.68 -11.42
CA GLU C 5 17.16 -29.82 -12.62
C GLU C 5 17.33 -28.56 -13.47
N ARG C 6 17.79 -28.72 -14.71
CA ARG C 6 18.09 -27.61 -15.65
C ARG C 6 16.77 -26.96 -16.07
N LEU C 7 16.68 -25.63 -16.04
CA LEU C 7 15.51 -24.83 -16.49
C LEU C 7 15.75 -24.32 -17.92
N ALA C 8 14.77 -24.45 -18.81
CA ALA C 8 14.83 -23.89 -20.19
C ALA C 8 14.78 -22.36 -20.12
N GLU C 9 15.48 -21.67 -21.03
CA GLU C 9 15.60 -20.19 -21.06
C GLU C 9 14.22 -19.53 -21.21
N ASN C 10 13.28 -20.20 -21.88
CA ASN C 10 11.97 -19.63 -22.32
C ASN C 10 10.87 -19.90 -21.27
N THR C 11 11.20 -20.02 -19.98
CA THR C 11 10.24 -20.32 -18.88
C THR C 11 10.14 -19.13 -17.91
N GLY C 12 9.00 -19.01 -17.23
CA GLY C 12 8.74 -17.93 -16.26
C GLY C 12 9.80 -17.95 -15.18
N GLU C 13 10.10 -19.14 -14.64
CA GLU C 13 11.01 -19.32 -13.48
C GLU C 13 12.43 -18.87 -13.85
N PHE C 14 12.95 -19.33 -15.01
CA PHE C 14 14.29 -18.96 -15.52
C PHE C 14 14.42 -17.44 -15.61
N GLN C 15 13.38 -16.77 -16.13
CA GLN C 15 13.35 -15.31 -16.38
C GLN C 15 13.33 -14.54 -15.06
N GLU C 16 12.42 -14.91 -14.13
CA GLU C 16 12.36 -14.29 -12.77
C GLU C 16 13.79 -14.28 -12.23
N VAL C 17 14.42 -15.45 -12.14
CA VAL C 17 15.70 -15.63 -11.41
C VAL C 17 16.78 -14.78 -12.06
N VAL C 18 16.88 -14.87 -13.37
CA VAL C 18 17.95 -14.21 -14.17
C VAL C 18 17.78 -12.69 -14.09
N ARG C 19 16.54 -12.18 -14.22
CA ARG C 19 16.22 -10.72 -14.16
C ARG C 19 16.69 -10.16 -12.83
N ALA C 20 16.34 -10.81 -11.72
CA ALA C 20 16.70 -10.43 -10.33
C ALA C 20 18.22 -10.41 -10.18
N PHE C 21 18.91 -11.40 -10.79
CA PHE C 21 20.39 -11.56 -10.81
C PHE C 21 21.03 -10.34 -11.48
N TYR C 22 20.56 -9.98 -12.68
CA TYR C 22 21.11 -8.85 -13.50
C TYR C 22 20.76 -7.52 -12.79
N ASP C 23 19.54 -7.36 -12.27
CA ASP C 23 19.09 -6.14 -11.56
C ASP C 23 20.07 -5.77 -10.44
N THR C 24 20.70 -6.74 -9.78
CA THR C 24 21.51 -6.48 -8.55
C THR C 24 23.00 -6.68 -8.85
N LEU C 25 23.35 -6.82 -10.13
CA LEU C 25 24.72 -7.16 -10.59
C LEU C 25 25.56 -5.89 -10.67
N ASP C 26 24.94 -4.69 -10.76
CA ASP C 26 25.61 -3.37 -10.58
C ASP C 26 26.85 -3.27 -11.47
N ALA C 27 28.00 -2.91 -10.87
CA ALA C 27 29.35 -2.84 -11.48
C ALA C 27 29.42 -3.80 -12.67
N ALA C 28 29.13 -5.09 -12.47
CA ALA C 28 29.39 -6.15 -13.46
C ALA C 28 28.12 -6.63 -14.15
N ARG C 29 27.10 -5.79 -14.39
CA ARG C 29 25.85 -6.23 -15.09
C ARG C 29 26.15 -6.69 -16.53
N SER C 30 27.14 -6.09 -17.20
CA SER C 30 27.40 -6.33 -18.65
C SER C 30 28.63 -7.23 -18.87
N SER C 31 29.49 -7.44 -17.86
CA SER C 31 30.65 -8.37 -17.89
C SER C 31 30.25 -9.84 -17.61
N ILE C 32 29.13 -10.10 -16.92
CA ILE C 32 28.72 -11.46 -16.45
C ILE C 32 27.65 -12.04 -17.39
N ARG C 33 27.86 -13.30 -17.78
CA ARG C 33 26.95 -14.10 -18.63
C ARG C 33 26.43 -15.29 -17.79
N VAL C 34 25.17 -15.69 -18.01
CA VAL C 34 24.57 -16.90 -17.37
C VAL C 34 24.72 -18.09 -18.33
N VAL C 35 25.31 -19.18 -17.84
CA VAL C 35 25.58 -20.45 -18.61
C VAL C 35 24.37 -21.39 -18.48
N ARG C 36 23.77 -21.44 -17.30
CA ARG C 36 22.87 -22.51 -16.83
C ARG C 36 22.16 -21.99 -15.59
N VAL C 37 20.89 -22.34 -15.44
CA VAL C 37 20.15 -22.18 -14.15
C VAL C 37 19.50 -23.50 -13.82
N GLU C 38 19.74 -24.00 -12.61
CA GLU C 38 19.20 -25.28 -12.11
C GLU C 38 18.34 -25.02 -10.88
N ARG C 39 17.16 -25.65 -10.82
CA ARG C 39 16.30 -25.77 -9.60
C ARG C 39 16.96 -26.75 -8.63
N VAL C 40 17.02 -26.39 -7.35
CA VAL C 40 17.51 -27.24 -6.23
C VAL C 40 16.30 -27.80 -5.48
N SER C 41 16.23 -29.12 -5.32
CA SER C 41 15.17 -29.77 -4.52
C SER C 41 15.78 -30.49 -3.34
N HIS C 42 15.37 -30.13 -2.13
CA HIS C 42 15.77 -30.78 -0.85
C HIS C 42 14.51 -30.86 0.01
N PRO C 43 13.65 -31.88 -0.23
CA PRO C 43 12.36 -31.97 0.44
C PRO C 43 12.49 -31.84 1.96
N LEU C 44 13.42 -32.57 2.57
CA LEU C 44 13.62 -32.56 4.05
C LEU C 44 14.00 -31.15 4.53
N LEU C 45 15.05 -30.53 3.97
CA LEU C 45 15.47 -29.19 4.41
C LEU C 45 14.30 -28.23 4.22
N GLN C 46 13.59 -28.33 3.10
CA GLN C 46 12.43 -27.44 2.82
C GLN C 46 11.41 -27.57 3.96
N GLN C 47 11.09 -28.78 4.41
CA GLN C 47 10.13 -28.98 5.53
C GLN C 47 10.72 -28.33 6.80
N GLN C 48 11.99 -28.60 7.10
CA GLN C 48 12.66 -28.06 8.32
C GLN C 48 12.62 -26.52 8.25
N TYR C 49 12.88 -25.95 7.07
CA TYR C 49 12.83 -24.49 6.79
C TYR C 49 11.41 -23.91 7.02
N GLU C 50 10.38 -24.59 6.52
CA GLU C 50 8.98 -24.12 6.62
C GLU C 50 8.57 -24.04 8.09
N LEU C 51 8.99 -25.00 8.91
CA LEU C 51 8.71 -25.04 10.37
C LEU C 51 9.35 -23.82 11.04
N TYR C 52 10.59 -23.51 10.72
CA TYR C 52 11.30 -22.33 11.28
C TYR C 52 10.53 -21.08 10.83
N ARG C 53 10.15 -21.04 9.55
CA ARG C 53 9.45 -19.85 8.97
C ARG C 53 8.17 -19.56 9.76
N GLU C 54 7.40 -20.61 10.10
CA GLU C 54 6.12 -20.52 10.88
C GLU C 54 6.44 -19.87 12.24
N ARG C 55 7.48 -20.33 12.95
CA ARG C 55 7.86 -19.77 14.28
C ARG C 55 8.19 -18.28 14.11
N LEU C 56 8.84 -17.87 13.02
CA LEU C 56 9.29 -16.46 12.86
C LEU C 56 8.09 -15.60 12.47
N LEU C 57 7.22 -16.10 11.59
CA LEU C 57 6.03 -15.35 11.13
C LEU C 57 5.17 -15.03 12.35
N GLN C 58 5.20 -15.87 13.38
CA GLN C 58 4.32 -15.76 14.58
C GLN C 58 4.83 -14.73 15.58
N ARG C 59 6.06 -14.26 15.48
CA ARG C 59 6.71 -13.54 16.62
C ARG C 59 7.74 -12.45 16.22
N CYS C 60 8.06 -12.25 14.96
CA CYS C 60 9.03 -11.20 14.52
C CYS C 60 8.41 -9.81 14.46
N GLU C 61 9.16 -8.80 14.94
CA GLU C 61 8.91 -7.36 14.69
C GLU C 61 9.09 -7.13 13.19
N ARG C 62 10.31 -7.26 12.65
CA ARG C 62 10.67 -6.81 11.27
C ARG C 62 9.83 -7.59 10.24
N ARG C 63 9.66 -6.98 9.08
CA ARG C 63 9.03 -7.60 7.89
C ARG C 63 9.84 -7.13 6.69
N PRO C 64 10.11 -8.04 5.72
CA PRO C 64 9.61 -9.41 5.79
C PRO C 64 10.56 -10.24 6.68
N VAL C 65 10.10 -11.43 7.02
CA VAL C 65 10.85 -12.39 7.88
C VAL C 65 11.81 -13.18 6.97
N GLU C 66 11.43 -13.31 5.70
CA GLU C 66 12.11 -14.11 4.66
C GLU C 66 12.60 -13.17 3.55
N GLN C 67 13.79 -13.40 3.02
CA GLN C 67 14.36 -12.67 1.87
C GLN C 67 15.05 -13.64 0.91
N VAL C 68 14.99 -13.33 -0.39
CA VAL C 68 15.77 -14.05 -1.44
C VAL C 68 17.18 -13.46 -1.48
N LEU C 69 18.24 -14.27 -1.31
CA LEU C 69 19.63 -13.77 -1.19
C LEU C 69 20.57 -14.69 -1.98
N TYR C 70 21.77 -14.19 -2.30
CA TYR C 70 22.78 -14.87 -3.16
C TYR C 70 23.93 -15.35 -2.27
N HIS C 71 24.45 -16.53 -2.59
CA HIS C 71 25.70 -17.13 -2.00
C HIS C 71 26.55 -17.66 -3.15
N GLY C 72 27.65 -16.95 -3.45
CA GLY C 72 28.72 -17.48 -4.30
C GLY C 72 29.47 -18.58 -3.56
N THR C 73 29.99 -19.56 -4.27
CA THR C 73 30.78 -20.64 -3.66
C THR C 73 31.74 -21.24 -4.69
N THR C 74 32.63 -22.11 -4.21
CA THR C 74 33.60 -22.86 -5.05
C THR C 74 32.88 -24.05 -5.71
N ALA C 75 33.35 -24.47 -6.87
CA ALA C 75 32.84 -25.65 -7.60
C ALA C 75 32.75 -26.86 -6.66
N PRO C 76 33.80 -27.23 -5.91
CA PRO C 76 33.74 -28.42 -5.06
C PRO C 76 32.63 -28.37 -4.00
N ALA C 77 32.21 -27.19 -3.57
CA ALA C 77 31.17 -27.00 -2.52
C ALA C 77 29.76 -27.27 -3.09
N VAL C 78 29.56 -27.13 -4.40
CA VAL C 78 28.19 -27.27 -5.01
C VAL C 78 27.51 -28.59 -4.58
N PRO C 79 28.11 -29.78 -4.74
CA PRO C 79 27.45 -31.03 -4.34
C PRO C 79 26.98 -31.03 -2.88
N ASP C 80 27.81 -30.55 -1.97
CA ASP C 80 27.51 -30.52 -0.52
C ASP C 80 26.26 -29.67 -0.29
N ILE C 81 26.21 -28.48 -0.87
CA ILE C 81 25.07 -27.54 -0.61
C ILE C 81 23.77 -28.21 -1.11
N CYS C 82 23.85 -28.92 -2.24
CA CYS C 82 22.68 -29.58 -2.88
C CYS C 82 22.19 -30.75 -2.03
N ALA C 83 23.11 -31.35 -1.27
CA ALA C 83 22.88 -32.57 -0.49
C ALA C 83 22.43 -32.24 0.94
N HIS C 84 22.97 -31.16 1.52
CA HIS C 84 22.93 -30.90 2.98
C HIS C 84 22.41 -29.48 3.33
N GLY C 85 22.28 -28.58 2.36
CA GLY C 85 22.19 -27.11 2.57
C GLY C 85 23.53 -26.49 2.94
N PHE C 86 23.52 -25.26 3.43
CA PHE C 86 24.70 -24.42 3.72
C PHE C 86 25.26 -24.84 5.06
N ASN C 87 26.57 -25.07 5.12
CA ASN C 87 27.29 -25.62 6.30
C ASN C 87 28.37 -24.63 6.75
N ARG C 88 28.05 -23.85 7.78
CA ARG C 88 28.93 -22.81 8.37
C ARG C 88 30.25 -23.39 8.92
N SER C 89 30.41 -24.70 9.10
CA SER C 89 31.70 -25.31 9.50
C SER C 89 32.77 -25.19 8.42
N PHE C 90 32.49 -24.73 7.19
CA PHE C 90 33.50 -24.49 6.11
C PHE C 90 34.01 -23.04 6.22
N ASN C 94 37.94 -17.28 3.40
CA ASN C 94 37.61 -15.84 3.66
C ASN C 94 37.38 -15.57 5.14
N ALA C 95 37.49 -14.29 5.52
CA ALA C 95 37.48 -13.79 6.91
C ALA C 95 36.04 -13.74 7.41
N THR C 96 35.83 -14.23 8.64
CA THR C 96 34.49 -14.33 9.28
C THR C 96 34.20 -13.00 9.99
N VAL C 97 34.18 -11.88 9.25
CA VAL C 97 34.30 -10.52 9.84
C VAL C 97 33.05 -10.23 10.69
N TYR C 98 31.86 -10.66 10.24
CA TYR C 98 30.56 -10.37 10.90
C TYR C 98 29.96 -11.61 11.58
N GLY C 99 30.77 -12.64 11.85
CA GLY C 99 30.37 -13.85 12.61
C GLY C 99 30.76 -15.13 11.90
N LYS C 100 30.92 -16.22 12.66
CA LYS C 100 31.25 -17.57 12.16
C LYS C 100 29.96 -18.27 11.66
N GLY C 101 29.30 -17.68 10.67
CA GLY C 101 28.09 -18.22 10.03
C GLY C 101 28.21 -18.22 8.51
N VAL C 102 27.13 -18.54 7.81
CA VAL C 102 27.07 -18.53 6.33
C VAL C 102 26.59 -17.16 5.87
N TYR C 103 27.33 -16.57 4.95
CA TYR C 103 27.11 -15.21 4.43
C TYR C 103 26.23 -15.28 3.20
N PHE C 104 25.19 -14.45 3.18
CA PHE C 104 24.33 -14.22 1.99
C PHE C 104 24.35 -12.73 1.73
N ALA C 105 24.27 -12.33 0.46
CA ALA C 105 24.29 -10.93 0.01
C ALA C 105 22.92 -10.58 -0.59
N ARG C 106 22.40 -9.38 -0.30
CA ARG C 106 21.17 -8.78 -0.87
C ARG C 106 21.41 -8.59 -2.35
N ARG C 107 22.63 -8.17 -2.73
CA ARG C 107 23.04 -7.82 -4.13
C ARG C 107 24.00 -8.87 -4.71
N ALA C 108 23.67 -9.41 -5.91
CA ALA C 108 24.48 -10.45 -6.61
C ALA C 108 25.89 -9.94 -6.90
N SER C 109 26.03 -8.63 -7.19
CA SER C 109 27.31 -7.90 -7.42
C SER C 109 28.36 -8.38 -6.42
N LEU C 110 27.94 -8.69 -5.21
CA LEU C 110 28.87 -9.04 -4.11
C LEU C 110 29.25 -10.53 -4.23
N SER C 111 28.29 -11.40 -4.54
CA SER C 111 28.42 -12.89 -4.49
C SER C 111 29.23 -13.38 -5.71
N VAL C 112 29.10 -12.64 -6.82
CA VAL C 112 29.65 -12.95 -8.17
C VAL C 112 31.15 -12.58 -8.21
N GLN C 113 31.65 -11.84 -7.23
CA GLN C 113 33.09 -11.53 -7.12
C GLN C 113 33.88 -12.84 -7.02
N ASP C 114 35.05 -12.89 -7.67
CA ASP C 114 35.94 -14.07 -7.76
C ASP C 114 36.35 -14.51 -6.33
N ARG C 115 36.41 -13.63 -5.34
CA ARG C 115 36.85 -14.07 -3.98
C ARG C 115 35.74 -14.92 -3.32
N TYR C 116 34.46 -14.77 -3.73
CA TYR C 116 33.32 -15.54 -3.12
C TYR C 116 32.91 -16.72 -4.03
N SER C 117 32.83 -16.51 -5.36
CA SER C 117 32.52 -17.54 -6.38
C SER C 117 33.72 -17.70 -7.32
N PRO C 118 34.88 -18.19 -6.85
CA PRO C 118 36.06 -18.33 -7.70
C PRO C 118 35.74 -19.28 -8.86
N PRO C 119 36.21 -18.95 -10.09
CA PRO C 119 35.89 -19.78 -11.25
C PRO C 119 36.73 -21.05 -11.22
N ASN C 120 36.23 -22.11 -11.85
CA ASN C 120 36.95 -23.38 -12.12
C ASN C 120 37.71 -23.28 -13.45
N ALA C 121 38.38 -24.36 -13.85
CA ALA C 121 39.22 -24.47 -15.07
C ALA C 121 38.43 -24.03 -16.32
N ASP C 122 37.13 -24.27 -16.41
CA ASP C 122 36.33 -23.82 -17.59
C ASP C 122 35.93 -22.35 -17.44
N GLY C 123 36.33 -21.67 -16.36
CA GLY C 123 35.96 -20.27 -16.06
C GLY C 123 34.50 -20.12 -15.57
N HIS C 124 33.90 -21.20 -15.07
CA HIS C 124 32.51 -21.24 -14.55
C HIS C 124 32.48 -20.88 -13.07
N LYS C 125 31.49 -20.05 -12.68
CA LYS C 125 31.30 -19.54 -11.30
C LYS C 125 29.92 -20.00 -10.78
N ALA C 126 29.89 -20.51 -9.55
CA ALA C 126 28.70 -21.04 -8.86
C ALA C 126 28.13 -19.95 -7.94
N VAL C 127 26.90 -19.53 -8.23
CA VAL C 127 26.13 -18.66 -7.30
C VAL C 127 24.76 -19.28 -7.04
N PHE C 128 24.49 -19.55 -5.78
CA PHE C 128 23.19 -20.08 -5.29
C PHE C 128 22.26 -18.92 -5.01
N VAL C 129 20.99 -19.11 -5.36
CA VAL C 129 19.85 -18.28 -4.89
C VAL C 129 19.16 -19.07 -3.79
N ALA C 130 18.92 -18.41 -2.66
CA ALA C 130 18.34 -19.01 -1.45
C ALA C 130 17.26 -18.09 -0.87
N ARG C 131 16.17 -18.69 -0.39
CA ARG C 131 15.24 -18.12 0.62
C ARG C 131 15.93 -18.21 1.98
N VAL C 132 16.05 -17.09 2.70
CA VAL C 132 16.77 -17.00 4.00
C VAL C 132 15.86 -16.31 5.03
N LEU C 133 15.68 -16.98 6.15
CA LEU C 133 14.93 -16.48 7.32
C LEU C 133 15.86 -15.56 8.11
N THR C 134 15.94 -14.33 7.64
CA THR C 134 16.69 -13.21 8.24
C THR C 134 16.00 -12.80 9.54
N GLY C 135 14.67 -12.77 9.55
CA GLY C 135 13.85 -12.38 10.72
C GLY C 135 14.38 -11.11 11.36
N ASP C 136 14.41 -11.05 12.69
CA ASP C 136 14.94 -9.90 13.48
C ASP C 136 16.46 -10.00 13.53
N TYR C 137 17.16 -9.16 12.76
CA TYR C 137 18.64 -9.13 12.68
C TYR C 137 19.24 -8.22 13.75
N GLY C 138 20.46 -8.54 14.15
CA GLY C 138 21.31 -7.78 15.07
C GLY C 138 22.66 -7.47 14.43
N GLN C 139 23.51 -6.74 15.14
CA GLN C 139 24.81 -6.27 14.61
C GLN C 139 25.82 -7.42 14.68
N GLY C 140 26.28 -7.89 13.54
CA GLY C 140 27.39 -8.84 13.46
C GLY C 140 28.70 -8.25 13.94
N ARG C 141 29.62 -9.13 14.30
CA ARG C 141 31.03 -8.84 14.62
C ARG C 141 31.79 -10.18 14.70
N ARG C 142 33.11 -10.13 14.66
CA ARG C 142 33.93 -11.30 14.23
C ARG C 142 33.81 -12.43 15.27
N GLY C 143 33.73 -12.09 16.56
CA GLY C 143 33.66 -13.07 17.66
C GLY C 143 32.49 -14.04 17.53
N LEU C 144 31.39 -13.63 16.88
CA LEU C 144 30.07 -14.29 16.99
C LEU C 144 30.12 -15.73 16.53
N ARG C 145 29.83 -16.65 17.47
CA ARG C 145 29.58 -18.10 17.18
C ARG C 145 28.06 -18.31 17.00
N ALA C 146 27.26 -17.27 17.22
CA ALA C 146 25.78 -17.26 17.09
C ALA C 146 25.34 -15.81 16.87
N PRO C 147 24.05 -15.53 16.56
CA PRO C 147 23.58 -14.15 16.47
C PRO C 147 23.80 -13.45 17.79
N PRO C 148 23.97 -12.11 17.82
CA PRO C 148 24.25 -11.44 19.09
C PRO C 148 23.03 -11.52 20.01
N LEU C 149 23.33 -11.51 21.31
CA LEU C 149 22.35 -11.46 22.43
C LEU C 149 21.44 -10.25 22.27
N ARG C 150 20.17 -10.36 22.66
CA ARG C 150 19.17 -9.26 22.60
C ARG C 150 19.35 -8.36 23.83
N GLY C 151 19.92 -8.90 24.91
CA GLY C 151 20.14 -8.13 26.15
C GLY C 151 18.95 -8.22 27.08
N PRO C 152 19.01 -7.54 28.23
CA PRO C 152 17.99 -7.67 29.28
C PRO C 152 16.62 -7.11 28.83
N GLY C 153 15.55 -7.72 29.32
CA GLY C 153 14.16 -7.33 28.98
C GLY C 153 13.69 -7.81 27.62
N HIS C 154 14.32 -8.81 26.98
CA HIS C 154 13.75 -9.60 25.85
C HIS C 154 13.64 -11.06 26.26
N VAL C 155 12.52 -11.69 25.95
CA VAL C 155 12.26 -13.15 26.20
C VAL C 155 13.25 -13.96 25.37
N LEU C 156 13.40 -13.61 24.09
CA LEU C 156 14.28 -14.31 23.13
C LEU C 156 15.72 -13.97 23.47
N LEU C 157 16.57 -14.99 23.53
CA LEU C 157 17.93 -14.88 24.04
C LEU C 157 18.80 -14.16 23.00
N ARG C 158 18.53 -14.41 21.69
CA ARG C 158 19.37 -13.92 20.56
C ARG C 158 18.56 -13.45 19.34
N TYR C 159 19.17 -12.60 18.50
CA TYR C 159 18.56 -12.19 17.21
C TYR C 159 18.54 -13.41 16.29
N ASP C 160 17.79 -13.31 15.21
CA ASP C 160 17.61 -14.43 14.23
C ASP C 160 18.85 -14.51 13.36
N SER C 161 19.38 -13.38 12.93
CA SER C 161 20.56 -13.30 12.05
C SER C 161 21.45 -12.16 12.52
N ALA C 162 22.58 -11.98 11.83
CA ALA C 162 23.52 -10.85 12.00
C ALA C 162 23.74 -10.20 10.63
N VAL C 163 24.03 -8.90 10.62
CA VAL C 163 24.22 -8.08 9.38
C VAL C 163 25.50 -7.25 9.52
N ASP C 164 26.02 -6.75 8.41
CA ASP C 164 27.14 -5.76 8.37
C ASP C 164 26.67 -4.51 9.13
N CYS C 165 25.52 -3.94 8.76
CA CYS C 165 25.03 -2.65 9.29
C CYS C 165 23.51 -2.67 9.44
N ILE C 166 23.04 -2.45 10.68
CA ILE C 166 21.59 -2.45 11.09
C ILE C 166 20.79 -1.53 10.16
N CYS C 167 21.34 -0.38 9.80
CA CYS C 167 20.66 0.76 9.09
C CYS C 167 20.20 0.31 7.69
N GLN C 168 21.11 0.23 6.71
CA GLN C 168 20.86 -0.46 5.43
C GLN C 168 21.79 -1.66 5.45
N PRO C 169 21.30 -2.87 5.81
CA PRO C 169 22.09 -4.10 5.71
C PRO C 169 22.17 -4.66 4.28
N SER C 170 23.37 -5.05 3.83
CA SER C 170 23.62 -5.63 2.49
C SER C 170 24.06 -7.12 2.58
N ILE C 171 24.49 -7.55 3.77
CA ILE C 171 25.04 -8.89 4.11
C ILE C 171 24.25 -9.45 5.28
N PHE C 172 23.88 -10.73 5.22
CA PHE C 172 23.24 -11.49 6.30
C PHE C 172 24.07 -12.72 6.66
N VAL C 173 24.34 -12.91 7.95
CA VAL C 173 25.09 -14.09 8.44
C VAL C 173 24.12 -14.93 9.25
N ILE C 174 23.86 -16.15 8.79
CA ILE C 174 22.88 -17.06 9.45
C ILE C 174 23.63 -18.27 10.01
N PHE C 175 23.14 -18.76 11.14
CA PHE C 175 23.87 -19.68 12.05
C PHE C 175 23.09 -20.97 12.30
N HIS C 176 22.06 -21.28 11.52
CA HIS C 176 21.33 -22.56 11.64
C HIS C 176 21.25 -23.21 10.25
N ASP C 177 21.47 -24.49 10.18
CA ASP C 177 21.49 -25.25 8.90
C ASP C 177 20.10 -25.15 8.25
N THR C 178 19.02 -24.85 8.99
CA THR C 178 17.66 -24.93 8.46
C THR C 178 17.13 -23.55 8.09
N GLN C 179 17.94 -22.52 8.29
CA GLN C 179 17.49 -21.10 8.20
C GLN C 179 17.69 -20.56 6.78
N ALA C 180 18.20 -21.36 5.85
CA ALA C 180 18.50 -20.94 4.47
C ALA C 180 18.29 -22.14 3.56
N LEU C 181 17.35 -22.01 2.62
CA LEU C 181 16.98 -23.06 1.65
C LEU C 181 17.50 -22.64 0.28
N PRO C 182 18.48 -23.35 -0.32
CA PRO C 182 18.83 -23.12 -1.71
C PRO C 182 17.63 -23.51 -2.56
N THR C 183 17.31 -22.67 -3.53
CA THR C 183 16.19 -22.85 -4.49
C THR C 183 16.75 -23.03 -5.92
N HIS C 184 17.79 -22.28 -6.29
CA HIS C 184 18.39 -22.29 -7.65
C HIS C 184 19.91 -22.20 -7.57
N LEU C 185 20.57 -22.86 -8.51
CA LEU C 185 22.03 -22.68 -8.76
C LEU C 185 22.19 -21.94 -10.07
N ILE C 186 22.74 -20.73 -10.00
CA ILE C 186 23.16 -19.95 -11.21
C ILE C 186 24.62 -20.27 -11.49
N THR C 187 24.90 -20.84 -12.66
CA THR C 187 26.28 -20.99 -13.20
C THR C 187 26.52 -19.83 -14.16
N CYS C 188 27.53 -19.00 -13.89
CA CYS C 188 27.84 -17.80 -14.69
C CYS C 188 29.36 -17.73 -14.96
N GLU C 189 29.75 -16.90 -15.91
CA GLU C 189 31.17 -16.62 -16.25
C GLU C 189 31.31 -15.13 -16.60
N HIS C 190 32.51 -14.57 -16.46
CA HIS C 190 32.90 -13.28 -17.06
C HIS C 190 33.03 -13.49 -18.58
N VAL C 191 32.42 -12.64 -19.41
CA VAL C 191 32.72 -12.61 -20.88
C VAL C 191 34.05 -11.86 -21.03
N SER D 1 -43.50 -38.18 16.22
CA SER D 1 -43.37 -38.49 14.76
C SER D 1 -44.12 -39.79 14.39
N MET D 2 -44.85 -40.43 15.32
CA MET D 2 -45.85 -41.50 15.03
C MET D 2 -47.28 -40.93 15.10
N ASN D 3 -47.51 -39.84 15.87
CA ASN D 3 -48.85 -39.24 16.19
C ASN D 3 -48.91 -37.80 15.64
N LEU D 4 -48.27 -37.61 14.48
CA LEU D 4 -48.33 -36.40 13.61
C LEU D 4 -49.17 -36.72 12.39
N GLU D 5 -49.92 -35.75 11.88
CA GLU D 5 -50.78 -35.92 10.69
C GLU D 5 -50.66 -34.65 9.86
N ARG D 6 -50.20 -34.78 8.60
CA ARG D 6 -50.02 -33.66 7.65
C ARG D 6 -51.40 -33.12 7.27
N LEU D 7 -51.59 -31.80 7.28
CA LEU D 7 -52.83 -31.10 6.85
C LEU D 7 -52.63 -30.59 5.42
N ALA D 8 -53.61 -30.78 4.53
CA ALA D 8 -53.59 -30.25 3.14
C ALA D 8 -53.72 -28.72 3.20
N GLU D 9 -53.08 -27.98 2.28
CA GLU D 9 -53.07 -26.50 2.24
C GLU D 9 -54.49 -25.92 2.10
N ASN D 10 -55.40 -26.67 1.44
CA ASN D 10 -56.74 -26.17 1.02
C ASN D 10 -57.81 -26.49 2.08
N THR D 11 -57.46 -26.56 3.38
CA THR D 11 -58.37 -26.91 4.50
C THR D 11 -58.51 -25.73 5.45
N GLY D 12 -59.67 -25.65 6.12
CA GLY D 12 -59.96 -24.63 7.14
C GLY D 12 -58.89 -24.61 8.21
N GLU D 13 -58.50 -25.78 8.72
CA GLU D 13 -57.55 -25.91 9.87
C GLU D 13 -56.18 -25.38 9.47
N PHE D 14 -55.66 -25.80 8.32
CA PHE D 14 -54.36 -25.33 7.77
C PHE D 14 -54.33 -23.80 7.69
N GLN D 15 -55.41 -23.21 7.20
CA GLN D 15 -55.55 -21.75 6.95
C GLN D 15 -55.60 -20.98 8.29
N GLU D 16 -56.45 -21.42 9.23
CA GLU D 16 -56.52 -20.82 10.60
C GLU D 16 -55.08 -20.70 11.10
N VAL D 17 -54.37 -21.81 11.16
CA VAL D 17 -53.04 -21.91 11.85
C VAL D 17 -52.05 -20.96 11.18
N VAL D 18 -52.00 -21.04 9.85
CA VAL D 18 -51.01 -20.31 9.02
C VAL D 18 -51.28 -18.82 9.13
N ARG D 19 -52.55 -18.41 9.03
CA ARG D 19 -52.98 -16.97 9.09
C ARG D 19 -52.49 -16.37 10.42
N ALA D 20 -52.76 -17.06 11.55
CA ALA D 20 -52.39 -16.63 12.91
C ALA D 20 -50.86 -16.51 13.02
N PHE D 21 -50.13 -17.44 12.40
CA PHE D 21 -48.64 -17.48 12.33
C PHE D 21 -48.12 -16.21 11.63
N TYR D 22 -48.63 -15.91 10.44
CA TYR D 22 -48.20 -14.74 9.62
C TYR D 22 -48.63 -13.44 10.33
N ASP D 23 -49.84 -13.37 10.89
CA ASP D 23 -50.34 -12.17 11.62
C ASP D 23 -49.35 -11.73 12.70
N THR D 24 -48.63 -12.66 13.34
CA THR D 24 -47.80 -12.34 14.54
C THR D 24 -46.31 -12.43 14.19
N LEU D 25 -46.00 -12.53 12.90
CA LEU D 25 -44.62 -12.77 12.40
C LEU D 25 -43.84 -11.45 12.31
N ASP D 26 -44.54 -10.31 12.26
CA ASP D 26 -43.96 -8.94 12.44
C ASP D 26 -42.73 -8.76 11.53
N ALA D 27 -41.61 -8.31 12.13
CA ALA D 27 -40.27 -8.15 11.52
C ALA D 27 -40.14 -9.10 10.32
N ALA D 28 -40.35 -10.41 10.52
CA ALA D 28 -40.03 -11.45 9.54
C ALA D 28 -41.28 -12.02 8.85
N ARG D 29 -42.33 -11.23 8.60
CA ARG D 29 -43.55 -11.74 7.91
C ARG D 29 -43.23 -12.15 6.46
N SER D 30 -42.27 -11.49 5.80
CA SER D 30 -41.98 -11.68 4.36
C SER D 30 -40.69 -12.49 4.14
N SER D 31 -39.84 -12.70 5.15
CA SER D 31 -38.65 -13.61 5.10
C SER D 31 -39.03 -15.08 5.35
N ILE D 32 -40.14 -15.38 6.03
CA ILE D 32 -40.46 -16.76 6.51
C ILE D 32 -41.51 -17.42 5.60
N ARG D 33 -41.24 -18.66 5.21
CA ARG D 33 -42.13 -19.53 4.37
C ARG D 33 -42.56 -20.74 5.22
N VAL D 34 -43.80 -21.22 5.02
CA VAL D 34 -44.31 -22.46 5.67
C VAL D 34 -44.11 -23.65 4.71
N VAL D 35 -43.45 -24.70 5.18
CA VAL D 35 -43.14 -25.95 4.41
C VAL D 35 -44.28 -26.96 4.56
N ARG D 36 -44.85 -27.06 5.76
CA ARG D 36 -45.64 -28.22 6.25
C ARG D 36 -46.35 -27.75 7.52
N VAL D 37 -47.59 -28.21 7.72
CA VAL D 37 -48.28 -28.08 9.03
C VAL D 37 -48.85 -29.44 9.39
N GLU D 38 -48.57 -29.90 10.60
CA GLU D 38 -48.99 -31.23 11.11
C GLU D 38 -49.83 -31.03 12.38
N ARG D 39 -50.96 -31.75 12.48
CA ARG D 39 -51.78 -31.90 13.71
C ARG D 39 -51.05 -32.85 14.66
N VAL D 40 -50.97 -32.47 15.94
CA VAL D 40 -50.41 -33.31 17.05
C VAL D 40 -51.56 -33.92 17.84
N SER D 41 -51.57 -35.23 18.03
CA SER D 41 -52.57 -35.94 18.87
C SER D 41 -51.88 -36.61 20.06
N HIS D 42 -52.29 -36.27 21.28
CA HIS D 42 -51.83 -36.88 22.54
C HIS D 42 -53.04 -37.02 23.47
N PRO D 43 -53.87 -38.07 23.26
CA PRO D 43 -55.13 -38.22 24.00
C PRO D 43 -54.91 -38.09 25.52
N LEU D 44 -53.91 -38.77 26.06
CA LEU D 44 -53.62 -38.76 27.54
C LEU D 44 -53.31 -37.32 28.00
N LEU D 45 -52.33 -36.65 27.39
CA LEU D 45 -51.95 -35.29 27.82
C LEU D 45 -53.20 -34.39 27.69
N GLN D 46 -53.94 -34.53 26.60
CA GLN D 46 -55.15 -33.71 26.38
C GLN D 46 -56.13 -33.88 27.56
N GLN D 47 -56.36 -35.10 28.03
CA GLN D 47 -57.26 -35.33 29.19
C GLN D 47 -56.66 -34.67 30.44
N GLN D 48 -55.37 -34.89 30.68
CA GLN D 48 -54.68 -34.29 31.86
C GLN D 48 -54.81 -32.75 31.78
N TYR D 49 -54.63 -32.18 30.59
CA TYR D 49 -54.79 -30.73 30.30
C TYR D 49 -56.21 -30.22 30.58
N GLU D 50 -57.23 -30.95 30.12
CA GLU D 50 -58.67 -30.55 30.28
C GLU D 50 -59.02 -30.48 31.78
N LEU D 51 -58.50 -31.41 32.59
CA LEU D 51 -58.71 -31.43 34.05
C LEU D 51 -58.10 -30.18 34.70
N TYR D 52 -56.89 -29.81 34.30
CA TYR D 52 -56.21 -28.60 34.84
C TYR D 52 -57.05 -27.40 34.41
N ARG D 53 -57.51 -27.39 33.14
CA ARG D 53 -58.27 -26.24 32.60
C ARG D 53 -59.51 -26.00 33.44
N GLU D 54 -60.22 -27.07 33.83
CA GLU D 54 -61.46 -27.03 34.66
C GLU D 54 -61.12 -26.38 36.00
N ARG D 55 -60.03 -26.80 36.68
CA ARG D 55 -59.63 -26.16 37.97
C ARG D 55 -59.39 -24.66 37.77
N LEU D 56 -58.80 -24.23 36.65
CA LEU D 56 -58.45 -22.81 36.46
C LEU D 56 -59.70 -22.02 36.11
N LEU D 57 -60.57 -22.58 35.26
CA LEU D 57 -61.81 -21.91 34.84
C LEU D 57 -62.67 -21.64 36.07
N GLN D 58 -62.55 -22.47 37.11
CA GLN D 58 -63.40 -22.40 38.34
C GLN D 58 -62.90 -21.33 39.32
N ARG D 59 -61.69 -20.77 39.15
CA ARG D 59 -61.04 -20.02 40.26
C ARG D 59 -60.13 -18.85 39.82
N CYS D 60 -59.87 -18.62 38.54
CA CYS D 60 -58.96 -17.53 38.11
C CYS D 60 -59.64 -16.17 38.06
N GLU D 61 -58.94 -15.13 38.52
CA GLU D 61 -59.28 -13.70 38.25
C GLU D 61 -59.16 -13.47 36.73
N ARG D 62 -57.94 -13.53 36.17
CA ARG D 62 -57.64 -13.07 34.78
C ARG D 62 -58.45 -13.90 33.77
N ARG D 63 -58.70 -13.31 32.62
CA ARG D 63 -59.34 -13.96 31.45
C ARG D 63 -58.59 -13.49 30.22
N PRO D 64 -58.33 -14.39 29.25
CA PRO D 64 -58.73 -15.79 29.38
C PRO D 64 -57.72 -16.56 30.24
N VAL D 65 -58.10 -17.76 30.62
CA VAL D 65 -57.27 -18.69 31.44
C VAL D 65 -56.33 -19.45 30.48
N GLU D 66 -56.78 -19.61 29.23
CA GLU D 66 -56.14 -20.39 28.16
C GLU D 66 -55.76 -19.45 27.01
N GLN D 67 -54.58 -19.64 26.43
CA GLN D 67 -54.09 -18.86 25.26
C GLN D 67 -53.39 -19.81 24.28
N VAL D 68 -53.52 -19.53 22.97
CA VAL D 68 -52.74 -20.19 21.88
C VAL D 68 -51.35 -19.50 21.82
N LEU D 69 -50.27 -20.25 21.95
CA LEU D 69 -48.89 -19.69 22.01
C LEU D 69 -47.95 -20.55 21.17
N TYR D 70 -46.79 -19.97 20.79
CA TYR D 70 -45.77 -20.58 19.89
C TYR D 70 -44.57 -21.01 20.73
N HIS D 71 -44.02 -22.17 20.40
CA HIS D 71 -42.74 -22.71 20.95
C HIS D 71 -41.88 -23.18 19.77
N GLY D 72 -40.85 -22.40 19.45
CA GLY D 72 -39.76 -22.87 18.59
C GLY D 72 -38.94 -23.93 19.31
N THR D 73 -38.37 -24.88 18.58
CA THR D 73 -37.49 -25.92 19.17
C THR D 73 -36.55 -26.46 18.09
N THR D 74 -35.62 -27.34 18.50
CA THR D 74 -34.66 -28.03 17.59
C THR D 74 -35.35 -29.23 16.97
N ALA D 75 -34.92 -29.64 15.79
CA ALA D 75 -35.40 -30.85 15.07
C ALA D 75 -35.39 -32.05 16.00
N PRO D 76 -34.27 -32.36 16.70
CA PRO D 76 -34.23 -33.56 17.55
C PRO D 76 -35.28 -33.56 18.67
N ALA D 77 -35.74 -32.39 19.13
CA ALA D 77 -36.73 -32.26 20.23
C ALA D 77 -38.14 -32.61 19.74
N VAL D 78 -38.43 -32.49 18.45
CA VAL D 78 -39.81 -32.69 17.91
C VAL D 78 -40.40 -34.04 18.39
N PRO D 79 -39.76 -35.21 18.17
CA PRO D 79 -40.34 -36.48 18.61
C PRO D 79 -40.73 -36.51 20.10
N ASP D 80 -39.87 -35.98 20.97
CA ASP D 80 -40.10 -35.99 22.44
C ASP D 80 -41.37 -35.21 22.73
N ILE D 81 -41.52 -34.01 22.17
CA ILE D 81 -42.70 -33.14 22.47
C ILE D 81 -43.97 -33.87 22.01
N CYS D 82 -43.91 -34.59 20.89
CA CYS D 82 -45.07 -35.30 20.30
C CYS D 82 -45.45 -36.50 21.16
N ALA D 83 -44.47 -37.06 21.87
CA ALA D 83 -44.61 -38.30 22.66
C ALA D 83 -45.01 -37.99 24.10
N HIS D 84 -44.51 -36.89 24.67
CA HIS D 84 -44.51 -36.62 26.15
C HIS D 84 -45.07 -35.23 26.51
N GLY D 85 -45.28 -34.34 25.55
CA GLY D 85 -45.45 -32.89 25.74
C GLY D 85 -44.15 -32.17 26.07
N PHE D 86 -44.26 -30.93 26.54
CA PHE D 86 -43.11 -30.03 26.81
C PHE D 86 -42.48 -30.41 28.13
N ASN D 87 -41.16 -30.58 28.13
CA ASN D 87 -40.35 -31.10 29.27
C ASN D 87 -39.32 -30.03 29.64
N ARG D 88 -39.63 -29.27 30.70
CA ARG D 88 -38.77 -28.18 31.22
C ARG D 88 -37.35 -28.63 31.62
N SER D 89 -37.10 -29.93 31.81
CA SER D 89 -35.76 -30.44 32.14
C SER D 89 -34.77 -30.30 30.97
N PHE D 90 -35.17 -29.92 29.74
CA PHE D 90 -34.24 -29.75 28.58
C PHE D 90 -33.55 -28.35 28.56
N CYS D 91 -33.19 -27.80 29.73
CA CYS D 91 -32.28 -26.63 29.94
C CYS D 91 -30.82 -27.02 29.61
N ASN D 94 -30.17 -22.06 25.84
CA ASN D 94 -30.47 -20.63 26.14
C ASN D 94 -30.41 -20.34 27.63
N ALA D 95 -30.39 -19.05 28.00
CA ALA D 95 -30.52 -18.57 29.41
C ALA D 95 -31.98 -18.64 29.84
N THR D 96 -32.22 -19.18 31.04
CA THR D 96 -33.57 -19.35 31.65
C THR D 96 -33.94 -18.05 32.37
N VAL D 97 -34.04 -16.94 31.63
CA VAL D 97 -33.97 -15.56 32.21
C VAL D 97 -35.18 -15.33 33.14
N TYR D 98 -36.36 -15.83 32.78
CA TYR D 98 -37.65 -15.59 33.51
C TYR D 98 -38.12 -16.86 34.23
N GLY D 99 -37.26 -17.85 34.45
CA GLY D 99 -37.56 -19.07 35.22
C GLY D 99 -37.13 -20.34 34.51
N LYS D 100 -36.85 -21.41 35.27
CA LYS D 100 -36.46 -22.75 34.75
C LYS D 100 -37.74 -23.51 34.36
N GLY D 101 -38.48 -23.00 33.38
CA GLY D 101 -39.69 -23.61 32.83
C GLY D 101 -39.64 -23.62 31.30
N VAL D 102 -40.74 -24.02 30.68
CA VAL D 102 -40.89 -24.00 29.20
C VAL D 102 -41.44 -22.65 28.76
N TYR D 103 -40.80 -22.03 27.81
CA TYR D 103 -41.10 -20.68 27.28
C TYR D 103 -42.04 -20.81 26.08
N PHE D 104 -43.12 -20.04 26.11
CA PHE D 104 -44.04 -19.88 24.96
C PHE D 104 -44.13 -18.38 24.68
N ALA D 105 -44.30 -17.99 23.43
CA ALA D 105 -44.38 -16.59 22.97
C ALA D 105 -45.78 -16.31 22.43
N ARG D 106 -46.34 -15.12 22.76
CA ARG D 106 -47.64 -14.60 22.28
C ARG D 106 -47.51 -14.39 20.77
N ARG D 107 -46.34 -13.89 20.33
CA ARG D 107 -46.03 -13.53 18.91
C ARG D 107 -45.03 -14.53 18.29
N ALA D 108 -45.36 -15.09 17.13
CA ALA D 108 -44.52 -16.09 16.39
C ALA D 108 -43.15 -15.48 16.05
N SER D 109 -43.10 -14.18 15.74
CA SER D 109 -41.88 -13.38 15.47
C SER D 109 -40.76 -13.80 16.43
N LEU D 110 -41.12 -14.11 17.66
CA LEU D 110 -40.13 -14.40 18.72
C LEU D 110 -39.68 -15.86 18.60
N SER D 111 -40.60 -16.79 18.33
CA SER D 111 -40.37 -18.26 18.35
C SER D 111 -39.57 -18.71 17.13
N VAL D 112 -39.77 -17.99 16.03
CA VAL D 112 -39.24 -18.26 14.66
C VAL D 112 -37.77 -17.80 14.58
N GLN D 113 -37.30 -17.02 15.54
CA GLN D 113 -35.87 -16.62 15.63
C GLN D 113 -35.01 -17.87 15.73
N ASP D 114 -33.85 -17.84 15.07
CA ASP D 114 -32.88 -18.96 14.95
C ASP D 114 -32.42 -19.39 16.37
N ARG D 115 -32.39 -18.50 17.36
CA ARG D 115 -31.90 -18.94 18.71
C ARG D 115 -32.95 -19.84 19.39
N TYR D 116 -34.23 -19.79 19.01
CA TYR D 116 -35.30 -20.61 19.63
C TYR D 116 -35.66 -21.83 18.74
N SER D 117 -35.79 -21.63 17.43
CA SER D 117 -36.04 -22.68 16.42
C SER D 117 -34.86 -22.75 15.44
N PRO D 118 -33.65 -23.16 15.88
CA PRO D 118 -32.49 -23.21 14.98
C PRO D 118 -32.77 -24.15 13.83
N PRO D 119 -32.39 -23.79 12.58
CA PRO D 119 -32.69 -24.62 11.42
C PRO D 119 -31.76 -25.82 11.39
N ASN D 120 -32.23 -26.93 10.80
CA ASN D 120 -31.45 -28.17 10.56
C ASN D 120 -30.76 -28.07 9.18
N ALA D 121 -30.07 -29.14 8.78
CA ALA D 121 -29.27 -29.23 7.53
C ALA D 121 -30.10 -28.83 6.31
N ASP D 122 -31.41 -29.14 6.26
CA ASP D 122 -32.28 -28.74 5.11
C ASP D 122 -32.74 -27.29 5.25
N GLY D 123 -32.34 -26.58 6.30
CA GLY D 123 -32.78 -25.19 6.60
C GLY D 123 -34.20 -25.12 7.14
N HIS D 124 -34.73 -26.21 7.69
CA HIS D 124 -36.11 -26.32 8.25
C HIS D 124 -36.09 -25.95 9.74
N LYS D 125 -37.10 -25.17 10.16
CA LYS D 125 -37.29 -24.68 11.54
C LYS D 125 -38.61 -25.23 12.11
N ALA D 126 -38.55 -25.76 13.34
CA ALA D 126 -39.68 -26.41 14.06
C ALA D 126 -40.32 -25.41 15.01
N VAL D 127 -41.57 -25.07 14.76
CA VAL D 127 -42.38 -24.21 15.68
C VAL D 127 -43.71 -24.91 15.98
N PHE D 128 -43.93 -25.20 17.26
CA PHE D 128 -45.18 -25.79 17.79
C PHE D 128 -46.17 -24.67 18.07
N VAL D 129 -47.43 -24.92 17.75
CA VAL D 129 -48.59 -24.16 18.28
C VAL D 129 -49.20 -24.99 19.42
N ALA D 130 -49.41 -24.34 20.55
CA ALA D 130 -49.88 -24.98 21.80
C ALA D 130 -50.98 -24.13 22.44
N ARG D 131 -52.02 -24.80 22.95
CA ARG D 131 -52.94 -24.26 23.99
C ARG D 131 -52.22 -24.31 25.33
N VAL D 132 -52.13 -23.18 26.03
CA VAL D 132 -51.36 -23.05 27.30
C VAL D 132 -52.25 -22.40 28.36
N LEU D 133 -52.36 -23.08 29.50
CA LEU D 133 -53.05 -22.58 30.69
C LEU D 133 -52.13 -21.61 31.43
N THR D 134 -52.12 -20.37 30.95
CA THR D 134 -51.40 -19.22 31.53
C THR D 134 -52.05 -18.83 32.86
N GLY D 135 -53.38 -18.89 32.93
CA GLY D 135 -54.17 -18.49 34.12
C GLY D 135 -53.69 -17.18 34.72
N ASP D 136 -53.62 -17.09 36.04
CA ASP D 136 -53.12 -15.90 36.79
C ASP D 136 -51.59 -15.91 36.79
N TYR D 137 -50.97 -15.05 36.00
CA TYR D 137 -49.49 -14.97 35.84
C TYR D 137 -48.87 -14.01 36.85
N GLY D 138 -47.61 -14.28 37.19
CA GLY D 138 -46.75 -13.48 38.08
C GLY D 138 -45.45 -13.10 37.39
N GLN D 139 -44.60 -12.34 38.06
CA GLN D 139 -43.36 -11.79 37.47
C GLN D 139 -42.27 -12.85 37.54
N GLY D 140 -41.85 -13.33 36.36
CA GLY D 140 -40.70 -14.23 36.26
C GLY D 140 -39.39 -13.56 36.66
N ARG D 141 -38.41 -14.39 36.98
CA ARG D 141 -36.99 -14.02 37.17
C ARG D 141 -36.17 -15.31 37.21
N ARG D 142 -34.84 -15.21 37.09
CA ARG D 142 -34.01 -16.34 36.60
C ARG D 142 -34.01 -17.50 37.62
N GLY D 143 -34.00 -17.18 38.91
CA GLY D 143 -33.95 -18.19 39.98
C GLY D 143 -35.10 -19.19 39.92
N LEU D 144 -36.26 -18.82 39.36
CA LEU D 144 -37.56 -19.51 39.62
C LEU D 144 -37.50 -20.96 39.15
N ARG D 145 -37.69 -21.88 40.09
CA ARG D 145 -37.89 -23.32 39.86
C ARG D 145 -39.40 -23.60 39.78
N ALA D 146 -40.24 -22.59 40.02
CA ALA D 146 -41.72 -22.65 39.95
C ALA D 146 -42.25 -21.24 39.74
N PRO D 147 -43.58 -21.04 39.49
CA PRO D 147 -44.13 -19.69 39.40
C PRO D 147 -43.90 -18.97 40.73
N PRO D 148 -43.79 -17.63 40.75
CA PRO D 148 -43.49 -16.94 41.99
C PRO D 148 -44.67 -17.07 42.96
N LEU D 149 -44.34 -17.03 44.24
CA LEU D 149 -45.29 -17.03 45.37
C LEU D 149 -46.27 -15.85 45.23
N ARG D 150 -47.51 -16.04 45.67
CA ARG D 150 -48.55 -14.98 45.65
C ARG D 150 -48.37 -14.06 46.86
N GLY D 151 -47.75 -14.56 47.91
CA GLY D 151 -47.52 -13.79 49.14
C GLY D 151 -48.68 -13.96 50.11
N PRO D 152 -48.59 -13.29 51.28
CA PRO D 152 -49.59 -13.47 52.35
C PRO D 152 -50.96 -12.91 51.95
N GLY D 153 -52.02 -13.54 52.47
CA GLY D 153 -53.42 -13.17 52.19
C GLY D 153 -53.94 -13.66 50.84
N HIS D 154 -53.30 -14.65 50.18
CA HIS D 154 -53.90 -15.46 49.10
C HIS D 154 -53.88 -16.93 49.54
N VAL D 155 -54.98 -17.66 49.32
CA VAL D 155 -55.08 -19.11 49.63
C VAL D 155 -54.09 -19.87 48.74
N LEU D 156 -54.05 -19.54 47.46
CA LEU D 156 -53.21 -20.22 46.46
C LEU D 156 -51.75 -19.83 46.69
N LEU D 157 -50.87 -20.82 46.71
CA LEU D 157 -49.49 -20.64 47.18
C LEU D 157 -48.69 -19.88 46.11
N ARG D 158 -48.98 -20.14 44.82
CA ARG D 158 -48.20 -19.62 43.65
C ARG D 158 -49.08 -19.21 42.47
N TYR D 159 -48.56 -18.34 41.61
CA TYR D 159 -49.22 -17.97 40.35
C TYR D 159 -49.20 -19.20 39.43
N ASP D 160 -50.01 -19.16 38.38
CA ASP D 160 -50.18 -20.30 37.44
C ASP D 160 -48.97 -20.34 36.51
N SER D 161 -48.52 -19.19 36.04
CA SER D 161 -47.37 -19.06 35.13
C SER D 161 -46.51 -17.87 35.58
N ALA D 162 -45.41 -17.66 34.85
CA ALA D 162 -44.54 -16.47 34.97
C ALA D 162 -44.41 -15.83 33.60
N VAL D 163 -44.18 -14.51 33.56
CA VAL D 163 -44.10 -13.70 32.31
C VAL D 163 -42.87 -12.78 32.38
N ASP D 164 -42.44 -12.25 31.24
CA ASP D 164 -41.41 -11.18 31.14
C ASP D 164 -41.89 -9.98 31.94
N CYS D 165 -43.09 -9.49 31.65
CA CYS D 165 -43.63 -8.22 32.22
C CYS D 165 -45.14 -8.36 32.45
N ILE D 166 -45.56 -8.18 33.72
CA ILE D 166 -46.98 -8.27 34.18
C ILE D 166 -47.87 -7.37 33.31
N CYS D 167 -47.40 -6.18 32.96
CA CYS D 167 -48.17 -5.08 32.28
C CYS D 167 -48.63 -5.54 30.88
N GLN D 168 -47.76 -5.59 29.87
CA GLN D 168 -48.03 -6.27 28.59
C GLN D 168 -47.06 -7.45 28.53
N PRO D 169 -47.48 -8.67 28.91
CA PRO D 169 -46.65 -9.86 28.75
C PRO D 169 -46.61 -10.42 27.32
N SER D 170 -45.43 -10.77 26.83
CA SER D 170 -45.20 -11.34 25.46
C SER D 170 -44.64 -12.78 25.55
N ILE D 171 -44.13 -13.18 26.71
CA ILE D 171 -43.48 -14.48 27.02
C ILE D 171 -44.20 -15.09 28.23
N PHE D 172 -44.50 -16.39 28.19
CA PHE D 172 -45.06 -17.16 29.32
C PHE D 172 -44.18 -18.36 29.63
N VAL D 173 -43.83 -18.51 30.90
CA VAL D 173 -43.00 -19.65 31.36
C VAL D 173 -43.89 -20.55 32.21
N ILE D 174 -44.09 -21.79 31.77
CA ILE D 174 -45.00 -22.75 32.47
C ILE D 174 -44.16 -23.91 33.03
N PHE D 175 -44.56 -24.41 34.18
CA PHE D 175 -43.75 -25.27 35.07
C PHE D 175 -44.47 -26.60 35.37
N HIS D 176 -45.52 -26.96 34.65
CA HIS D 176 -46.18 -28.28 34.80
C HIS D 176 -46.30 -28.95 33.43
N ASP D 177 -46.02 -30.24 33.38
CA ASP D 177 -46.03 -31.01 32.13
C ASP D 177 -47.43 -30.98 31.49
N THR D 178 -48.49 -30.72 32.27
CA THR D 178 -49.87 -30.89 31.79
C THR D 178 -50.48 -29.55 31.43
N GLN D 179 -49.73 -28.47 31.58
CA GLN D 179 -50.25 -27.09 31.49
C GLN D 179 -50.13 -26.55 30.08
N ALA D 180 -49.60 -27.34 29.12
CA ALA D 180 -49.38 -26.90 27.73
C ALA D 180 -49.57 -28.09 26.81
N LEU D 181 -50.53 -28.00 25.90
CA LEU D 181 -50.90 -29.07 24.95
C LEU D 181 -50.47 -28.64 23.56
N PRO D 182 -49.47 -29.31 22.94
CA PRO D 182 -49.18 -29.07 21.54
C PRO D 182 -50.38 -29.54 20.72
N THR D 183 -50.78 -28.72 19.75
CA THR D 183 -51.92 -28.99 18.83
C THR D 183 -51.40 -29.12 17.39
N HIS D 184 -50.42 -28.30 16.99
CA HIS D 184 -49.87 -28.30 15.60
C HIS D 184 -48.35 -28.10 15.61
N LEU D 185 -47.69 -28.72 14.64
CA LEU D 185 -46.26 -28.47 14.35
C LEU D 185 -46.16 -27.71 13.04
N ILE D 186 -45.69 -26.48 13.09
CA ILE D 186 -45.35 -25.66 11.88
C ILE D 186 -43.88 -25.90 11.56
N THR D 187 -43.59 -26.44 10.37
CA THR D 187 -42.22 -26.50 9.78
C THR D 187 -42.11 -25.31 8.82
N CYS D 188 -41.16 -24.41 9.07
CA CYS D 188 -40.96 -23.19 8.26
C CYS D 188 -39.46 -23.01 7.97
N GLU D 189 -39.12 -22.14 7.03
CA GLU D 189 -37.74 -21.80 6.63
C GLU D 189 -37.68 -20.31 6.31
N HIS D 190 -36.49 -19.70 6.41
CA HIS D 190 -36.17 -18.38 5.79
C HIS D 190 -36.09 -18.59 4.27
N VAL D 191 -36.76 -17.77 3.46
CA VAL D 191 -36.51 -17.72 1.99
C VAL D 191 -35.25 -16.88 1.80
N SER E 1 -15.49 3.92 3.75
CA SER E 1 -15.68 5.40 3.76
C SER E 1 -14.83 6.08 4.85
N MET E 2 -13.92 5.35 5.52
CA MET E 2 -12.89 5.91 6.45
C MET E 2 -11.50 5.94 5.78
N ASN E 3 -11.29 5.18 4.69
CA ASN E 3 -10.04 5.05 3.87
C ASN E 3 -10.28 5.63 2.45
N LEU E 4 -11.13 6.67 2.38
CA LEU E 4 -11.36 7.52 1.17
C LEU E 4 -10.69 8.86 1.41
N GLU E 5 -10.15 9.46 0.35
CA GLU E 5 -9.51 10.78 0.41
C GLU E 5 -9.94 11.57 -0.82
N ARG E 6 -10.59 12.72 -0.63
CA ARG E 6 -11.09 13.63 -1.70
C ARG E 6 -9.87 14.23 -2.41
N LEU E 7 -9.84 14.22 -3.73
CA LEU E 7 -8.79 14.83 -4.59
C LEU E 7 -9.29 16.18 -5.09
N ALA E 8 -8.47 17.24 -4.97
CA ALA E 8 -8.79 18.58 -5.51
C ALA E 8 -8.78 18.53 -7.04
N GLU E 9 -9.64 19.32 -7.70
CA GLU E 9 -9.80 19.34 -9.18
C GLU E 9 -8.49 19.71 -9.88
N ASN E 10 -7.65 20.52 -9.23
CA ASN E 10 -6.43 21.14 -9.82
C ASN E 10 -5.18 20.28 -9.57
N THR E 11 -5.30 18.95 -9.48
CA THR E 11 -4.17 18.00 -9.23
C THR E 11 -3.98 17.07 -10.43
N GLY E 12 -2.75 16.58 -10.61
CA GLY E 12 -2.37 15.65 -11.67
C GLY E 12 -3.26 14.41 -11.63
N GLU E 13 -3.44 13.85 -10.44
CA GLU E 13 -4.16 12.56 -10.23
C GLU E 13 -5.63 12.72 -10.62
N PHE E 14 -6.29 13.78 -10.14
CA PHE E 14 -7.70 14.09 -10.47
C PHE E 14 -7.89 14.15 -11.98
N GLN E 15 -6.97 14.82 -12.68
CA GLN E 15 -7.03 15.06 -14.14
C GLN E 15 -6.85 13.74 -14.92
N GLU E 16 -5.82 12.96 -14.58
CA GLU E 16 -5.59 11.62 -15.20
C GLU E 16 -6.94 10.88 -15.17
N VAL E 17 -7.50 10.71 -13.98
CA VAL E 17 -8.66 9.80 -13.74
C VAL E 17 -9.86 10.29 -14.56
N VAL E 18 -10.13 11.58 -14.46
CA VAL E 18 -11.31 12.23 -15.07
C VAL E 18 -11.19 12.16 -16.59
N ARG E 19 -10.01 12.45 -17.15
CA ARG E 19 -9.73 12.43 -18.61
C ARG E 19 -10.07 11.04 -19.16
N ALA E 20 -9.55 9.98 -18.50
CA ALA E 20 -9.76 8.56 -18.87
C ALA E 20 -11.26 8.23 -18.84
N PHE E 21 -11.98 8.75 -17.83
CA PHE E 21 -13.44 8.60 -17.62
C PHE E 21 -14.20 9.20 -18.83
N TYR E 22 -13.90 10.44 -19.20
CA TYR E 22 -14.58 11.18 -20.30
C TYR E 22 -14.20 10.53 -21.65
N ASP E 23 -12.93 10.16 -21.85
CA ASP E 23 -12.46 9.49 -23.10
C ASP E 23 -13.33 8.28 -23.43
N THR E 24 -13.84 7.55 -22.44
CA THR E 24 -14.51 6.24 -22.66
C THR E 24 -16.03 6.37 -22.41
N LEU E 25 -16.51 7.60 -22.28
CA LEU E 25 -17.91 7.89 -21.88
C LEU E 25 -18.83 7.86 -23.13
N ASP E 26 -18.27 7.99 -24.33
CA ASP E 26 -18.95 7.71 -25.63
C ASP E 26 -20.32 8.42 -25.68
N ALA E 27 -21.38 7.65 -26.00
CA ALA E 27 -22.81 8.07 -26.03
C ALA E 27 -23.01 9.26 -25.08
N ALA E 28 -22.65 9.11 -23.80
CA ALA E 28 -23.02 10.06 -22.74
C ALA E 28 -21.82 10.93 -22.30
N ARG E 29 -20.91 11.32 -23.20
CA ARG E 29 -19.74 12.17 -22.80
C ARG E 29 -20.20 13.55 -22.30
N SER E 30 -21.31 14.09 -22.84
CA SER E 30 -21.75 15.49 -22.56
C SER E 30 -22.94 15.53 -21.58
N SER E 31 -23.63 14.40 -21.32
CA SER E 31 -24.74 14.29 -20.33
C SER E 31 -24.21 14.05 -18.91
N ILE E 32 -22.99 13.52 -18.72
CA ILE E 32 -22.46 13.08 -17.40
C ILE E 32 -21.48 14.13 -16.85
N ARG E 33 -21.67 14.50 -15.59
CA ARG E 33 -20.85 15.48 -14.83
C ARG E 33 -20.16 14.73 -13.67
N VAL E 34 -18.94 15.12 -13.34
CA VAL E 34 -18.19 14.57 -12.17
C VAL E 34 -18.40 15.50 -10.97
N VAL E 35 -18.87 14.94 -9.84
CA VAL E 35 -19.17 15.66 -8.58
C VAL E 35 -17.92 15.70 -7.69
N ARG E 36 -17.19 14.60 -7.65
CA ARG E 36 -16.17 14.27 -6.63
C ARG E 36 -15.34 13.12 -7.19
N VAL E 37 -14.03 13.10 -6.88
CA VAL E 37 -13.18 11.90 -7.07
C VAL E 37 -12.43 11.65 -5.76
N GLU E 38 -12.46 10.42 -5.28
CA GLU E 38 -11.78 10.00 -4.03
C GLU E 38 -10.77 8.89 -4.35
N ARG E 39 -9.57 9.00 -3.78
CA ARG E 39 -8.55 7.92 -3.72
C ARG E 39 -9.02 6.85 -2.73
N VAL E 40 -8.91 5.58 -3.11
CA VAL E 40 -9.18 4.39 -2.23
C VAL E 40 -7.84 3.84 -1.76
N SER E 41 -7.66 3.67 -0.47
CA SER E 41 -6.46 3.00 0.11
C SER E 41 -6.89 1.70 0.80
N HIS E 42 -6.31 0.58 0.37
CA HIS E 42 -6.48 -0.75 1.01
C HIS E 42 -5.12 -1.44 1.01
N PRO E 43 -4.24 -1.09 1.99
CA PRO E 43 -2.87 -1.63 2.01
C PRO E 43 -2.83 -3.17 1.86
N LEU E 44 -3.65 -3.86 2.64
CA LEU E 44 -3.71 -5.35 2.65
C LEU E 44 -4.11 -5.88 1.26
N LEU E 45 -5.23 -5.44 0.72
CA LEU E 45 -5.69 -5.93 -0.60
C LEU E 45 -4.60 -5.60 -1.64
N GLN E 46 -4.01 -4.42 -1.57
CA GLN E 46 -2.94 -4.03 -2.52
C GLN E 46 -1.80 -5.06 -2.46
N GLN E 47 -1.37 -5.47 -1.27
CA GLN E 47 -0.29 -6.49 -1.13
C GLN E 47 -0.78 -7.83 -1.75
N GLN E 48 -1.99 -8.25 -1.41
CA GLN E 48 -2.56 -9.52 -1.92
C GLN E 48 -2.62 -9.46 -3.46
N TYR E 49 -3.02 -8.30 -4.00
CA TYR E 49 -3.11 -8.03 -5.46
C TYR E 49 -1.72 -8.11 -6.14
N GLU E 50 -0.70 -7.50 -5.52
CA GLU E 50 0.68 -7.47 -6.09
C GLU E 50 1.21 -8.91 -6.21
N LEU E 51 0.93 -9.77 -5.22
CA LEU E 51 1.35 -11.19 -5.21
C LEU E 51 0.71 -11.93 -6.40
N TYR E 52 -0.58 -11.73 -6.62
CA TYR E 52 -1.30 -12.37 -7.75
C TYR E 52 -0.67 -11.84 -9.05
N ARG E 53 -0.43 -10.53 -9.11
CA ARG E 53 0.11 -9.88 -10.32
C ARG E 53 1.43 -10.54 -10.72
N GLU E 54 2.32 -10.80 -9.74
CA GLU E 54 3.65 -11.45 -9.95
C GLU E 54 3.42 -12.84 -10.57
N ARG E 55 2.49 -13.66 -10.04
CA ARG E 55 2.22 -15.00 -10.62
C ARG E 55 1.77 -14.87 -12.07
N LEU E 56 0.96 -13.86 -12.42
CA LEU E 56 0.39 -13.75 -13.78
C LEU E 56 1.47 -13.23 -14.73
N LEU E 57 2.27 -12.25 -14.28
CA LEU E 57 3.33 -11.65 -15.12
C LEU E 57 4.32 -12.76 -15.51
N GLN E 58 4.47 -13.79 -14.68
CA GLN E 58 5.48 -14.87 -14.87
C GLN E 58 5.01 -15.92 -15.87
N ARG E 59 3.73 -15.96 -16.26
CA ARG E 59 3.17 -17.17 -16.93
C ARG E 59 2.06 -16.88 -17.96
N CYS E 60 1.59 -15.65 -18.16
CA CYS E 60 0.47 -15.38 -19.11
C CYS E 60 0.94 -15.28 -20.57
N GLU E 61 0.18 -15.86 -21.49
CA GLU E 61 0.31 -15.58 -22.94
C GLU E 61 -0.07 -14.10 -23.18
N ARG E 62 -1.36 -13.75 -22.99
CA ARG E 62 -1.92 -12.42 -23.38
C ARG E 62 -1.18 -11.29 -22.64
N ARG E 63 -1.22 -10.12 -23.25
CA ARG E 63 -0.71 -8.84 -22.69
C ARG E 63 -1.71 -7.76 -23.06
N PRO E 64 -1.98 -6.81 -22.13
CA PRO E 64 -1.35 -6.82 -20.82
C PRO E 64 -2.06 -7.81 -19.90
N VAL E 65 -1.45 -8.08 -18.75
CA VAL E 65 -2.00 -8.99 -17.71
C VAL E 65 -2.96 -8.19 -16.84
N GLU E 66 -2.70 -6.88 -16.74
CA GLU E 66 -3.41 -5.89 -15.89
C GLU E 66 -4.09 -4.85 -16.78
N GLN E 67 -5.31 -4.44 -16.45
CA GLN E 67 -6.07 -3.36 -17.14
C GLN E 67 -6.77 -2.49 -16.11
N VAL E 68 -6.88 -1.18 -16.41
CA VAL E 68 -7.73 -0.22 -15.65
C VAL E 68 -9.19 -0.38 -16.13
N LEU E 69 -10.13 -0.66 -15.24
CA LEU E 69 -11.55 -0.94 -15.62
C LEU E 69 -12.48 -0.24 -14.63
N TYR E 70 -13.74 -0.04 -15.06
CA TYR E 70 -14.79 0.71 -14.32
C TYR E 70 -15.80 -0.29 -13.77
N HIS E 71 -16.27 -0.03 -12.56
CA HIS E 71 -17.37 -0.78 -11.88
C HIS E 71 -18.35 0.26 -11.31
N GLY E 72 -19.49 0.40 -11.97
CA GLY E 72 -20.64 1.11 -11.39
C GLY E 72 -21.23 0.27 -10.26
N THR E 73 -21.78 0.92 -9.24
CA THR E 73 -22.43 0.22 -8.11
C THR E 73 -23.45 1.13 -7.44
N THR E 74 -24.21 0.57 -6.51
CA THR E 74 -25.23 1.26 -5.69
C THR E 74 -24.52 1.99 -4.54
N ALA E 75 -25.10 3.08 -4.06
CA ALA E 75 -24.61 3.87 -2.90
C ALA E 75 -24.33 2.94 -1.73
N PRO E 76 -25.26 2.07 -1.31
CA PRO E 76 -25.03 1.24 -0.13
C PRO E 76 -23.82 0.30 -0.26
N ALA E 77 -23.42 -0.07 -1.46
CA ALA E 77 -22.29 -0.98 -1.72
C ALA E 77 -20.94 -0.27 -1.52
N VAL E 78 -20.89 1.05 -1.66
CA VAL E 78 -19.60 1.82 -1.61
C VAL E 78 -18.80 1.47 -0.35
N PRO E 79 -19.34 1.59 0.89
CA PRO E 79 -18.54 1.29 2.08
C PRO E 79 -17.90 -0.11 2.05
N ASP E 80 -18.65 -1.14 1.63
CA ASP E 80 -18.16 -2.53 1.60
C ASP E 80 -16.94 -2.60 0.67
N ILE E 81 -17.05 -2.06 -0.53
CA ILE E 81 -15.95 -2.15 -1.52
C ILE E 81 -14.68 -1.48 -0.96
N CYS E 82 -14.85 -0.37 -0.24
CA CYS E 82 -13.73 0.43 0.31
C CYS E 82 -13.07 -0.33 1.45
N ALA E 83 -13.82 -1.19 2.13
CA ALA E 83 -13.39 -1.91 3.33
C ALA E 83 -12.79 -3.27 2.96
N HIS E 84 -13.34 -3.95 1.95
CA HIS E 84 -13.16 -5.41 1.71
C HIS E 84 -12.75 -5.75 0.26
N GLY E 85 -12.78 -4.76 -0.65
CA GLY E 85 -12.70 -4.95 -2.11
C GLY E 85 -14.03 -5.48 -2.68
N PHE E 86 -14.00 -5.94 -3.94
CA PHE E 86 -15.18 -6.38 -4.70
C PHE E 86 -15.60 -7.77 -4.26
N ASN E 87 -16.88 -7.94 -3.97
CA ASN E 87 -17.44 -9.15 -3.32
C ASN E 87 -18.53 -9.72 -4.23
N ARG E 88 -18.16 -10.73 -5.02
CA ARG E 88 -19.04 -11.42 -6.01
C ARG E 88 -20.26 -12.08 -5.34
N SER E 89 -20.31 -12.24 -4.02
CA SER E 89 -21.52 -12.76 -3.33
C SER E 89 -22.72 -11.80 -3.42
N PHE E 90 -22.57 -10.55 -3.89
CA PHE E 90 -23.70 -9.58 -4.07
C PHE E 90 -24.31 -9.75 -5.48
N ASN E 94 -29.14 -7.43 -11.08
CA ASN E 94 -28.97 -7.75 -12.52
C ASN E 94 -28.77 -9.25 -12.73
N ALA E 95 -28.95 -9.71 -13.97
CA ALA E 95 -28.71 -11.10 -14.43
C ALA E 95 -27.21 -11.32 -14.60
N THR E 96 -26.71 -12.45 -14.10
CA THR E 96 -25.26 -12.86 -14.08
C THR E 96 -24.96 -13.53 -15.42
N VAL E 97 -25.12 -12.82 -16.54
CA VAL E 97 -25.25 -13.44 -17.89
C VAL E 97 -23.93 -14.14 -18.27
N TYR E 98 -22.78 -13.57 -17.91
CA TYR E 98 -21.44 -14.08 -18.30
C TYR E 98 -20.68 -14.68 -17.11
N GLY E 99 -21.39 -15.03 -16.02
CA GLY E 99 -20.80 -15.73 -14.84
C GLY E 99 -21.19 -15.07 -13.53
N LYS E 100 -21.17 -15.85 -12.45
CA LYS E 100 -21.43 -15.37 -11.06
C LYS E 100 -20.13 -14.79 -10.49
N GLY E 101 -19.62 -13.73 -11.10
CA GLY E 101 -18.44 -12.96 -10.65
C GLY E 101 -18.72 -11.46 -10.62
N VAL E 102 -17.70 -10.66 -10.38
CA VAL E 102 -17.80 -9.18 -10.38
C VAL E 102 -17.50 -8.67 -11.78
N TYR E 103 -18.38 -7.82 -12.30
CA TYR E 103 -18.31 -7.29 -13.68
C TYR E 103 -17.55 -5.97 -13.68
N PHE E 104 -16.57 -5.84 -14.57
CA PHE E 104 -15.85 -4.58 -14.84
C PHE E 104 -16.01 -4.31 -16.33
N ALA E 105 -16.08 -3.05 -16.74
CA ALA E 105 -16.25 -2.60 -18.15
C ALA E 105 -14.98 -1.85 -18.59
N ARG E 106 -14.53 -2.11 -19.83
CA ARG E 106 -13.36 -1.45 -20.48
C ARG E 106 -13.69 0.03 -20.63
N ARG E 107 -14.94 0.31 -21.00
CA ARG E 107 -15.49 1.67 -21.33
C ARG E 107 -16.45 2.13 -20.23
N ALA E 108 -16.23 3.34 -19.69
CA ALA E 108 -17.07 3.94 -18.61
C ALA E 108 -18.53 4.08 -19.07
N SER E 109 -18.76 4.35 -20.36
CA SER E 109 -20.09 4.44 -21.02
C SER E 109 -21.01 3.33 -20.48
N LEU E 110 -20.44 2.17 -20.22
CA LEU E 110 -21.22 0.98 -19.83
C LEU E 110 -21.52 1.04 -18.32
N SER E 111 -20.56 1.45 -17.50
CA SER E 111 -20.61 1.39 -16.01
C SER E 111 -21.53 2.50 -15.46
N VAL E 112 -21.58 3.60 -16.19
CA VAL E 112 -22.28 4.87 -15.85
C VAL E 112 -23.79 4.74 -16.13
N GLN E 113 -24.20 3.70 -16.85
CA GLN E 113 -25.63 3.41 -17.08
C GLN E 113 -26.33 3.20 -15.74
N ASP E 114 -27.57 3.71 -15.64
CA ASP E 114 -28.41 3.68 -14.41
C ASP E 114 -28.60 2.23 -13.92
N ARG E 115 -28.59 1.24 -14.81
CA ARG E 115 -28.84 -0.17 -14.36
C ARG E 115 -27.61 -0.69 -13.57
N TYR E 116 -26.40 -0.13 -13.77
CA TYR E 116 -25.15 -0.59 -13.10
C TYR E 116 -24.78 0.34 -11.94
N SER E 117 -24.88 1.66 -12.14
CA SER E 117 -24.66 2.70 -11.10
C SER E 117 -25.94 3.48 -10.88
N PRO E 118 -27.00 2.86 -10.31
CA PRO E 118 -28.27 3.56 -10.09
C PRO E 118 -28.05 4.74 -9.18
N PRO E 119 -28.67 5.91 -9.47
CA PRO E 119 -28.45 7.10 -8.67
C PRO E 119 -29.20 6.98 -7.35
N ASN E 120 -28.70 7.65 -6.32
CA ASN E 120 -29.34 7.79 -4.98
C ASN E 120 -30.28 9.02 -4.98
N ALA E 121 -30.88 9.33 -3.82
CA ALA E 121 -31.87 10.42 -3.64
C ALA E 121 -31.32 11.76 -4.15
N ASP E 122 -30.02 12.04 -4.02
CA ASP E 122 -29.42 13.31 -4.53
C ASP E 122 -29.12 13.22 -6.02
N GLY E 123 -29.42 12.09 -6.68
CA GLY E 123 -29.10 11.86 -8.11
C GLY E 123 -27.62 11.56 -8.38
N HIS E 124 -26.88 11.13 -7.34
CA HIS E 124 -25.42 10.81 -7.41
C HIS E 124 -25.23 9.33 -7.77
N LYS E 125 -24.26 9.07 -8.65
CA LYS E 125 -23.93 7.72 -9.19
C LYS E 125 -22.49 7.35 -8.82
N ALA E 126 -22.30 6.12 -8.33
CA ALA E 126 -21.01 5.60 -7.82
C ALA E 126 -20.34 4.75 -8.90
N VAL E 127 -19.19 5.19 -9.39
CA VAL E 127 -18.35 4.39 -10.33
C VAL E 127 -16.92 4.31 -9.79
N PHE E 128 -16.47 3.09 -9.53
CA PHE E 128 -15.09 2.78 -9.09
C PHE E 128 -14.21 2.62 -10.32
N VAL E 129 -12.99 3.12 -10.23
CA VAL E 129 -11.86 2.76 -11.12
C VAL E 129 -10.99 1.75 -10.37
N ALA E 130 -10.68 0.65 -11.05
CA ALA E 130 -9.90 -0.48 -10.50
C ALA E 130 -8.82 -0.93 -11.49
N ARG E 131 -7.65 -1.28 -10.97
CA ARG E 131 -6.65 -2.19 -11.62
C ARG E 131 -7.18 -3.63 -11.50
N VAL E 132 -7.29 -4.35 -12.62
CA VAL E 132 -7.87 -5.72 -12.67
C VAL E 132 -6.92 -6.66 -13.41
N LEU E 133 -6.56 -7.76 -12.77
CA LEU E 133 -5.75 -8.85 -13.33
C LEU E 133 -6.67 -9.73 -14.18
N THR E 134 -6.89 -9.27 -15.41
CA THR E 134 -7.67 -9.97 -16.48
C THR E 134 -6.88 -11.20 -16.93
N GLY E 135 -5.54 -11.07 -17.05
CA GLY E 135 -4.67 -12.14 -17.55
C GLY E 135 -5.24 -12.84 -18.78
N ASP E 136 -5.13 -14.17 -18.86
CA ASP E 136 -5.67 -15.00 -19.97
C ASP E 136 -7.18 -15.21 -19.77
N TYR E 137 -8.01 -14.51 -20.55
CA TYR E 137 -9.49 -14.57 -20.45
C TYR E 137 -10.07 -15.69 -21.32
N GLY E 138 -11.22 -16.20 -20.91
CA GLY E 138 -12.03 -17.20 -21.60
C GLY E 138 -13.45 -16.71 -21.80
N GLN E 139 -14.30 -17.50 -22.47
CA GLN E 139 -15.67 -17.10 -22.85
C GLN E 139 -16.58 -17.32 -21.66
N GLY E 140 -17.12 -16.23 -21.12
CA GLY E 140 -18.15 -16.29 -20.07
C GLY E 140 -19.45 -16.92 -20.55
N ARG E 141 -20.25 -17.38 -19.60
CA ARG E 141 -21.64 -17.83 -19.79
C ARG E 141 -22.27 -17.99 -18.41
N ARG E 142 -23.59 -18.10 -18.34
CA ARG E 142 -24.38 -17.75 -17.13
C ARG E 142 -24.06 -18.74 -16.00
N GLY E 143 -23.86 -20.01 -16.33
CA GLY E 143 -23.62 -21.08 -15.33
C GLY E 143 -22.40 -20.80 -14.45
N LEU E 144 -21.41 -20.05 -14.95
CA LEU E 144 -20.02 -20.05 -14.42
C LEU E 144 -19.99 -19.61 -12.96
N ARG E 145 -19.54 -20.50 -12.08
CA ARG E 145 -19.20 -20.20 -10.67
C ARG E 145 -17.70 -19.86 -10.58
N ALA E 146 -16.95 -20.01 -11.69
CA ALA E 146 -15.51 -19.70 -11.80
C ALA E 146 -15.20 -19.45 -13.28
N PRO E 147 -13.99 -18.99 -13.65
CA PRO E 147 -13.63 -18.83 -15.06
C PRO E 147 -13.76 -20.18 -15.76
N PRO E 148 -14.05 -20.21 -17.08
CA PRO E 148 -14.31 -21.50 -17.73
C PRO E 148 -13.01 -22.31 -17.77
N LEU E 149 -13.18 -23.63 -17.79
CA LEU E 149 -12.09 -24.61 -17.91
C LEU E 149 -11.29 -24.33 -19.20
N ARG E 150 -9.97 -24.60 -19.17
CA ARG E 150 -9.10 -24.45 -20.36
C ARG E 150 -9.26 -25.69 -21.26
N GLY E 151 -9.71 -26.80 -20.67
CA GLY E 151 -9.89 -28.06 -21.40
C GLY E 151 -8.59 -28.87 -21.37
N PRO E 152 -8.60 -30.07 -22.00
CA PRO E 152 -7.46 -30.98 -21.96
C PRO E 152 -6.25 -30.40 -22.72
N GLY E 153 -5.06 -30.76 -22.25
CA GLY E 153 -3.78 -30.30 -22.82
C GLY E 153 -3.36 -28.91 -22.39
N HIS E 154 -3.94 -28.33 -21.32
CA HIS E 154 -3.37 -27.16 -20.60
C HIS E 154 -3.09 -27.57 -19.15
N VAL E 155 -1.94 -27.16 -18.62
CA VAL E 155 -1.54 -27.38 -17.19
C VAL E 155 -2.54 -26.65 -16.29
N LEU E 156 -2.84 -25.38 -16.60
CA LEU E 156 -3.75 -24.53 -15.79
C LEU E 156 -5.17 -25.03 -16.00
N LEU E 157 -5.90 -25.19 -14.89
CA LEU E 157 -7.24 -25.82 -14.90
C LEU E 157 -8.25 -24.85 -15.55
N ARG E 158 -8.09 -23.53 -15.31
CA ARG E 158 -9.07 -22.48 -15.70
C ARG E 158 -8.42 -21.18 -16.21
N TYR E 159 -9.17 -20.40 -17.00
CA TYR E 159 -8.73 -19.06 -17.45
C TYR E 159 -8.71 -18.15 -16.22
N ASP E 160 -8.07 -16.99 -16.37
CA ASP E 160 -7.91 -16.02 -15.25
C ASP E 160 -9.21 -15.26 -15.06
N SER E 161 -9.87 -14.88 -16.14
CA SER E 161 -11.15 -14.14 -16.14
C SER E 161 -12.08 -14.71 -17.21
N ALA E 162 -13.27 -14.14 -17.29
CA ALA E 162 -14.28 -14.42 -18.34
C ALA E 162 -14.71 -13.08 -18.96
N VAL E 163 -15.12 -13.09 -20.22
CA VAL E 163 -15.49 -11.86 -21.01
C VAL E 163 -16.80 -12.15 -21.75
N ASP E 164 -17.48 -11.08 -22.19
CA ASP E 164 -18.66 -11.16 -23.10
C ASP E 164 -18.22 -11.87 -24.40
N CYS E 165 -17.16 -11.40 -25.04
CA CYS E 165 -16.72 -11.87 -26.38
C CYS E 165 -15.18 -11.87 -26.46
N ILE E 166 -14.61 -13.05 -26.73
CA ILE E 166 -13.13 -13.31 -26.81
C ILE E 166 -12.49 -12.31 -27.79
N CYS E 167 -13.16 -12.04 -28.92
CA CYS E 167 -12.64 -11.25 -30.08
C CYS E 167 -12.30 -9.80 -29.66
N GLN E 168 -13.31 -8.94 -29.51
CA GLN E 168 -13.16 -7.62 -28.84
C GLN E 168 -13.98 -7.73 -27.56
N PRO E 169 -13.35 -8.03 -26.40
CA PRO E 169 -14.05 -8.00 -25.11
C PRO E 169 -14.23 -6.59 -24.55
N SER E 170 -15.43 -6.28 -24.06
CA SER E 170 -15.79 -4.96 -23.46
C SER E 170 -16.11 -5.11 -21.95
N ILE E 171 -16.37 -6.32 -21.49
CA ILE E 171 -16.76 -6.72 -20.11
C ILE E 171 -15.78 -7.80 -19.63
N PHE E 172 -15.32 -7.70 -18.38
CA PHE E 172 -14.52 -8.74 -17.69
C PHE E 172 -15.23 -9.19 -16.41
N VAL E 173 -15.38 -10.49 -16.21
CA VAL E 173 -15.97 -11.06 -14.98
C VAL E 173 -14.85 -11.76 -14.21
N ILE E 174 -14.53 -11.26 -13.02
CA ILE E 174 -13.43 -11.81 -12.18
C ILE E 174 -14.01 -12.44 -10.92
N PHE E 175 -13.38 -13.52 -10.47
CA PHE E 175 -13.94 -14.51 -9.50
C PHE E 175 -13.03 -14.67 -8.29
N HIS E 176 -12.05 -13.79 -8.06
CA HIS E 176 -11.22 -13.83 -6.84
C HIS E 176 -11.21 -12.45 -6.19
N ASP E 177 -11.31 -12.42 -4.88
CA ASP E 177 -11.38 -11.16 -4.10
C ASP E 177 -10.11 -10.37 -4.29
N THR E 178 -8.98 -10.98 -4.70
CA THR E 178 -7.66 -10.30 -4.70
C THR E 178 -7.30 -9.85 -6.11
N GLN E 179 -8.17 -10.14 -7.09
CA GLN E 179 -7.82 -9.98 -8.51
C GLN E 179 -8.20 -8.58 -9.02
N ALA E 180 -8.75 -7.72 -8.18
CA ALA E 180 -9.25 -6.38 -8.58
C ALA E 180 -9.04 -5.41 -7.40
N LEU E 181 -8.24 -4.38 -7.62
CA LEU E 181 -7.87 -3.36 -6.61
C LEU E 181 -8.58 -2.07 -6.96
N PRO E 182 -9.56 -1.59 -6.16
CA PRO E 182 -10.11 -0.26 -6.35
C PRO E 182 -9.00 0.74 -6.04
N THR E 183 -8.88 1.76 -6.89
CA THR E 183 -7.91 2.86 -6.76
C THR E 183 -8.65 4.18 -6.52
N HIS E 184 -9.77 4.42 -7.21
CA HIS E 184 -10.53 5.70 -7.14
C HIS E 184 -12.05 5.45 -7.17
N LEU E 185 -12.79 6.28 -6.46
CA LEU E 185 -14.27 6.33 -6.52
C LEU E 185 -14.66 7.62 -7.24
N ILE E 186 -15.25 7.49 -8.42
CA ILE E 186 -15.85 8.62 -9.17
C ILE E 186 -17.32 8.72 -8.79
N THR E 187 -17.72 9.85 -8.20
CA THR E 187 -19.15 10.21 -7.98
C THR E 187 -19.56 11.14 -9.12
N CYS E 188 -20.55 10.73 -9.89
CA CYS E 188 -21.02 11.48 -11.09
C CYS E 188 -22.55 11.55 -11.09
N GLU E 189 -23.11 12.43 -11.90
CA GLU E 189 -24.58 12.57 -12.10
C GLU E 189 -24.84 12.88 -13.58
N HIS E 190 -26.05 12.57 -14.06
CA HIS E 190 -26.59 13.14 -15.33
C HIS E 190 -26.91 14.62 -15.09
N VAL E 191 -26.44 15.53 -15.96
CA VAL E 191 -26.94 16.94 -15.95
C VAL E 191 -28.28 16.92 -16.68
N LEU F 4 43.07 43.83 11.57
CA LEU F 4 42.63 44.71 10.46
C LEU F 4 43.31 46.08 10.61
N GLU F 5 43.72 46.68 9.50
CA GLU F 5 44.36 48.01 9.46
C GLU F 5 43.80 48.75 8.26
N ARG F 6 43.14 49.90 8.49
CA ARG F 6 42.54 50.74 7.41
C ARG F 6 43.68 51.33 6.58
N LEU F 7 43.58 51.27 5.25
CA LEU F 7 44.53 51.87 4.29
C LEU F 7 43.98 53.22 3.82
N ALA F 8 44.80 54.27 3.82
CA ALA F 8 44.43 55.61 3.29
C ALA F 8 44.26 55.49 1.76
N GLU F 9 43.33 56.27 1.18
CA GLU F 9 42.98 56.24 -0.27
C GLU F 9 44.21 56.61 -1.12
N ASN F 10 45.11 57.45 -0.59
CA ASN F 10 46.23 58.08 -1.33
C ASN F 10 47.53 57.24 -1.23
N THR F 11 47.43 55.91 -1.09
CA THR F 11 48.61 54.99 -0.94
C THR F 11 48.70 54.02 -2.12
N GLY F 12 49.91 53.55 -2.41
CA GLY F 12 50.19 52.58 -3.48
C GLY F 12 49.33 51.34 -3.32
N GLU F 13 49.29 50.80 -2.09
CA GLU F 13 48.61 49.52 -1.77
C GLU F 13 47.10 49.64 -2.01
N PHE F 14 46.48 50.70 -1.50
CA PHE F 14 45.03 50.99 -1.68
C PHE F 14 44.68 51.01 -3.17
N GLN F 15 45.51 51.67 -3.98
CA GLN F 15 45.30 51.89 -5.43
C GLN F 15 45.41 50.55 -6.19
N GLU F 16 46.50 49.78 -5.94
CA GLU F 16 46.69 48.43 -6.54
C GLU F 16 45.37 47.68 -6.35
N VAL F 17 44.93 47.53 -5.11
CA VAL F 17 43.82 46.61 -4.74
C VAL F 17 42.54 47.05 -5.43
N VAL F 18 42.25 48.35 -5.34
CA VAL F 18 40.99 48.96 -5.82
C VAL F 18 40.94 48.86 -7.35
N ARG F 19 42.06 49.17 -8.03
CA ARG F 19 42.16 49.13 -9.52
C ARG F 19 41.81 47.71 -10.01
N ALA F 20 42.43 46.68 -9.41
CA ALA F 20 42.23 45.25 -9.73
C ALA F 20 40.75 44.88 -9.52
N PHE F 21 40.14 45.40 -8.45
CA PHE F 21 38.70 45.21 -8.07
C PHE F 21 37.80 45.74 -9.20
N TYR F 22 38.02 46.99 -9.62
CA TYR F 22 37.19 47.67 -10.65
C TYR F 22 37.45 47.01 -12.03
N ASP F 23 38.71 46.67 -12.35
CA ASP F 23 39.07 46.00 -13.63
C ASP F 23 38.22 44.74 -13.85
N THR F 24 37.84 44.01 -12.79
CA THR F 24 37.21 42.67 -12.92
C THR F 24 35.73 42.75 -12.51
N LEU F 25 35.21 43.98 -12.35
CA LEU F 25 33.85 44.22 -11.81
C LEU F 25 32.82 44.13 -12.95
N ASP F 26 33.24 44.26 -14.22
CA ASP F 26 32.43 43.92 -15.43
C ASP F 26 31.06 44.61 -15.35
N ALA F 27 29.99 43.81 -15.55
CA ALA F 27 28.56 44.20 -15.44
C ALA F 27 28.42 45.39 -14.48
N ALA F 28 28.92 45.28 -13.25
CA ALA F 28 28.65 46.24 -12.16
C ALA F 28 29.85 47.15 -11.88
N ARG F 29 30.68 47.54 -12.88
CA ARG F 29 31.84 48.43 -12.60
C ARG F 29 31.38 49.83 -12.12
N SER F 30 30.20 50.29 -12.57
CA SER F 30 29.72 51.67 -12.31
C SER F 30 28.65 51.72 -11.22
N SER F 31 28.02 50.59 -10.85
CA SER F 31 27.03 50.47 -9.75
C SER F 31 27.70 50.31 -8.37
N ILE F 32 28.96 49.83 -8.28
CA ILE F 32 29.62 49.44 -7.00
C ILE F 32 30.61 50.53 -6.58
N ARG F 33 30.54 50.93 -5.31
CA ARG F 33 31.43 51.91 -4.65
C ARG F 33 32.24 51.21 -3.57
N VAL F 34 33.49 51.63 -3.35
CA VAL F 34 34.36 51.16 -2.24
C VAL F 34 34.21 52.12 -1.04
N VAL F 35 33.88 51.59 0.13
CA VAL F 35 33.68 52.33 1.42
C VAL F 35 35.01 52.44 2.17
N ARG F 36 35.80 51.37 2.14
CA ARG F 36 36.93 51.08 3.06
C ARG F 36 37.75 49.94 2.44
N VAL F 37 39.07 49.98 2.59
CA VAL F 37 39.94 48.79 2.35
C VAL F 37 40.84 48.61 3.56
N GLU F 38 40.88 47.40 4.09
CA GLU F 38 41.70 47.05 5.28
C GLU F 38 42.70 45.95 4.90
N ARG F 39 43.95 46.09 5.36
CA ARG F 39 44.98 45.02 5.36
C ARG F 39 44.63 43.99 6.42
N VAL F 40 44.71 42.69 6.08
CA VAL F 40 44.55 41.54 7.02
C VAL F 40 45.94 41.02 7.38
N SER F 41 46.26 40.92 8.66
CA SER F 41 47.52 40.32 9.13
C SER F 41 47.20 39.10 9.99
N HIS F 42 47.72 37.93 9.61
CA HIS F 42 47.62 36.64 10.33
C HIS F 42 48.99 35.99 10.22
N PRO F 43 49.94 36.38 11.11
CA PRO F 43 51.32 35.92 11.01
C PRO F 43 51.42 34.38 10.89
N LEU F 44 50.68 33.66 11.74
CA LEU F 44 50.69 32.18 11.77
C LEU F 44 50.20 31.61 10.42
N LEU F 45 49.01 32.00 9.95
CA LEU F 45 48.47 31.46 8.69
C LEU F 45 49.46 31.80 7.56
N GLN F 46 50.01 33.01 7.57
CA GLN F 46 50.99 33.42 6.54
C GLN F 46 52.17 32.43 6.52
N GLN F 47 52.71 32.07 7.68
CA GLN F 47 53.84 31.09 7.75
C GLN F 47 53.36 29.73 7.21
N GLN F 48 52.20 29.26 7.65
CA GLN F 48 51.64 27.95 7.21
C GLN F 48 51.47 27.98 5.68
N TYR F 49 50.98 29.10 5.15
CA TYR F 49 50.78 29.33 3.68
C TYR F 49 52.12 29.30 2.92
N GLU F 50 53.15 29.96 3.45
CA GLU F 50 54.49 30.03 2.81
C GLU F 50 55.07 28.63 2.68
N LEU F 51 54.90 27.78 3.69
CA LEU F 51 55.38 26.38 3.69
C LEU F 51 54.69 25.58 2.59
N TYR F 52 53.37 25.74 2.45
CA TYR F 52 52.60 25.06 1.37
C TYR F 52 53.14 25.56 0.02
N ARG F 53 53.33 26.88 -0.08
CA ARG F 53 53.76 27.53 -1.35
C ARG F 53 55.09 26.92 -1.81
N GLU F 54 56.05 26.71 -0.87
CA GLU F 54 57.40 26.12 -1.12
C GLU F 54 57.20 24.72 -1.72
N ARG F 55 56.34 23.87 -1.13
CA ARG F 55 56.10 22.50 -1.66
C ARG F 55 55.56 22.58 -3.09
N LEU F 56 54.69 23.55 -3.40
CA LEU F 56 54.04 23.60 -4.73
C LEU F 56 55.03 24.15 -5.75
N LEU F 57 55.81 25.18 -5.37
CA LEU F 57 56.80 25.80 -6.27
C LEU F 57 57.81 24.72 -6.69
N GLN F 58 58.05 23.71 -5.86
CA GLN F 58 59.09 22.67 -6.10
C GLN F 58 58.60 21.59 -7.07
N ARG F 59 57.30 21.50 -7.38
CA ARG F 59 56.76 20.26 -8.01
C ARG F 59 55.56 20.48 -8.97
N CYS F 60 55.00 21.67 -9.13
CA CYS F 60 53.81 21.88 -10.01
C CYS F 60 54.19 22.01 -11.48
N GLU F 61 53.39 21.40 -12.36
CA GLU F 61 53.40 21.69 -13.83
C GLU F 61 52.96 23.16 -14.03
N ARG F 62 51.70 23.50 -13.74
CA ARG F 62 51.07 24.80 -14.12
C ARG F 62 51.84 25.95 -13.46
N ARG F 63 51.78 27.12 -14.10
CA ARG F 63 52.34 28.39 -13.56
C ARG F 63 51.33 29.49 -13.89
N PRO F 64 51.10 30.43 -12.94
CA PRO F 64 51.76 30.40 -11.64
C PRO F 64 51.03 29.40 -10.72
N VAL F 65 51.64 29.12 -9.60
CA VAL F 65 51.13 28.19 -8.56
C VAL F 65 50.14 28.95 -7.66
N GLU F 66 50.34 30.26 -7.57
CA GLU F 66 49.59 31.23 -6.75
C GLU F 66 48.80 32.21 -7.63
N GLN F 67 47.58 32.54 -7.24
CA GLN F 67 46.74 33.58 -7.88
C GLN F 67 46.05 34.43 -6.80
N VAL F 68 45.86 35.71 -7.09
CA VAL F 68 45.06 36.66 -6.27
C VAL F 68 43.59 36.49 -6.65
N LEU F 69 42.69 36.19 -5.70
CA LEU F 69 41.26 35.86 -6.00
C LEU F 69 40.37 36.52 -4.96
N TYR F 70 39.05 36.64 -5.27
CA TYR F 70 38.03 37.36 -4.45
C TYR F 70 37.12 36.32 -3.80
N HIS F 71 36.73 36.61 -2.56
CA HIS F 71 35.72 35.85 -1.78
C HIS F 71 34.76 36.86 -1.14
N GLY F 72 33.56 36.98 -1.69
CA GLY F 72 32.44 37.66 -1.03
C GLY F 72 31.97 36.83 0.15
N THR F 73 31.49 37.49 1.20
CA THR F 73 30.97 36.79 2.40
C THR F 73 29.96 37.69 3.12
N THR F 74 29.30 37.13 4.12
CA THR F 74 28.33 37.81 4.98
C THR F 74 29.09 38.62 6.05
N ALA F 75 28.49 39.69 6.55
CA ALA F 75 29.05 40.54 7.63
C ALA F 75 29.49 39.66 8.81
N PRO F 76 28.63 38.75 9.33
CA PRO F 76 29.00 37.95 10.50
C PRO F 76 30.25 37.08 10.30
N ALA F 77 30.57 36.71 9.06
CA ALA F 77 31.72 35.83 8.73
C ALA F 77 33.04 36.60 8.81
N VAL F 78 33.03 37.92 8.65
CA VAL F 78 34.28 38.74 8.59
C VAL F 78 35.18 38.46 9.79
N PRO F 79 34.73 38.58 11.06
CA PRO F 79 35.64 38.34 12.20
C PRO F 79 36.33 36.97 12.15
N ASP F 80 35.59 35.92 11.80
CA ASP F 80 36.11 34.53 11.75
C ASP F 80 37.25 34.48 10.74
N ILE F 81 37.04 35.00 9.54
CA ILE F 81 38.05 34.88 8.45
C ILE F 81 39.33 35.60 8.89
N CYS F 82 39.20 36.72 9.60
CA CYS F 82 40.34 37.56 10.05
C CYS F 82 41.12 36.83 11.15
N ALA F 83 40.44 35.97 11.89
CA ALA F 83 40.96 35.28 13.07
C ALA F 83 41.56 33.91 12.68
N HIS F 84 40.96 33.21 11.70
CA HIS F 84 41.16 31.76 11.47
C HIS F 84 41.49 31.43 9.99
N GLY F 85 41.36 32.39 9.07
CA GLY F 85 41.30 32.17 7.61
C GLY F 85 39.95 31.57 7.17
N PHE F 86 39.91 31.02 5.97
CA PHE F 86 38.70 30.50 5.31
C PHE F 86 38.43 29.11 5.82
N ASN F 87 37.19 28.86 6.24
CA ASN F 87 36.75 27.62 6.93
C ASN F 87 35.62 27.01 6.12
N ARG F 88 35.96 26.01 5.31
CA ARG F 88 35.01 25.27 4.41
C ARG F 88 33.86 24.60 5.17
N SER F 89 33.91 24.44 6.49
CA SER F 89 32.75 23.93 7.28
C SER F 89 31.54 24.88 7.28
N PHE F 90 31.63 26.12 6.76
CA PHE F 90 30.49 27.08 6.64
C PHE F 90 29.69 26.84 5.33
N CYS F 91 29.38 25.58 5.00
CA CYS F 91 28.30 25.11 4.06
C CYS F 91 26.88 25.35 4.65
N ASN F 94 24.42 28.64 0.07
CA ASN F 94 24.58 28.40 -1.39
C ASN F 94 25.07 26.98 -1.69
N ALA F 95 24.83 26.54 -2.93
CA ALA F 95 25.01 25.15 -3.39
C ALA F 95 26.49 24.91 -3.68
N THR F 96 27.00 23.76 -3.19
CA THR F 96 28.42 23.35 -3.30
C THR F 96 28.62 22.63 -4.64
N VAL F 97 28.35 23.32 -5.76
CA VAL F 97 28.13 22.67 -7.09
C VAL F 97 29.43 22.02 -7.56
N TYR F 98 30.59 22.64 -7.30
CA TYR F 98 31.92 22.19 -7.79
C TYR F 98 32.79 21.64 -6.65
N GLY F 99 32.20 21.30 -5.51
CA GLY F 99 32.88 20.65 -4.37
C GLY F 99 32.59 21.34 -3.04
N LYS F 100 32.66 20.58 -1.95
CA LYS F 100 32.44 21.05 -0.56
C LYS F 100 33.72 21.73 -0.04
N GLY F 101 34.14 22.82 -0.69
CA GLY F 101 35.31 23.63 -0.29
C GLY F 101 34.98 25.11 -0.28
N VAL F 102 36.00 25.96 -0.13
CA VAL F 102 35.83 27.43 -0.16
C VAL F 102 36.01 27.91 -1.60
N TYR F 103 35.06 28.69 -2.08
CA TYR F 103 35.00 29.21 -3.47
C TYR F 103 35.71 30.58 -3.53
N PHE F 104 36.61 30.71 -4.49
CA PHE F 104 37.24 32.02 -4.84
C PHE F 104 36.95 32.24 -6.32
N ALA F 105 36.77 33.50 -6.72
CA ALA F 105 36.46 33.90 -8.11
C ALA F 105 37.65 34.69 -8.66
N ARG F 106 38.03 34.44 -9.93
CA ARG F 106 39.05 35.19 -10.70
C ARG F 106 38.56 36.62 -10.86
N ARG F 107 37.25 36.79 -11.09
CA ARG F 107 36.58 38.10 -11.38
C ARG F 107 35.71 38.56 -10.19
N ALA F 108 35.92 39.80 -9.70
CA ALA F 108 35.18 40.40 -8.57
C ALA F 108 33.67 40.47 -8.88
N SER F 109 33.32 40.70 -10.15
CA SER F 109 31.92 40.70 -10.67
C SER F 109 31.11 39.58 -10.03
N LEU F 110 31.74 38.45 -9.79
CA LEU F 110 31.06 37.23 -9.31
C LEU F 110 30.89 37.33 -7.78
N SER F 111 31.91 37.81 -7.07
CA SER F 111 32.00 37.78 -5.58
C SER F 111 31.08 38.87 -4.99
N VAL F 112 30.93 39.96 -5.74
CA VAL F 112 30.23 41.23 -5.36
C VAL F 112 28.71 41.04 -5.51
N GLN F 113 28.27 39.97 -6.17
CA GLN F 113 26.82 39.65 -6.28
C GLN F 113 26.26 39.46 -4.87
N ASP F 114 25.02 39.93 -4.65
CA ASP F 114 24.29 39.89 -3.36
C ASP F 114 24.19 38.43 -2.84
N ARG F 115 24.16 37.42 -3.71
CA ARG F 115 24.01 36.02 -3.20
C ARG F 115 25.32 35.57 -2.53
N TYR F 116 26.49 36.16 -2.85
CA TYR F 116 27.80 35.74 -2.27
C TYR F 116 28.25 36.71 -1.16
N SER F 117 28.09 38.03 -1.38
CA SER F 117 28.38 39.12 -0.41
C SER F 117 27.09 39.86 -0.08
N PRO F 118 26.09 39.23 0.58
CA PRO F 118 24.84 39.89 0.90
C PRO F 118 25.10 41.12 1.78
N PRO F 119 24.42 42.24 1.54
CA PRO F 119 24.66 43.46 2.30
C PRO F 119 24.02 43.34 3.69
N ASN F 120 24.58 44.05 4.67
CA ASN F 120 24.01 44.22 6.04
C ASN F 120 23.04 45.41 6.05
N ALA F 121 22.48 45.72 7.23
CA ALA F 121 21.46 46.77 7.43
C ALA F 121 21.97 48.13 6.91
N ASP F 122 23.26 48.44 6.99
CA ASP F 122 23.80 49.73 6.42
C ASP F 122 24.01 49.63 4.90
N GLY F 123 23.70 48.49 4.28
CA GLY F 123 23.90 48.24 2.83
C GLY F 123 25.38 47.97 2.46
N HIS F 124 26.20 47.58 3.43
CA HIS F 124 27.66 47.30 3.27
C HIS F 124 27.87 45.82 2.91
N LYS F 125 28.77 45.57 1.95
CA LYS F 125 29.10 44.21 1.42
C LYS F 125 30.59 43.92 1.67
N ALA F 126 30.89 42.71 2.17
CA ALA F 126 32.25 42.23 2.50
C ALA F 126 32.81 41.39 1.35
N VAL F 127 33.89 41.86 0.76
CA VAL F 127 34.67 41.05 -0.23
C VAL F 127 36.14 41.03 0.18
N PHE F 128 36.65 39.81 0.40
CA PHE F 128 38.07 39.56 0.73
C PHE F 128 38.86 39.40 -0.56
N VAL F 129 40.07 39.94 -0.56
CA VAL F 129 41.14 39.60 -1.53
C VAL F 129 42.09 38.63 -0.83
N ALA F 130 42.40 37.52 -1.50
CA ALA F 130 43.25 36.43 -0.98
C ALA F 130 44.26 35.99 -2.05
N ARG F 131 45.49 35.72 -1.61
CA ARG F 131 46.48 34.85 -2.32
C ARG F 131 46.04 33.39 -2.12
N VAL F 132 45.88 32.64 -3.22
CA VAL F 132 45.38 31.25 -3.22
C VAL F 132 46.34 30.37 -4.01
N LEU F 133 46.82 29.30 -3.37
CA LEU F 133 47.65 28.26 -3.98
C LEU F 133 46.72 27.31 -4.75
N THR F 134 46.37 27.73 -5.97
CA THR F 134 45.56 26.97 -6.95
C THR F 134 46.38 25.78 -7.44
N GLY F 135 47.69 25.97 -7.65
CA GLY F 135 48.62 24.93 -8.16
C GLY F 135 48.01 24.22 -9.36
N ASP F 136 48.18 22.89 -9.44
CA ASP F 136 47.60 22.04 -10.50
C ASP F 136 46.13 21.75 -10.20
N TYR F 137 45.21 22.39 -10.91
CA TYR F 137 43.75 22.25 -10.72
C TYR F 137 43.17 21.11 -11.54
N GLY F 138 42.08 20.53 -11.03
CA GLY F 138 41.26 19.48 -11.68
C GLY F 138 39.81 19.88 -11.78
N GLN F 139 38.97 19.04 -12.36
CA GLN F 139 37.55 19.32 -12.64
C GLN F 139 36.73 19.08 -11.38
N GLY F 140 36.17 20.14 -10.84
CA GLY F 140 35.20 20.09 -9.73
C GLY F 140 33.90 19.38 -10.12
N ARG F 141 33.17 18.93 -9.11
CA ARG F 141 31.80 18.40 -9.19
C ARG F 141 31.27 18.24 -7.77
N ARG F 142 29.96 18.08 -7.61
CA ARG F 142 29.27 18.41 -6.35
C ARG F 142 29.71 17.44 -5.23
N GLY F 143 29.93 16.17 -5.57
CA GLY F 143 30.33 15.13 -4.61
C GLY F 143 31.60 15.47 -3.83
N LEU F 144 32.49 16.26 -4.39
CA LEU F 144 33.91 16.39 -3.95
C LEU F 144 33.98 16.88 -2.50
N ARG F 145 34.53 16.05 -1.62
CA ARG F 145 34.94 16.43 -0.25
C ARG F 145 36.44 16.78 -0.27
N ALA F 146 37.11 16.65 -1.42
CA ALA F 146 38.52 17.03 -1.65
C ALA F 146 38.74 17.27 -3.14
N PRO F 147 39.91 17.78 -3.61
CA PRO F 147 40.16 17.91 -5.04
C PRO F 147 40.05 16.53 -5.70
N PRO F 148 39.69 16.44 -6.99
CA PRO F 148 39.50 15.13 -7.60
C PRO F 148 40.85 14.40 -7.71
N LEU F 149 40.76 13.08 -7.69
CA LEU F 149 41.88 12.15 -7.89
C LEU F 149 42.57 12.43 -9.22
N ARG F 150 43.91 12.23 -9.29
CA ARG F 150 44.71 12.40 -10.52
C ARG F 150 44.58 11.13 -11.37
N GLY F 151 44.25 10.00 -10.75
CA GLY F 151 44.09 8.73 -11.46
C GLY F 151 45.41 7.97 -11.53
N PRO F 152 45.40 6.79 -12.18
CA PRO F 152 46.56 5.89 -12.18
C PRO F 152 47.73 6.49 -12.97
N GLY F 153 48.95 6.16 -12.53
CA GLY F 153 50.20 6.67 -13.14
C GLY F 153 50.55 8.11 -12.75
N HIS F 154 49.99 8.68 -11.68
CA HIS F 154 50.55 9.89 -11.00
CA HIS F 154 50.53 9.90 -11.00
C HIS F 154 50.92 9.54 -9.56
N VAL F 155 52.09 9.99 -9.12
CA VAL F 155 52.56 9.84 -7.70
C VAL F 155 51.61 10.60 -6.78
N LEU F 156 51.24 11.83 -7.14
CA LEU F 156 50.33 12.68 -6.32
C LEU F 156 48.91 12.11 -6.42
N LEU F 157 48.26 11.97 -5.29
CA LEU F 157 46.96 11.26 -5.18
C LEU F 157 45.87 12.17 -5.76
N ARG F 158 45.97 13.51 -5.54
CA ARG F 158 44.91 14.49 -5.88
C ARG F 158 45.44 15.80 -6.46
N TYR F 159 44.60 16.51 -7.22
CA TYR F 159 44.95 17.86 -7.72
C TYR F 159 45.00 18.80 -6.51
N ASP F 160 45.55 19.98 -6.71
CA ASP F 160 45.74 20.98 -5.63
C ASP F 160 44.40 21.66 -5.37
N SER F 161 43.65 21.98 -6.40
CA SER F 161 42.34 22.67 -6.30
C SER F 161 41.37 22.05 -7.31
N ALA F 162 40.14 22.55 -7.33
CA ALA F 162 39.08 22.17 -8.30
C ALA F 162 38.52 23.46 -8.89
N VAL F 163 38.01 23.40 -10.13
CA VAL F 163 37.52 24.58 -10.91
C VAL F 163 36.19 24.22 -11.55
N ASP F 164 35.41 25.23 -11.97
CA ASP F 164 34.18 25.06 -12.80
C ASP F 164 34.59 24.34 -14.10
N CYS F 165 35.58 24.86 -14.83
CA CYS F 165 35.96 24.37 -16.17
C CYS F 165 37.47 24.44 -16.37
N ILE F 166 38.10 23.29 -16.65
CA ILE F 166 39.58 23.12 -16.82
C ILE F 166 40.09 24.14 -17.85
N CYS F 167 39.32 24.34 -18.94
CA CYS F 167 39.72 25.13 -20.15
C CYS F 167 39.98 26.60 -19.80
N GLN F 168 38.92 27.40 -19.60
CA GLN F 168 39.03 28.74 -18.97
C GLN F 168 38.31 28.61 -17.62
N PRO F 169 39.04 28.37 -16.51
CA PRO F 169 38.44 28.41 -15.17
C PRO F 169 38.22 29.84 -14.63
N SER F 170 37.03 30.11 -14.06
CA SER F 170 36.67 31.41 -13.45
C SER F 170 36.48 31.28 -11.92
N ILE F 171 36.32 30.06 -11.42
CA ILE F 171 36.05 29.69 -10.01
C ILE F 171 37.11 28.67 -9.58
N PHE F 172 37.64 28.82 -8.37
CA PHE F 172 38.55 27.84 -7.72
C PHE F 172 37.96 27.41 -6.38
N VAL F 173 37.90 26.10 -6.15
CA VAL F 173 37.44 25.54 -4.86
C VAL F 173 38.64 24.93 -4.16
N ILE F 174 39.00 25.46 -3.00
CA ILE F 174 40.20 25.00 -2.25
C ILE F 174 39.74 24.34 -0.94
N PHE F 175 40.48 23.30 -0.54
CA PHE F 175 40.04 22.31 0.47
C PHE F 175 41.05 22.19 1.60
N HIS F 176 42.00 23.11 1.75
CA HIS F 176 42.90 23.12 2.93
C HIS F 176 42.90 24.52 3.54
N ASP F 177 42.86 24.58 4.86
CA ASP F 177 42.78 25.83 5.62
C ASP F 177 44.03 26.68 5.32
N THR F 178 45.14 26.11 4.87
CA THR F 178 46.43 26.84 4.77
C THR F 178 46.69 27.27 3.33
N GLN F 179 45.77 26.94 2.42
CA GLN F 179 45.99 27.09 0.97
C GLN F 179 45.49 28.45 0.49
N ALA F 180 44.94 29.30 1.37
CA ALA F 180 44.36 30.60 0.99
C ALA F 180 44.61 31.58 2.13
N LEU F 181 45.34 32.64 1.84
CA LEU F 181 45.70 33.71 2.80
C LEU F 181 44.92 34.97 2.47
N PRO F 182 43.97 35.42 3.32
CA PRO F 182 43.36 36.73 3.15
C PRO F 182 44.45 37.78 3.36
N THR F 183 44.47 38.77 2.46
CA THR F 183 45.44 39.89 2.47
C THR F 183 44.70 41.21 2.71
N HIS F 184 43.51 41.39 2.12
CA HIS F 184 42.73 42.64 2.21
C HIS F 184 41.23 42.37 2.33
N LEU F 185 40.54 43.24 3.08
CA LEU F 185 39.05 43.23 3.15
C LEU F 185 38.57 44.47 2.43
N ILE F 186 37.86 44.29 1.32
CA ILE F 186 37.17 45.41 0.61
C ILE F 186 35.74 45.45 1.13
N THR F 187 35.36 46.59 1.74
CA THR F 187 33.95 46.91 2.11
C THR F 187 33.40 47.79 1.00
N CYS F 188 32.33 47.34 0.33
CA CYS F 188 31.73 48.04 -0.84
C CYS F 188 30.21 48.05 -0.69
N GLU F 189 29.54 48.89 -1.48
CA GLU F 189 28.07 49.01 -1.51
C GLU F 189 27.65 49.29 -2.96
N HIS F 190 26.41 48.96 -3.31
CA HIS F 190 25.73 49.47 -4.55
C HIS F 190 25.39 50.95 -4.32
N VAL F 191 25.59 51.84 -5.29
CA VAL F 191 25.25 53.31 -5.19
C VAL F 191 23.73 53.51 -5.10
N SER G 1 -61.15 21.65 7.66
CA SER G 1 -60.49 22.65 6.71
C SER G 1 -60.93 22.34 5.26
N MET G 2 -60.35 22.96 4.21
CA MET G 2 -61.01 23.02 2.86
C MET G 2 -60.72 21.78 1.97
N ASN G 3 -61.78 20.95 1.88
CA ASN G 3 -62.00 19.65 1.15
C ASN G 3 -61.81 18.42 2.07
N LEU G 4 -61.45 18.63 3.35
CA LEU G 4 -60.86 17.60 4.26
C LEU G 4 -61.89 17.23 5.31
N GLU G 5 -61.93 15.98 5.75
CA GLU G 5 -62.87 15.49 6.78
C GLU G 5 -62.11 14.53 7.69
N ARG G 6 -62.01 14.86 8.98
CA ARG G 6 -61.28 14.06 10.01
C ARG G 6 -62.05 12.75 10.19
N LEU G 7 -61.34 11.61 10.21
CA LEU G 7 -61.90 10.26 10.49
C LEU G 7 -61.64 9.91 11.96
N ALA G 8 -62.65 9.41 12.67
CA ALA G 8 -62.51 8.91 14.06
C ALA G 8 -61.63 7.65 14.05
N GLU G 9 -60.83 7.45 15.11
CA GLU G 9 -59.84 6.33 15.22
C GLU G 9 -60.57 4.98 15.17
N ASN G 10 -61.82 4.92 15.65
CA ASN G 10 -62.61 3.68 15.88
C ASN G 10 -63.46 3.32 14.65
N THR G 11 -63.04 3.65 13.44
CA THR G 11 -63.79 3.37 12.18
C THR G 11 -63.01 2.41 11.28
N GLY G 12 -63.73 1.67 10.43
CA GLY G 12 -63.16 0.72 9.45
C GLY G 12 -62.14 1.43 8.57
N GLU G 13 -62.52 2.60 8.04
CA GLU G 13 -61.73 3.36 7.04
C GLU G 13 -60.40 3.81 7.68
N PHE G 14 -60.45 4.40 8.87
CA PHE G 14 -59.25 4.86 9.62
C PHE G 14 -58.26 3.70 9.79
N GLN G 15 -58.76 2.53 10.17
CA GLN G 15 -57.97 1.31 10.48
C GLN G 15 -57.31 0.77 9.20
N GLU G 16 -58.09 0.60 8.11
CA GLU G 16 -57.56 0.15 6.80
C GLU G 16 -56.32 1.01 6.52
N VAL G 17 -56.49 2.33 6.50
CA VAL G 17 -55.46 3.28 5.98
C VAL G 17 -54.20 3.17 6.84
N VAL G 18 -54.41 3.22 8.15
CA VAL G 18 -53.30 3.26 9.15
C VAL G 18 -52.53 1.94 9.12
N ARG G 19 -53.23 0.80 9.05
CA ARG G 19 -52.63 -0.56 9.02
C ARG G 19 -51.69 -0.65 7.81
N ALA G 20 -52.17 -0.26 6.63
CA ALA G 20 -51.41 -0.28 5.35
C ALA G 20 -50.16 0.61 5.48
N PHE G 21 -50.30 1.77 6.15
CA PHE G 21 -49.22 2.75 6.42
C PHE G 21 -48.11 2.08 7.26
N TYR G 22 -48.48 1.45 8.38
CA TYR G 22 -47.52 0.79 9.31
C TYR G 22 -46.90 -0.44 8.63
N ASP G 23 -47.69 -1.23 7.90
CA ASP G 23 -47.21 -2.45 7.18
C ASP G 23 -46.02 -2.10 6.30
N THR G 24 -45.96 -0.90 5.71
CA THR G 24 -44.96 -0.56 4.65
C THR G 24 -43.94 0.44 5.22
N LEU G 25 -43.94 0.65 6.53
CA LEU G 25 -43.13 1.68 7.20
C LEU G 25 -41.69 1.16 7.45
N ASP G 26 -41.49 -0.16 7.46
CA ASP G 26 -40.14 -0.81 7.42
C ASP G 26 -39.18 -0.19 8.46
N ALA G 27 -37.99 0.24 8.01
CA ALA G 27 -36.95 0.96 8.79
C ALA G 27 -37.60 1.72 9.94
N ALA G 28 -38.59 2.58 9.68
CA ALA G 28 -39.14 3.54 10.68
C ALA G 28 -40.51 3.11 11.19
N ARG G 29 -40.81 1.80 11.34
CA ARG G 29 -42.14 1.34 11.84
C ARG G 29 -42.36 1.82 13.29
N SER G 30 -41.30 1.94 14.11
CA SER G 30 -41.44 2.18 15.57
C SER G 30 -41.05 3.63 15.93
N SER G 31 -40.41 4.38 15.02
CA SER G 31 -40.16 5.85 15.15
C SER G 31 -41.40 6.71 14.82
N ILE G 32 -42.35 6.24 13.99
CA ILE G 32 -43.41 7.12 13.39
C ILE G 32 -44.75 6.86 14.09
N ARG G 33 -45.43 7.95 14.47
CA ARG G 33 -46.78 7.97 15.08
C ARG G 33 -47.76 8.66 14.12
N VAL G 34 -49.02 8.23 14.09
CA VAL G 34 -50.11 8.88 13.30
C VAL G 34 -50.87 9.84 14.23
N VAL G 35 -51.00 11.10 13.83
CA VAL G 35 -51.68 12.19 14.60
C VAL G 35 -53.17 12.22 14.25
N ARG G 36 -53.47 12.05 12.96
CA ARG G 36 -54.72 12.49 12.30
C ARG G 36 -54.79 11.77 10.94
N VAL G 37 -55.97 11.36 10.53
CA VAL G 37 -56.23 10.93 9.13
C VAL G 37 -57.48 11.66 8.63
N GLU G 38 -57.37 12.29 7.46
CA GLU G 38 -58.49 13.03 6.84
C GLU G 38 -58.81 12.41 5.46
N ARG G 39 -60.10 12.24 5.18
CA ARG G 39 -60.64 11.93 3.84
C ARG G 39 -60.54 13.17 2.96
N VAL G 40 -60.06 13.02 1.72
CA VAL G 40 -59.99 14.09 0.69
C VAL G 40 -61.15 13.88 -0.27
N SER G 41 -61.94 14.92 -0.51
CA SER G 41 -62.98 14.92 -1.57
C SER G 41 -62.61 15.99 -2.61
N HIS G 42 -62.53 15.57 -3.86
CA HIS G 42 -62.38 16.44 -5.06
C HIS G 42 -63.31 15.87 -6.12
N PRO G 43 -64.62 16.20 -6.08
CA PRO G 43 -65.60 15.57 -6.99
C PRO G 43 -65.15 15.63 -8.45
N LEU G 44 -64.70 16.79 -8.91
CA LEU G 44 -64.27 16.99 -10.32
C LEU G 44 -63.08 16.08 -10.65
N LEU G 45 -62.00 16.13 -9.89
CA LEU G 45 -60.79 15.29 -10.18
C LEU G 45 -61.22 13.83 -10.14
N GLN G 46 -62.06 13.44 -9.16
CA GLN G 46 -62.54 12.05 -9.07
C GLN G 46 -63.20 11.63 -10.39
N GLN G 47 -64.07 12.46 -10.96
CA GLN G 47 -64.74 12.14 -12.24
C GLN G 47 -63.68 12.05 -13.35
N GLN G 48 -62.77 13.02 -13.42
CA GLN G 48 -61.71 13.05 -14.45
C GLN G 48 -60.86 11.78 -14.34
N TYR G 49 -60.54 11.37 -13.10
CA TYR G 49 -59.79 10.13 -12.78
C TYR G 49 -60.53 8.87 -13.26
N GLU G 50 -61.84 8.79 -12.99
CA GLU G 50 -62.68 7.61 -13.32
C GLU G 50 -62.69 7.43 -14.85
N LEU G 51 -62.76 8.53 -15.60
CA LEU G 51 -62.74 8.51 -17.08
C LEU G 51 -61.41 7.93 -17.59
N TYR G 52 -60.29 8.37 -17.02
CA TYR G 52 -58.97 7.82 -17.40
C TYR G 52 -58.95 6.32 -17.06
N ARG G 53 -59.46 5.97 -15.88
CA ARG G 53 -59.45 4.56 -15.39
C ARG G 53 -60.19 3.67 -16.40
N GLU G 54 -61.34 4.12 -16.91
CA GLU G 54 -62.17 3.40 -17.93
C GLU G 54 -61.32 3.16 -19.19
N ARG G 55 -60.62 4.18 -19.70
CA ARG G 55 -59.73 4.01 -20.89
C ARG G 55 -58.64 2.97 -20.60
N LEU G 56 -58.08 2.91 -19.38
CA LEU G 56 -56.96 1.99 -19.08
C LEU G 56 -57.50 0.58 -18.90
N LEU G 57 -58.66 0.43 -18.22
CA LEU G 57 -59.28 -0.89 -17.99
C LEU G 57 -59.56 -1.54 -19.35
N GLN G 58 -59.82 -0.73 -20.40
CA GLN G 58 -60.24 -1.21 -21.73
C GLN G 58 -59.04 -1.69 -22.56
N ARG G 59 -57.79 -1.43 -22.17
CA ARG G 59 -56.66 -1.57 -23.12
C ARG G 59 -55.30 -1.95 -22.47
N CYS G 60 -55.15 -2.04 -21.16
CA CYS G 60 -53.85 -2.36 -20.52
C CYS G 60 -53.55 -3.86 -20.52
N GLU G 61 -52.30 -4.23 -20.80
CA GLU G 61 -51.74 -5.58 -20.53
C GLU G 61 -51.74 -5.79 -19.02
N ARG G 62 -50.91 -5.04 -18.27
CA ARG G 62 -50.60 -5.29 -16.82
C ARG G 62 -51.91 -5.18 -16.01
N ARG G 63 -51.92 -5.87 -14.88
CA ARG G 63 -52.99 -5.80 -13.86
C ARG G 63 -52.29 -5.81 -12.51
N PRO G 64 -52.77 -5.00 -11.54
CA PRO G 64 -53.92 -4.13 -11.76
C PRO G 64 -53.46 -2.85 -12.49
N VAL G 65 -54.43 -2.09 -12.97
CA VAL G 65 -54.21 -0.81 -13.70
C VAL G 65 -54.02 0.31 -12.66
N GLU G 66 -54.64 0.11 -11.49
CA GLU G 66 -54.69 1.03 -10.35
C GLU G 66 -53.93 0.46 -9.15
N GLN G 67 -53.19 1.30 -8.46
CA GLN G 67 -52.53 0.97 -7.17
C GLN G 67 -52.72 2.11 -6.19
N VAL G 68 -52.84 1.78 -4.91
CA VAL G 68 -52.81 2.76 -3.78
C VAL G 68 -51.33 3.06 -3.48
N LEU G 69 -50.92 4.33 -3.49
CA LEU G 69 -49.50 4.72 -3.30
C LEU G 69 -49.43 5.94 -2.38
N TYR G 70 -48.23 6.22 -1.84
CA TYR G 70 -47.97 7.29 -0.85
C TYR G 70 -47.20 8.42 -1.51
N HIS G 71 -47.52 9.66 -1.14
CA HIS G 71 -46.79 10.88 -1.51
C HIS G 71 -46.61 11.74 -0.26
N GLY G 72 -45.39 11.77 0.27
CA GLY G 72 -44.98 12.78 1.27
C GLY G 72 -44.88 14.14 0.64
N THR G 73 -45.18 15.21 1.38
CA THR G 73 -45.07 16.59 0.86
C THR G 73 -44.87 17.57 2.03
N THR G 74 -44.60 18.82 1.71
CA THR G 74 -44.40 19.92 2.66
C THR G 74 -45.78 20.42 3.12
N ALA G 75 -45.84 21.00 4.33
CA ALA G 75 -47.08 21.59 4.88
C ALA G 75 -47.70 22.55 3.88
N PRO G 76 -46.95 23.52 3.31
CA PRO G 76 -47.54 24.50 2.40
C PRO G 76 -48.22 23.89 1.17
N ALA G 77 -47.79 22.71 0.73
CA ALA G 77 -48.32 22.02 -0.47
C ALA G 77 -49.69 21.39 -0.18
N VAL G 78 -50.02 21.07 1.06
CA VAL G 78 -51.28 20.33 1.39
C VAL G 78 -52.50 21.04 0.80
N PRO G 79 -52.77 22.35 1.04
CA PRO G 79 -53.93 23.02 0.47
C PRO G 79 -54.04 22.85 -1.07
N ASP G 80 -52.92 23.03 -1.78
CA ASP G 80 -52.88 22.95 -3.25
C ASP G 80 -53.34 21.57 -3.68
N ILE G 81 -52.79 20.51 -3.08
CA ILE G 81 -53.11 19.12 -3.52
C ILE G 81 -54.60 18.87 -3.30
N CYS G 82 -55.18 19.40 -2.23
CA CYS G 82 -56.60 19.20 -1.86
C CYS G 82 -57.51 19.96 -2.82
N ALA G 83 -56.98 21.03 -3.41
CA ALA G 83 -57.74 21.97 -4.26
C ALA G 83 -57.62 21.56 -5.73
N HIS G 84 -56.45 21.04 -6.16
CA HIS G 84 -56.06 20.93 -7.60
C HIS G 84 -55.56 19.53 -7.98
N GLY G 85 -55.34 18.61 -7.02
CA GLY G 85 -54.57 17.37 -7.18
C GLY G 85 -53.06 17.62 -7.25
N PHE G 86 -52.30 16.60 -7.67
CA PHE G 86 -50.82 16.63 -7.74
C PHE G 86 -50.38 17.41 -8.97
N ASN G 87 -49.47 18.35 -8.80
CA ASN G 87 -48.98 19.30 -9.82
C ASN G 87 -47.46 19.12 -9.98
N ARG G 88 -47.08 18.37 -11.01
CA ARG G 88 -45.66 18.07 -11.35
C ARG G 88 -44.79 19.32 -11.59
N SER G 89 -45.38 20.51 -11.81
CA SER G 89 -44.60 21.75 -11.98
C SER G 89 -43.91 22.19 -10.67
N PHE G 90 -44.11 21.52 -9.51
CA PHE G 90 -43.37 21.79 -8.25
C PHE G 90 -42.00 21.05 -8.21
N CYS G 91 -41.29 20.97 -9.35
CA CYS G 91 -39.81 20.74 -9.53
C CYS G 91 -39.01 21.96 -9.05
N ASN G 94 -35.65 18.42 -4.50
CA ASN G 94 -35.07 17.06 -4.72
C ASN G 94 -34.93 16.76 -6.22
N ALA G 95 -34.03 15.83 -6.56
CA ALA G 95 -33.55 15.53 -7.92
C ALA G 95 -34.58 14.66 -8.65
N THR G 96 -34.88 15.02 -9.91
CA THR G 96 -35.93 14.38 -10.76
C THR G 96 -35.30 13.16 -11.47
N VAL G 97 -34.79 12.19 -10.70
CA VAL G 97 -33.83 11.16 -11.22
C VAL G 97 -34.54 10.28 -12.26
N TYR G 98 -35.83 9.94 -12.04
CA TYR G 98 -36.59 9.00 -12.91
C TYR G 98 -37.67 9.73 -13.73
N GLY G 99 -37.56 11.06 -13.89
CA GLY G 99 -38.44 11.86 -14.75
C GLY G 99 -38.98 13.11 -14.04
N LYS G 100 -39.35 14.13 -14.81
CA LYS G 100 -39.94 15.39 -14.31
C LYS G 100 -41.45 15.19 -14.13
N GLY G 101 -41.84 14.28 -13.25
CA GLY G 101 -43.25 14.01 -12.88
C GLY G 101 -43.44 13.98 -11.37
N VAL G 102 -44.61 13.57 -10.90
CA VAL G 102 -44.91 13.43 -9.46
C VAL G 102 -44.57 12.02 -9.02
N TYR G 103 -43.80 11.89 -7.96
CA TYR G 103 -43.29 10.60 -7.42
C TYR G 103 -44.27 10.05 -6.39
N PHE G 104 -44.66 8.79 -6.55
CA PHE G 104 -45.45 8.02 -5.56
C PHE G 104 -44.64 6.77 -5.22
N ALA G 105 -44.72 6.30 -3.99
CA ALA G 105 -43.95 5.16 -3.45
C ALA G 105 -44.93 4.05 -3.08
N ARG G 106 -44.58 2.79 -3.43
CA ARG G 106 -45.32 1.56 -3.06
C ARG G 106 -45.24 1.43 -1.53
N ARG G 107 -44.09 1.78 -0.94
CA ARG G 107 -43.77 1.66 0.51
C ARG G 107 -43.73 3.05 1.20
N ALA G 108 -44.51 3.24 2.28
CA ALA G 108 -44.59 4.49 3.06
C ALA G 108 -43.22 4.86 3.64
N SER G 109 -42.40 3.88 4.01
CA SER G 109 -41.00 4.03 4.48
C SER G 109 -40.27 5.12 3.68
N LEU G 110 -40.58 5.20 2.40
CA LEU G 110 -39.89 6.10 1.47
C LEU G 110 -40.49 7.51 1.59
N SER G 111 -41.83 7.62 1.70
CA SER G 111 -42.60 8.89 1.63
C SER G 111 -42.44 9.68 2.95
N VAL G 112 -42.28 8.94 4.04
CA VAL G 112 -42.27 9.40 5.46
C VAL G 112 -40.88 9.98 5.79
N GLN G 113 -39.88 9.74 4.94
CA GLN G 113 -38.54 10.36 5.11
C GLN G 113 -38.68 11.88 5.15
N ASP G 114 -37.91 12.56 6.02
CA ASP G 114 -37.92 14.03 6.21
C ASP G 114 -37.61 14.73 4.87
N ARG G 115 -36.85 14.11 3.95
CA ARG G 115 -36.50 14.79 2.68
C ARG G 115 -37.76 14.89 1.77
N TYR G 116 -38.77 14.02 1.94
CA TYR G 116 -40.00 14.02 1.09
C TYR G 116 -41.18 14.66 1.85
N SER G 117 -41.37 14.35 3.13
CA SER G 117 -42.39 14.93 4.04
C SER G 117 -41.73 15.69 5.18
N PRO G 118 -41.01 16.80 4.91
CA PRO G 118 -40.32 17.55 5.96
C PRO G 118 -41.35 18.06 6.98
N PRO G 119 -41.04 18.00 8.28
CA PRO G 119 -41.99 18.41 9.31
C PRO G 119 -42.10 19.94 9.35
N ASN G 120 -43.26 20.44 9.77
CA ASN G 120 -43.54 21.88 10.06
C ASN G 120 -43.17 22.21 11.52
N ALA G 121 -43.42 23.45 11.93
CA ALA G 121 -43.11 24.00 13.27
C ALA G 121 -43.66 23.11 14.39
N ASP G 122 -44.82 22.46 14.23
CA ASP G 122 -45.37 21.56 15.27
C ASP G 122 -44.74 20.17 15.17
N GLY G 123 -43.82 19.94 14.23
CA GLY G 123 -43.19 18.62 13.99
C GLY G 123 -44.09 17.63 13.25
N HIS G 124 -45.12 18.14 12.56
CA HIS G 124 -46.12 17.34 11.81
C HIS G 124 -45.64 17.13 10.37
N LYS G 125 -45.84 15.90 9.86
CA LYS G 125 -45.43 15.48 8.50
C LYS G 125 -46.67 15.06 7.70
N ALA G 126 -46.77 15.56 6.45
CA ALA G 126 -47.91 15.34 5.54
C ALA G 126 -47.59 14.21 4.57
N VAL G 127 -48.36 13.14 4.64
CA VAL G 127 -48.28 12.04 3.65
C VAL G 127 -49.69 11.75 3.12
N PHE G 128 -49.84 11.89 1.82
CA PHE G 128 -51.09 11.62 1.09
C PHE G 128 -51.10 10.14 0.70
N VAL G 129 -52.27 9.52 0.81
CA VAL G 129 -52.60 8.23 0.17
C VAL G 129 -53.42 8.55 -1.08
N ALA G 130 -53.02 7.97 -2.21
CA ALA G 130 -53.61 8.23 -3.53
C ALA G 130 -53.83 6.90 -4.25
N ARG G 131 -54.99 6.78 -4.93
CA ARG G 131 -55.23 5.84 -6.05
C ARG G 131 -54.50 6.41 -7.28
N VAL G 132 -53.63 5.62 -7.90
CA VAL G 132 -52.77 6.05 -9.03
C VAL G 132 -52.93 5.03 -10.18
N LEU G 133 -53.27 5.55 -11.35
CA LEU G 133 -53.37 4.80 -12.60
C LEU G 133 -51.95 4.64 -13.14
N THR G 134 -51.24 3.65 -12.60
CA THR G 134 -49.89 3.22 -13.01
C THR G 134 -49.98 2.59 -14.39
N GLY G 135 -51.04 1.80 -14.64
CA GLY G 135 -51.25 1.06 -15.90
C GLY G 135 -49.98 0.36 -16.35
N ASP G 136 -49.68 0.42 -17.65
CA ASP G 136 -48.45 -0.17 -18.24
C ASP G 136 -47.26 0.78 -18.03
N TYR G 137 -46.36 0.44 -17.10
CA TYR G 137 -45.18 1.27 -16.73
C TYR G 137 -43.98 0.93 -17.61
N GLY G 138 -43.11 1.94 -17.80
CA GLY G 138 -41.83 1.87 -18.53
C GLY G 138 -40.68 2.35 -17.66
N GLN G 139 -39.46 2.30 -18.17
CA GLN G 139 -38.22 2.60 -17.40
C GLN G 139 -38.04 4.12 -17.37
N GLY G 140 -38.14 4.71 -16.19
CA GLY G 140 -37.81 6.13 -15.94
C GLY G 140 -36.35 6.42 -16.18
N ARG G 141 -36.07 7.70 -16.39
CA ARG G 141 -34.70 8.27 -16.42
C ARG G 141 -34.84 9.80 -16.41
N ARG G 142 -33.74 10.51 -16.14
CA ARG G 142 -33.81 11.90 -15.62
C ARG G 142 -34.38 12.84 -16.70
N GLY G 143 -34.04 12.62 -17.97
CA GLY G 143 -34.49 13.46 -19.10
C GLY G 143 -36.01 13.58 -19.20
N LEU G 144 -36.76 12.57 -18.74
CA LEU G 144 -38.18 12.34 -19.13
C LEU G 144 -39.06 13.52 -18.73
N ARG G 145 -39.65 14.19 -19.72
CA ARG G 145 -40.73 15.19 -19.56
C ARG G 145 -42.08 14.48 -19.71
N ALA G 146 -42.07 13.18 -20.01
CA ALA G 146 -43.28 12.32 -20.17
C ALA G 146 -42.87 10.87 -19.97
N PRO G 147 -43.81 9.89 -19.87
CA PRO G 147 -43.43 8.48 -19.82
C PRO G 147 -42.62 8.11 -21.07
N PRO G 148 -41.72 7.12 -20.99
CA PRO G 148 -40.90 6.79 -22.16
C PRO G 148 -41.77 6.22 -23.30
N LEU G 149 -41.30 6.46 -24.52
CA LEU G 149 -41.88 5.92 -25.77
C LEU G 149 -41.93 4.39 -25.73
N ARG G 150 -42.95 3.78 -26.33
CA ARG G 150 -43.14 2.30 -26.34
C ARG G 150 -42.27 1.68 -27.44
N GLY G 151 -41.92 2.45 -28.45
CA GLY G 151 -41.09 1.99 -29.58
C GLY G 151 -41.93 1.33 -30.67
N PRO G 152 -41.27 0.76 -31.69
CA PRO G 152 -41.96 0.31 -32.90
C PRO G 152 -42.88 -0.89 -32.65
N GLY G 153 -44.01 -0.94 -33.37
CA GLY G 153 -45.02 -2.00 -33.25
C GLY G 153 -45.92 -1.92 -32.01
N HIS G 154 -46.07 -0.76 -31.36
CA HIS G 154 -47.18 -0.48 -30.40
C HIS G 154 -48.05 0.66 -30.91
N VAL G 155 -49.37 0.51 -30.79
CA VAL G 155 -50.37 1.56 -31.14
C VAL G 155 -50.13 2.79 -30.26
N LEU G 156 -49.98 2.56 -28.96
CA LEU G 156 -49.86 3.62 -27.93
C LEU G 156 -48.46 4.20 -28.01
N LEU G 157 -48.37 5.51 -28.01
CA LEU G 157 -47.12 6.25 -28.26
C LEU G 157 -46.20 6.11 -27.05
N ARG G 158 -46.76 6.08 -25.82
CA ARG G 158 -46.00 6.11 -24.54
C ARG G 158 -46.58 5.19 -23.46
N TYR G 159 -45.75 4.79 -22.50
CA TYR G 159 -46.20 4.02 -21.33
C TYR G 159 -47.08 4.95 -20.48
N ASP G 160 -47.81 4.37 -19.54
CA ASP G 160 -48.76 5.12 -18.69
C ASP G 160 -47.97 5.86 -17.60
N SER G 161 -46.97 5.19 -17.03
CA SER G 161 -46.11 5.73 -15.96
C SER G 161 -44.67 5.37 -16.22
N ALA G 162 -43.77 5.84 -15.37
CA ALA G 162 -42.33 5.47 -15.32
C ALA G 162 -42.00 4.99 -13.90
N VAL G 163 -41.01 4.10 -13.77
CA VAL G 163 -40.61 3.44 -12.48
C VAL G 163 -39.09 3.48 -12.36
N ASP G 164 -38.58 3.30 -11.14
CA ASP G 164 -37.13 3.12 -10.86
C ASP G 164 -36.65 1.88 -11.63
N CYS G 165 -37.32 0.74 -11.47
CA CYS G 165 -36.89 -0.56 -12.01
C CYS G 165 -38.11 -1.40 -12.45
N ILE G 166 -38.14 -1.76 -13.74
CA ILE G 166 -39.26 -2.52 -14.39
C ILE G 166 -39.53 -3.81 -13.60
N CYS G 167 -38.48 -4.48 -13.11
CA CYS G 167 -38.51 -5.84 -12.48
C CYS G 167 -39.38 -5.83 -11.21
N GLN G 168 -38.88 -5.31 -10.08
CA GLN G 168 -39.69 -4.97 -8.90
C GLN G 168 -39.63 -3.46 -8.80
N PRO G 169 -40.65 -2.72 -9.30
CA PRO G 169 -40.73 -1.27 -9.11
C PRO G 169 -41.23 -0.86 -7.71
N SER G 170 -40.58 0.12 -7.09
CA SER G 170 -40.94 0.64 -5.74
C SER G 170 -41.41 2.11 -5.82
N ILE G 171 -41.09 2.79 -6.92
CA ILE G 171 -41.37 4.23 -7.21
C ILE G 171 -42.11 4.31 -8.54
N PHE G 172 -43.14 5.15 -8.62
CA PHE G 172 -43.91 5.47 -9.86
C PHE G 172 -43.89 6.97 -10.09
N VAL G 173 -43.54 7.38 -11.31
CA VAL G 173 -43.54 8.81 -11.69
C VAL G 173 -44.67 9.00 -12.70
N ILE G 174 -45.66 9.82 -12.34
CA ILE G 174 -46.87 10.03 -13.19
C ILE G 174 -46.88 11.48 -13.68
N PHE G 175 -47.37 11.66 -14.92
CA PHE G 175 -47.17 12.86 -15.73
C PHE G 175 -48.51 13.46 -16.19
N HIS G 176 -49.66 13.05 -15.66
CA HIS G 176 -50.95 13.71 -15.97
C HIS G 176 -51.67 14.09 -14.67
N ASP G 177 -52.26 15.26 -14.65
CA ASP G 177 -52.95 15.79 -13.46
C ASP G 177 -54.10 14.87 -13.07
N THR G 178 -54.65 14.05 -13.96
CA THR G 178 -55.90 13.27 -13.67
C THR G 178 -55.56 11.82 -13.33
N GLN G 179 -54.28 11.48 -13.32
CA GLN G 179 -53.83 10.08 -13.23
C GLN G 179 -53.62 9.67 -11.77
N ALA G 180 -53.84 10.55 -10.80
CA ALA G 180 -53.60 10.30 -9.36
C ALA G 180 -54.64 11.08 -8.55
N LEU G 181 -55.45 10.36 -7.81
CA LEU G 181 -56.55 10.92 -6.96
C LEU G 181 -56.13 10.79 -5.51
N PRO G 182 -55.85 11.89 -4.78
CA PRO G 182 -55.70 11.82 -3.33
C PRO G 182 -57.03 11.38 -2.73
N THR G 183 -56.97 10.44 -1.80
CA THR G 183 -58.13 9.87 -1.07
C THR G 183 -58.04 10.22 0.42
N HIS G 184 -56.84 10.19 1.01
CA HIS G 184 -56.61 10.45 2.45
C HIS G 184 -55.32 11.25 2.66
N LEU G 185 -55.35 12.12 3.68
CA LEU G 185 -54.14 12.81 4.17
C LEU G 185 -53.80 12.19 5.52
N ILE G 186 -52.66 11.52 5.61
CA ILE G 186 -52.09 11.06 6.90
C ILE G 186 -51.15 12.14 7.41
N THR G 187 -51.45 12.67 8.61
CA THR G 187 -50.56 13.55 9.39
C THR G 187 -49.85 12.67 10.41
N CYS G 188 -48.53 12.61 10.36
CA CYS G 188 -47.71 11.78 11.27
C CYS G 188 -46.53 12.59 11.81
N GLU G 189 -45.87 12.09 12.84
CA GLU G 189 -44.66 12.71 13.43
C GLU G 189 -43.69 11.59 13.85
N HIS G 190 -42.40 11.92 13.94
CA HIS G 190 -41.37 11.09 14.64
C HIS G 190 -41.65 11.21 16.15
N VAL G 191 -41.72 10.08 16.88
CA VAL G 191 -41.67 10.02 18.37
C VAL G 191 -40.23 9.62 18.75
N SER H 1 9.06 28.45 -21.29
CA SER H 1 8.81 28.19 -19.84
C SER H 1 7.35 28.47 -19.41
N MET H 2 6.46 28.88 -20.32
CA MET H 2 5.01 29.14 -20.06
C MET H 2 4.13 28.04 -20.67
N ASN H 3 4.69 27.16 -21.53
CA ASN H 3 4.13 25.88 -22.06
C ASN H 3 4.83 24.65 -21.42
N LEU H 4 5.24 24.81 -20.16
CA LEU H 4 5.69 23.75 -19.22
C LEU H 4 4.58 23.52 -18.20
N GLU H 5 4.38 22.28 -17.79
CA GLU H 5 3.35 21.90 -16.80
C GLU H 5 3.99 20.86 -15.87
N ARG H 6 4.05 21.18 -14.57
CA ARG H 6 4.66 20.33 -13.51
C ARG H 6 3.77 19.10 -13.34
N LEU H 7 4.37 17.90 -13.30
CA LEU H 7 3.67 16.60 -13.07
C LEU H 7 3.83 16.21 -11.60
N ALA H 8 2.76 15.78 -10.94
CA ALA H 8 2.79 15.29 -9.54
C ALA H 8 3.55 13.96 -9.51
N GLU H 9 4.30 13.68 -8.43
CA GLU H 9 5.13 12.46 -8.27
C GLU H 9 4.27 11.18 -8.37
N ASN H 10 3.00 11.26 -7.96
CA ASN H 10 2.11 10.08 -7.75
C ASN H 10 1.27 9.81 -9.01
N THR H 11 1.76 10.12 -10.21
CA THR H 11 1.04 9.93 -11.50
C THR H 11 1.76 8.92 -12.39
N GLY H 12 1.00 8.26 -13.27
CA GLY H 12 1.52 7.28 -14.25
C GLY H 12 2.63 7.88 -15.07
N GLU H 13 2.40 9.09 -15.60
CA GLU H 13 3.32 9.78 -16.55
C GLU H 13 4.66 10.09 -15.85
N PHE H 14 4.60 10.68 -14.66
CA PHE H 14 5.82 11.02 -13.86
C PHE H 14 6.67 9.76 -13.66
N GLN H 15 6.04 8.64 -13.31
CA GLN H 15 6.69 7.35 -12.99
C GLN H 15 7.34 6.74 -14.24
N GLU H 16 6.60 6.67 -15.35
CA GLU H 16 7.15 6.17 -16.65
C GLU H 16 8.48 6.91 -16.89
N VAL H 17 8.45 8.22 -16.89
CA VAL H 17 9.58 9.08 -17.35
C VAL H 17 10.77 8.85 -16.43
N VAL H 18 10.52 8.89 -15.14
CA VAL H 18 11.57 8.83 -14.07
C VAL H 18 12.21 7.45 -14.10
N ARG H 19 11.41 6.38 -14.21
CA ARG H 19 11.89 4.98 -14.26
C ARG H 19 12.88 4.81 -15.43
N ALA H 20 12.50 5.27 -16.63
CA ALA H 20 13.31 5.21 -17.87
C ALA H 20 14.62 5.98 -17.67
N PHE H 21 14.56 7.13 -16.98
CA PHE H 21 15.71 8.01 -16.63
C PHE H 21 16.71 7.22 -15.76
N TYR H 22 16.23 6.62 -14.67
CA TYR H 22 17.07 5.86 -13.70
C TYR H 22 17.60 4.58 -14.39
N ASP H 23 16.78 3.87 -15.16
CA ASP H 23 17.19 2.63 -15.88
C ASP H 23 18.45 2.88 -16.71
N THR H 24 18.65 4.08 -17.27
CA THR H 24 19.73 4.33 -18.26
C THR H 24 20.81 5.22 -17.63
N LEU H 25 20.74 5.42 -16.31
CA LEU H 25 21.61 6.38 -15.59
C LEU H 25 22.95 5.71 -15.24
N ASP H 26 23.02 4.36 -15.24
CA ASP H 26 24.28 3.56 -15.18
C ASP H 26 25.18 4.04 -14.05
N ALA H 27 26.44 4.34 -14.37
CA ALA H 27 27.49 4.91 -13.49
C ALA H 27 26.82 5.69 -12.35
N ALA H 28 25.99 6.67 -12.68
CA ALA H 28 25.46 7.66 -11.72
C ALA H 28 23.99 7.40 -11.35
N ARG H 29 23.51 6.15 -11.27
CA ARG H 29 22.10 5.88 -10.89
C ARG H 29 21.80 6.33 -9.44
N SER H 30 22.79 6.27 -8.55
CA SER H 30 22.60 6.53 -7.09
C SER H 30 23.14 7.91 -6.68
N SER H 31 23.94 8.60 -7.52
CA SER H 31 24.42 10.00 -7.31
C SER H 31 23.37 11.05 -7.75
N ILE H 32 22.44 10.72 -8.66
CA ILE H 32 21.53 11.71 -9.31
C ILE H 32 20.13 11.63 -8.67
N ARG H 33 19.58 12.80 -8.34
CA ARG H 33 18.22 12.98 -7.78
C ARG H 33 17.37 13.76 -8.80
N VAL H 34 16.08 13.45 -8.87
CA VAL H 34 15.09 14.21 -9.66
C VAL H 34 14.41 15.27 -8.76
N VAL H 35 14.44 16.54 -9.19
CA VAL H 35 13.87 17.72 -8.47
C VAL H 35 12.41 17.92 -8.89
N ARG H 36 12.14 17.74 -10.18
CA ARG H 36 10.93 18.22 -10.88
C ARG H 36 10.87 17.50 -12.23
N VAL H 37 9.67 17.18 -12.70
CA VAL H 37 9.46 16.75 -14.11
C VAL H 37 8.29 17.55 -14.68
N GLU H 38 8.51 18.18 -15.84
CA GLU H 38 7.51 19.04 -16.51
C GLU H 38 7.22 18.47 -17.90
N ARG H 39 5.92 18.43 -18.26
CA ARG H 39 5.43 18.14 -19.63
C ARG H 39 5.70 19.37 -20.50
N VAL H 40 6.23 19.15 -21.71
CA VAL H 40 6.44 20.21 -22.75
C VAL H 40 5.32 20.08 -23.76
N SER H 41 4.61 21.17 -24.03
CA SER H 41 3.55 21.22 -25.07
C SER H 41 3.98 22.24 -26.12
N HIS H 42 4.09 21.77 -27.36
CA HIS H 42 4.39 22.59 -28.56
C HIS H 42 3.47 22.07 -29.67
N PRO H 43 2.18 22.50 -29.70
CA PRO H 43 1.21 21.95 -30.65
C PRO H 43 1.75 21.98 -32.09
N LEU H 44 2.29 23.12 -32.51
CA LEU H 44 2.81 23.32 -33.89
C LEU H 44 3.95 22.32 -34.18
N LEU H 45 5.00 22.29 -33.35
CA LEU H 45 6.15 21.39 -33.60
C LEU H 45 5.63 19.95 -33.62
N GLN H 46 4.72 19.62 -32.70
CA GLN H 46 4.17 18.25 -32.62
C GLN H 46 3.53 17.88 -33.97
N GLN H 47 2.74 18.78 -34.56
CA GLN H 47 2.09 18.51 -35.88
C GLN H 47 3.19 18.36 -36.94
N GLN H 48 4.17 19.27 -36.97
CA GLN H 48 5.27 19.23 -37.98
C GLN H 48 6.00 17.90 -37.83
N TYR H 49 6.26 17.47 -36.58
CA TYR H 49 6.92 16.19 -36.24
C TYR H 49 6.11 14.98 -36.74
N GLU H 50 4.79 14.97 -36.52
CA GLU H 50 3.90 13.84 -36.89
C GLU H 50 3.93 13.66 -38.42
N LEU H 51 3.96 14.76 -39.17
CA LEU H 51 4.01 14.74 -40.67
C LEU H 51 5.35 14.11 -41.12
N TYR H 52 6.46 14.47 -40.50
CA TYR H 52 7.78 13.88 -40.80
C TYR H 52 7.70 12.37 -40.49
N ARG H 53 7.11 12.03 -39.34
CA ARG H 53 7.02 10.63 -38.88
C ARG H 53 6.30 9.79 -39.93
N GLU H 54 5.19 10.31 -40.50
CA GLU H 54 4.38 9.67 -41.58
C GLU H 54 5.29 9.39 -42.79
N ARG H 55 6.08 10.36 -43.26
CA ARG H 55 6.99 10.16 -44.42
C ARG H 55 7.98 9.04 -44.08
N LEU H 56 8.49 8.94 -42.84
CA LEU H 56 9.54 7.95 -42.51
C LEU H 56 8.90 6.57 -42.37
N LEU H 57 7.73 6.49 -41.74
CA LEU H 57 7.02 5.21 -41.54
C LEU H 57 6.73 4.59 -42.90
N GLN H 58 6.57 5.42 -43.95
CA GLN H 58 6.19 4.95 -45.31
C GLN H 58 7.38 4.39 -46.09
N ARG H 59 8.63 4.58 -45.65
CA ARG H 59 9.79 4.37 -46.55
C ARG H 59 11.10 3.94 -45.85
N CYS H 60 11.16 3.78 -44.53
CA CYS H 60 12.42 3.38 -43.85
C CYS H 60 12.64 1.87 -43.87
N GLU H 61 13.87 1.43 -44.10
CA GLU H 61 14.35 0.05 -43.81
C GLU H 61 14.27 -0.17 -42.30
N ARG H 62 15.12 0.51 -41.51
CA ARG H 62 15.35 0.24 -40.06
C ARG H 62 14.02 0.42 -39.29
N ARG H 63 13.93 -0.27 -38.17
CA ARG H 63 12.80 -0.15 -37.19
C ARG H 63 13.41 -0.19 -35.80
N PRO H 64 12.92 0.65 -34.87
CA PRO H 64 11.84 1.58 -35.18
C PRO H 64 12.42 2.83 -35.86
N VAL H 65 11.53 3.65 -36.38
CA VAL H 65 11.86 4.92 -37.07
C VAL H 65 12.03 6.02 -36.02
N GLU H 66 11.36 5.85 -34.89
CA GLU H 66 11.25 6.80 -33.75
C GLU H 66 11.88 6.19 -32.50
N GLN H 67 12.61 6.98 -31.72
CA GLN H 67 13.17 6.59 -30.41
C GLN H 67 12.99 7.70 -29.39
N VAL H 68 12.81 7.34 -28.11
CA VAL H 68 12.89 8.27 -26.95
C VAL H 68 14.37 8.50 -26.60
N LEU H 69 14.85 9.74 -26.58
CA LEU H 69 16.28 10.06 -26.34
C LEU H 69 16.40 11.27 -25.42
N TYR H 70 17.58 11.45 -24.81
CA TYR H 70 17.86 12.48 -23.76
C TYR H 70 18.76 13.55 -24.39
N HIS H 71 18.50 14.80 -24.04
CA HIS H 71 19.35 15.97 -24.37
C HIS H 71 19.53 16.79 -23.09
N GLY H 72 20.72 16.72 -22.50
CA GLY H 72 21.17 17.67 -21.47
C GLY H 72 21.41 19.03 -22.10
N THR H 73 21.18 20.11 -21.35
CA THR H 73 21.44 21.47 -21.86
C THR H 73 21.68 22.42 -20.67
N THR H 74 22.06 23.66 -20.98
CA THR H 74 22.28 24.75 -20.00
C THR H 74 20.93 25.34 -19.60
N ALA H 75 20.85 25.89 -18.39
CA ALA H 75 19.64 26.59 -17.87
C ALA H 75 19.15 27.62 -18.90
N PRO H 76 20.00 28.53 -19.40
CA PRO H 76 19.54 29.58 -20.32
C PRO H 76 18.89 29.04 -21.61
N ALA H 77 19.24 27.84 -22.05
CA ALA H 77 18.73 27.23 -23.30
C ALA H 77 17.31 26.70 -23.10
N VAL H 78 16.89 26.38 -21.87
CA VAL H 78 15.56 25.75 -21.62
C VAL H 78 14.43 26.55 -22.27
N PRO H 79 14.25 27.87 -22.04
CA PRO H 79 13.18 28.63 -22.68
C PRO H 79 13.10 28.48 -24.20
N ASP H 80 14.26 28.54 -24.87
CA ASP H 80 14.33 28.45 -26.35
C ASP H 80 13.78 27.10 -26.79
N ILE H 81 14.23 26.02 -26.17
CA ILE H 81 13.81 24.64 -26.59
C ILE H 81 12.30 24.51 -26.42
N CYS H 82 11.74 25.10 -25.37
CA CYS H 82 10.28 25.01 -25.04
C CYS H 82 9.46 25.82 -26.05
N ALA H 83 10.08 26.84 -26.63
CA ALA H 83 9.42 27.82 -27.53
C ALA H 83 9.56 27.37 -28.99
N HIS H 84 10.70 26.76 -29.36
CA HIS H 84 11.13 26.62 -30.78
C HIS H 84 11.56 25.18 -31.14
N GLY H 85 11.66 24.26 -30.15
CA GLY H 85 12.36 22.98 -30.25
C GLY H 85 13.89 23.13 -30.28
N PHE H 86 14.59 22.07 -30.69
CA PHE H 86 16.07 21.99 -30.72
C PHE H 86 16.56 22.70 -31.96
N ASN H 87 17.53 23.59 -31.77
CA ASN H 87 18.07 24.53 -32.78
C ASN H 87 19.57 24.28 -32.90
N ARG H 88 19.94 23.52 -33.94
CA ARG H 88 21.36 23.16 -34.21
C ARG H 88 22.30 24.39 -34.42
N SER H 89 21.79 25.59 -34.62
CA SER H 89 22.64 26.80 -34.69
C SER H 89 23.33 27.14 -33.35
N PHE H 90 22.97 26.52 -32.22
CA PHE H 90 23.68 26.73 -30.91
C PHE H 90 24.89 25.75 -30.78
N CYS H 91 25.36 25.13 -31.88
CA CYS H 91 26.53 24.20 -31.96
C CYS H 91 27.84 24.96 -31.83
N ASN H 94 30.79 22.74 -26.80
CA ASN H 94 31.32 21.37 -27.04
C ASN H 94 31.59 21.13 -28.53
N ALA H 95 32.45 20.15 -28.84
CA ALA H 95 32.96 19.86 -30.19
C ALA H 95 31.92 19.07 -30.97
N THR H 96 31.69 19.46 -32.24
CA THR H 96 30.68 18.88 -33.16
C THR H 96 31.29 17.65 -33.84
N VAL H 97 31.69 16.64 -33.06
CA VAL H 97 32.63 15.58 -33.53
C VAL H 97 31.95 14.74 -34.61
N TYR H 98 30.65 14.46 -34.48
CA TYR H 98 29.87 13.56 -35.38
C TYR H 98 28.89 14.36 -36.26
N GLY H 99 29.07 15.67 -36.41
CA GLY H 99 28.28 16.54 -37.31
C GLY H 99 27.78 17.80 -36.63
N LYS H 100 27.55 18.86 -37.42
CA LYS H 100 26.99 20.14 -36.94
C LYS H 100 25.47 20.03 -36.81
N GLY H 101 24.99 19.16 -35.95
CA GLY H 101 23.56 18.94 -35.63
C GLY H 101 23.32 18.91 -34.12
N VAL H 102 22.11 18.58 -33.68
CA VAL H 102 21.73 18.46 -32.26
C VAL H 102 21.95 17.02 -31.82
N TYR H 103 22.68 16.85 -30.72
CA TYR H 103 23.07 15.53 -30.16
C TYR H 103 22.01 15.05 -29.17
N PHE H 104 21.57 13.81 -29.34
CA PHE H 104 20.71 13.09 -28.37
C PHE H 104 21.45 11.82 -27.99
N ALA H 105 21.26 11.34 -26.75
CA ALA H 105 21.90 10.11 -26.21
C ALA H 105 20.81 9.07 -25.94
N ARG H 106 21.10 7.79 -26.29
CA ARG H 106 20.25 6.61 -26.00
C ARG H 106 20.15 6.46 -24.48
N ARG H 107 21.26 6.69 -23.78
CA ARG H 107 21.41 6.48 -22.29
C ARG H 107 21.54 7.85 -21.57
N ALA H 108 20.72 8.10 -20.54
CA ALA H 108 20.72 9.34 -19.75
C ALA H 108 22.08 9.59 -19.09
N SER H 109 22.77 8.53 -18.68
CA SER H 109 24.15 8.53 -18.12
C SER H 109 25.03 9.55 -18.88
N LEU H 110 24.82 9.67 -20.18
CA LEU H 110 25.66 10.52 -21.05
C LEU H 110 25.18 11.98 -20.94
N SER H 111 23.88 12.22 -20.92
CA SER H 111 23.24 13.57 -21.03
C SER H 111 23.38 14.32 -19.70
N VAL H 112 23.40 13.56 -18.61
CA VAL H 112 23.38 14.02 -17.19
C VAL H 112 24.79 14.47 -16.78
N GLN H 113 25.81 14.14 -17.58
CA GLN H 113 27.20 14.62 -17.34
C GLN H 113 27.20 16.15 -17.33
N ASP H 114 28.00 16.75 -16.44
CA ASP H 114 28.13 18.21 -16.24
C ASP H 114 28.56 18.89 -17.55
N ARG H 115 29.28 18.23 -18.45
CA ARG H 115 29.73 18.94 -19.68
C ARG H 115 28.53 19.13 -20.64
N TYR H 116 27.47 18.33 -20.52
CA TYR H 116 26.27 18.41 -21.42
C TYR H 116 25.11 19.16 -20.75
N SER H 117 24.85 18.86 -19.46
CA SER H 117 23.83 19.53 -18.61
C SER H 117 24.53 20.22 -17.44
N PRO H 118 25.36 21.27 -17.67
CA PRO H 118 26.07 21.94 -16.58
C PRO H 118 25.07 22.51 -15.59
N PRO H 119 25.33 22.40 -14.27
CA PRO H 119 24.37 22.87 -13.27
C PRO H 119 24.42 24.39 -13.20
N ASN H 120 23.30 25.01 -12.80
CA ASN H 120 23.17 26.46 -12.49
C ASN H 120 23.54 26.70 -11.02
N ALA H 121 23.44 27.97 -10.58
CA ALA H 121 23.84 28.42 -9.22
C ALA H 121 23.13 27.58 -8.14
N ASP H 122 21.90 27.10 -8.34
CA ASP H 122 21.20 26.27 -7.34
C ASP H 122 21.66 24.80 -7.45
N GLY H 123 22.58 24.47 -8.37
CA GLY H 123 23.03 23.09 -8.61
C GLY H 123 22.03 22.24 -9.41
N HIS H 124 21.10 22.88 -10.12
CA HIS H 124 20.04 22.21 -10.92
C HIS H 124 20.55 21.97 -12.36
N LYS H 125 20.25 20.79 -12.90
CA LYS H 125 20.66 20.34 -14.26
C LYS H 125 19.41 20.06 -15.10
N ALA H 126 19.39 20.56 -16.34
CA ALA H 126 18.27 20.44 -17.30
C ALA H 126 18.55 19.28 -18.26
N VAL H 127 17.70 18.27 -18.22
CA VAL H 127 17.73 17.18 -19.24
C VAL H 127 16.33 17.00 -19.82
N PHE H 128 16.25 17.18 -21.14
CA PHE H 128 15.01 16.99 -21.94
C PHE H 128 14.91 15.51 -22.33
N VAL H 129 13.69 15.00 -22.26
CA VAL H 129 13.28 13.73 -22.93
C VAL H 129 12.55 14.13 -24.22
N ALA H 130 12.93 13.51 -25.32
CA ALA H 130 12.44 13.83 -26.68
C ALA H 130 12.14 12.52 -27.42
N ARG H 131 11.04 12.51 -28.18
CA ARG H 131 10.81 11.60 -29.34
C ARG H 131 11.66 12.12 -30.52
N VAL H 132 12.49 11.27 -31.11
CA VAL H 132 13.44 11.63 -32.21
C VAL H 132 13.27 10.65 -33.38
N LEU H 133 13.03 11.20 -34.55
CA LEU H 133 12.97 10.47 -35.84
C LEU H 133 14.41 10.22 -36.31
N THR H 134 15.00 9.18 -35.75
CA THR H 134 16.34 8.66 -36.10
C THR H 134 16.29 8.03 -37.50
N GLY H 135 15.19 7.34 -37.82
CA GLY H 135 15.00 6.62 -39.09
C GLY H 135 16.24 5.82 -39.50
N ASP H 136 16.60 5.86 -40.78
CA ASP H 136 17.82 5.20 -41.34
C ASP H 136 19.04 6.07 -41.04
N TYR H 137 19.88 5.67 -40.08
CA TYR H 137 21.09 6.42 -39.67
C TYR H 137 22.31 6.02 -40.49
N GLY H 138 23.24 6.98 -40.62
CA GLY H 138 24.55 6.84 -41.28
C GLY H 138 25.67 7.24 -40.36
N GLN H 139 26.91 7.11 -40.80
CA GLN H 139 28.12 7.32 -39.95
C GLN H 139 28.38 8.82 -39.91
N GLY H 140 28.25 9.40 -38.72
CA GLY H 140 28.65 10.80 -38.49
C GLY H 140 30.14 11.01 -38.64
N ARG H 141 30.51 12.27 -38.84
CA ARG H 141 31.90 12.77 -38.80
C ARG H 141 31.85 14.31 -38.79
N ARG H 142 32.96 14.96 -38.45
CA ARG H 142 32.93 16.35 -37.91
C ARG H 142 32.47 17.32 -39.02
N GLY H 143 32.88 17.09 -40.25
CA GLY H 143 32.55 17.94 -41.41
C GLY H 143 31.05 18.13 -41.63
N LEU H 144 30.22 17.18 -41.20
CA LEU H 144 28.81 17.05 -41.65
C LEU H 144 27.99 18.30 -41.31
N ARG H 145 27.49 18.97 -42.34
CA ARG H 145 26.47 20.04 -42.24
C ARG H 145 25.07 19.42 -42.41
N ALA H 146 25.00 18.12 -42.74
CA ALA H 146 23.76 17.34 -42.93
C ALA H 146 24.08 15.87 -42.74
N PRO H 147 23.10 14.94 -42.69
CA PRO H 147 23.40 13.52 -42.61
C PRO H 147 24.23 13.10 -43.82
N PRO H 148 25.09 12.07 -43.70
CA PRO H 148 25.97 11.75 -44.83
C PRO H 148 25.12 11.21 -46.00
N LEU H 149 25.67 11.41 -47.20
CA LEU H 149 25.14 10.91 -48.48
C LEU H 149 24.97 9.40 -48.44
N ARG H 150 23.93 8.87 -49.11
CA ARG H 150 23.65 7.41 -49.16
C ARG H 150 24.53 6.76 -50.26
N GLY H 151 25.00 7.56 -51.21
CA GLY H 151 25.85 7.08 -52.30
C GLY H 151 24.98 6.63 -53.49
N PRO H 152 25.63 6.16 -54.58
CA PRO H 152 24.93 5.84 -55.82
C PRO H 152 23.99 4.64 -55.66
N GLY H 153 22.88 4.65 -56.41
CA GLY H 153 21.86 3.59 -56.38
C GLY H 153 20.92 3.63 -55.18
N HIS H 154 20.79 4.75 -54.47
CA HIS H 154 19.64 5.08 -53.57
C HIS H 154 18.93 6.32 -54.12
N VAL H 155 17.61 6.28 -54.15
CA VAL H 155 16.76 7.44 -54.55
C VAL H 155 16.98 8.57 -53.52
N LEU H 156 16.98 8.25 -52.24
CA LEU H 156 17.12 9.22 -51.13
C LEU H 156 18.58 9.69 -51.10
N LEU H 157 18.77 10.99 -51.05
CA LEU H 157 20.08 11.64 -51.23
C LEU H 157 20.92 11.41 -49.97
N ARG H 158 20.29 11.40 -48.79
CA ARG H 158 20.96 11.36 -47.46
C ARG H 158 20.27 10.47 -46.42
N TYR H 159 21.03 10.01 -45.44
CA TYR H 159 20.46 9.27 -44.29
C TYR H 159 19.60 10.25 -43.47
N ASP H 160 18.79 9.71 -42.58
CA ASP H 160 17.85 10.51 -41.77
C ASP H 160 18.61 11.17 -40.62
N SER H 161 19.54 10.47 -40.01
CA SER H 161 20.37 10.97 -38.89
C SER H 161 21.80 10.49 -39.09
N ALA H 162 22.67 10.91 -38.16
CA ALA H 162 24.07 10.44 -38.03
C ALA H 162 24.29 9.91 -36.61
N VAL H 163 25.21 8.95 -36.45
CA VAL H 163 25.51 8.28 -35.14
C VAL H 163 27.02 8.23 -34.93
N ASP H 164 27.46 8.00 -33.68
CA ASP H 164 28.90 7.74 -33.35
C ASP H 164 29.34 6.49 -34.10
N CYS H 165 28.60 5.38 -33.99
CA CYS H 165 29.00 4.04 -34.49
C CYS H 165 27.76 3.29 -35.01
N ILE H 166 27.81 2.93 -36.30
CA ILE H 166 26.72 2.24 -37.05
C ILE H 166 26.29 0.98 -36.27
N CYS H 167 27.27 0.25 -35.72
CA CYS H 167 27.10 -1.12 -35.11
C CYS H 167 26.15 -1.07 -33.90
N GLN H 168 26.62 -0.60 -32.75
CA GLN H 168 25.76 -0.23 -31.59
C GLN H 168 25.92 1.28 -31.47
N PRO H 169 24.97 2.09 -32.02
CA PRO H 169 24.98 3.54 -31.80
C PRO H 169 24.44 3.98 -30.43
N SER H 170 25.14 4.89 -29.75
CA SER H 170 24.73 5.44 -28.43
C SER H 170 24.34 6.95 -28.52
N ILE H 171 24.74 7.61 -29.61
CA ILE H 171 24.56 9.06 -29.90
C ILE H 171 23.87 9.20 -31.26
N PHE H 172 22.90 10.10 -31.36
CA PHE H 172 22.21 10.47 -32.62
C PHE H 172 22.34 11.98 -32.87
N VAL H 173 22.76 12.36 -34.06
CA VAL H 173 22.88 13.77 -34.47
C VAL H 173 21.81 14.05 -35.52
N ILE H 174 20.86 14.93 -35.21
CA ILE H 174 19.73 15.24 -36.11
C ILE H 174 19.86 16.68 -36.61
N PHE H 175 19.44 16.88 -37.86
CA PHE H 175 19.77 18.09 -38.66
C PHE H 175 18.51 18.78 -39.19
N HIS H 176 17.32 18.46 -38.69
CA HIS H 176 16.09 19.21 -39.05
C HIS H 176 15.38 19.64 -37.77
N ASP H 177 14.88 20.88 -37.76
CA ASP H 177 14.22 21.42 -36.56
C ASP H 177 12.96 20.60 -36.24
N THR H 178 12.40 19.82 -37.16
CA THR H 178 11.10 19.15 -36.94
C THR H 178 11.29 17.68 -36.60
N GLN H 179 12.54 17.23 -36.54
CA GLN H 179 12.88 15.80 -36.42
C GLN H 179 12.96 15.36 -34.95
N ALA H 180 12.76 16.26 -33.99
CA ALA H 180 12.93 15.97 -32.55
C ALA H 180 11.93 16.80 -31.77
N LEU H 181 11.02 16.13 -31.06
CA LEU H 181 9.95 16.77 -30.26
C LEU H 181 10.28 16.60 -28.78
N PRO H 182 10.61 17.68 -28.02
CA PRO H 182 10.70 17.59 -26.58
C PRO H 182 9.31 17.25 -26.03
N THR H 183 9.26 16.31 -25.10
CA THR H 183 8.01 15.84 -24.43
C THR H 183 8.06 16.20 -22.94
N HIS H 184 9.22 16.07 -22.30
CA HIS H 184 9.40 16.29 -20.83
C HIS H 184 10.73 16.99 -20.56
N LEU H 185 10.72 17.86 -19.55
CA LEU H 185 11.95 18.45 -18.98
C LEU H 185 12.17 17.83 -17.60
N ILE H 186 13.26 17.07 -17.48
CA ILE H 186 13.70 16.54 -16.16
C ILE H 186 14.69 17.53 -15.59
N THR H 187 14.37 18.08 -14.40
CA THR H 187 15.32 18.87 -13.58
C THR H 187 15.91 17.91 -12.56
N CYS H 188 17.25 17.75 -12.56
CA CYS H 188 17.95 16.84 -11.64
C CYS H 188 19.18 17.53 -11.05
N GLU H 189 19.73 16.95 -9.99
CA GLU H 189 20.98 17.42 -9.33
C GLU H 189 21.77 16.20 -8.88
N HIS H 190 23.08 16.35 -8.70
CA HIS H 190 23.93 15.41 -7.94
C HIS H 190 23.58 15.56 -6.45
N VAL H 191 23.34 14.47 -5.72
CA VAL H 191 23.28 14.51 -4.22
C VAL H 191 24.74 14.52 -3.75
#